data_8U7Y
#
_entry.id   8U7Y
#
_cell.length_a   1.00
_cell.length_b   1.00
_cell.length_c   1.00
_cell.angle_alpha   90.00
_cell.angle_beta   90.00
_cell.angle_gamma   90.00
#
_symmetry.space_group_name_H-M   'P 1'
#
loop_
_entity.id
_entity.type
_entity.pdbx_description
1 polymer 'NADPH oxidase 5'
2 non-polymer 'FLAVIN-ADENINE DINUCLEOTIDE'
3 non-polymer DODECANE
4 non-polymer DECANE
5 non-polymer 'NADP NICOTINAMIDE-ADENINE-DINUCLEOTIDE PHOSPHATE'
6 non-polymer 'HEME B/C'
7 non-polymer 'ZINC ION'
#
_entity_poly.entity_id   1
_entity_poly.type   'polypeptide(L)'
_entity_poly.pdbx_seq_one_letter_code
;MSAEEDARWLRWVTQQFKTIAGEDGEISLQEFKAALHVKESFFAERFFALFDSDRSGTITLQELQEALTLLIHGSPMDKL
KFLFQVYDIDGSGSIDPDELRTVLQSCLRESAISLPDEKLDQLTLALFESADADGNGAITFEELRDELQRFPGVMENLTI
SAAHWLTAPAPRPRPRRPRQLTRAYWHNHRSQLFCLATYAGLHVLLFGLAASAHRDLGASVMVAKGCGQCLNFDCSFIAV
LMLRRCLTWLRATWLAQVLPLDQNIQFHQLMGYVVVGLSLVHTVAHTVNFVLQAQAEASPFQFWELLLTTRPGIGWVHGS
ASPTGVALLLLLLLMFICSSSCIRRSGHFEVFYWTHLSYLLVWLLLIFHGPNFWKWLLVPGILFFLEKAIGLAVSRMAAV
CIMEVNLLPSKVTHLLIKRPPFFHYRPGDYLYLNIPTIARYEWHPFTISSAPEQKDTIWLHIRSQGQWTNRLYESFKASD
PLGRGSKRLSRSVTMRKSQRSSKGSEILLEKHKFCNIKCYIDGPYGTPTRRIFASEHAVLIGAGIGITPFASILQSIMYR
HQKRKHTCPSCQHSWIEGVQDNMKLHKVDFIWINRDQRSFEWFVSLLTKLEMDQAEEAQYGRFLELHMYMTSALGKNDMK
AIGLQMALDLLANKEKKDSITGLQTRTQPGRPDWSKVFQKVAAEKKGKVQVFFCGSPALAKVLKGHCEKFGFRFFQENF
;
_entity_poly.pdbx_strand_id   A,B
#
loop_
_chem_comp.id
_chem_comp.type
_chem_comp.name
_chem_comp.formula
D10 non-polymer DECANE 'C10 H22'
D12 non-polymer DODECANE 'C12 H26'
FAD non-polymer 'FLAVIN-ADENINE DINUCLEOTIDE' 'C27 H33 N9 O15 P2'
HEB non-polymer 'HEME B/C' 'C34 H34 Fe N4 O4'
NAP non-polymer 'NADP NICOTINAMIDE-ADENINE-DINUCLEOTIDE PHOSPHATE' 'C21 H28 N7 O17 P3'
ZN non-polymer 'ZINC ION' 'Zn 2'
#
# COMPACT_ATOMS: atom_id res chain seq x y z
N TRP A 9 58.16 12.03 31.73
CA TRP A 9 58.88 11.60 32.92
C TRP A 9 58.64 12.55 34.08
N LEU A 10 59.73 13.05 34.66
CA LEU A 10 59.60 14.02 35.76
C LEU A 10 58.95 15.31 35.28
N ARG A 11 59.22 15.71 34.04
CA ARG A 11 58.57 16.90 33.49
C ARG A 11 57.06 16.72 33.41
N TRP A 12 56.62 15.51 33.09
CA TRP A 12 55.18 15.23 33.08
C TRP A 12 54.58 15.39 34.47
N VAL A 13 55.28 14.91 35.50
CA VAL A 13 54.80 15.07 36.86
C VAL A 13 54.74 16.55 37.25
N THR A 14 55.76 17.31 36.85
CA THR A 14 55.76 18.75 37.14
C THR A 14 54.60 19.44 36.44
N GLN A 15 54.33 19.08 35.19
CA GLN A 15 53.19 19.66 34.47
C GLN A 15 51.87 19.29 35.14
N GLN A 16 51.74 18.05 35.59
CA GLN A 16 50.53 17.64 36.28
C GLN A 16 50.35 18.42 37.58
N PHE A 17 51.44 18.63 38.32
CA PHE A 17 51.37 19.44 39.53
C PHE A 17 50.96 20.87 39.21
N LYS A 18 51.52 21.43 38.13
CA LYS A 18 51.13 22.77 37.71
C LYS A 18 49.67 22.84 37.29
N THR A 19 49.12 21.73 36.81
CA THR A 19 47.71 21.71 36.43
C THR A 19 46.79 21.90 37.63
N ILE A 20 47.29 21.63 38.83
CA ILE A 20 46.49 21.81 40.04
C ILE A 20 46.35 23.29 40.36
N GLU A 26 42.19 25.68 49.41
CA GLU A 26 40.96 25.66 48.63
C GLU A 26 40.34 24.26 48.64
N ILE A 27 40.11 23.74 49.85
CA ILE A 27 39.52 22.41 49.98
C ILE A 27 38.10 22.38 49.41
N SER A 28 37.30 23.40 49.75
CA SER A 28 35.95 23.48 49.20
C SER A 28 35.98 23.67 47.69
N LEU A 29 36.89 24.53 47.20
CA LEU A 29 37.02 24.72 45.76
C LEU A 29 37.48 23.43 45.08
N GLN A 30 38.40 22.69 45.70
CA GLN A 30 38.84 21.42 45.13
C GLN A 30 37.69 20.42 45.09
N GLU A 31 36.88 20.35 46.14
CA GLU A 31 35.74 19.46 46.15
C GLU A 31 34.73 19.85 45.07
N PHE A 32 34.49 21.15 44.89
CA PHE A 32 33.58 21.59 43.85
C PHE A 32 34.11 21.25 42.46
N LYS A 33 35.41 21.40 42.24
CA LYS A 33 36.01 21.12 40.96
C LYS A 33 36.26 19.64 40.72
N ALA A 34 36.06 18.80 41.72
CA ALA A 34 36.28 17.36 41.60
C ALA A 34 35.03 16.61 41.16
N ALA A 35 34.11 17.28 40.46
CA ALA A 35 32.86 16.68 39.98
C ALA A 35 32.07 16.11 41.15
N LEU A 36 31.64 16.99 42.05
CA LEU A 36 30.93 16.59 43.25
C LEU A 36 29.57 15.98 42.88
N HIS A 37 28.96 15.32 43.87
CA HIS A 37 27.68 14.67 43.68
C HIS A 37 26.57 15.68 43.37
N SER A 41 27.12 14.53 49.58
CA SER A 41 28.50 14.38 49.11
C SER A 41 29.45 14.11 50.28
N PHE A 42 28.97 13.33 51.25
CA PHE A 42 29.81 12.97 52.39
C PHE A 42 31.02 12.15 51.96
N PHE A 43 30.83 11.26 50.98
CA PHE A 43 31.95 10.47 50.48
C PHE A 43 33.02 11.35 49.86
N ALA A 44 32.61 12.39 49.12
CA ALA A 44 33.59 13.31 48.54
C ALA A 44 34.38 14.03 49.61
N GLU A 45 33.70 14.50 50.66
CA GLU A 45 34.39 15.18 51.75
C GLU A 45 35.36 14.25 52.47
N ARG A 46 34.92 13.00 52.70
CA ARG A 46 35.81 12.03 53.35
C ARG A 46 37.03 11.74 52.49
N PHE A 47 36.84 11.61 51.18
CA PHE A 47 37.96 11.37 50.28
C PHE A 47 38.92 12.55 50.27
N PHE A 48 38.37 13.77 50.26
CA PHE A 48 39.22 14.97 50.29
C PHE A 48 40.02 15.04 51.58
N ALA A 49 39.38 14.72 52.71
CA ALA A 49 40.10 14.69 53.98
C ALA A 49 41.19 13.63 53.98
N LEU A 50 40.90 12.45 53.45
CA LEU A 50 41.89 11.38 53.41
C LEU A 50 42.98 11.66 52.38
N PHE A 51 42.67 12.44 51.35
CA PHE A 51 43.65 12.76 50.32
C PHE A 51 44.79 13.61 50.87
N ARG A 55 45.92 14.37 54.76
CA ARG A 55 46.61 14.84 55.96
C ARG A 55 45.88 16.02 56.59
N SER A 56 46.64 17.00 57.08
CA SER A 56 46.04 18.18 57.69
C SER A 56 45.30 19.03 56.67
N GLY A 57 45.65 18.90 55.40
CA GLY A 57 45.01 19.68 54.36
C GLY A 57 45.90 20.77 53.82
N THR A 58 46.47 20.55 52.64
CA THR A 58 47.39 21.50 52.03
C THR A 58 47.40 21.26 50.52
N ILE A 59 48.19 22.06 49.81
CA ILE A 59 48.30 21.97 48.37
C ILE A 59 49.59 21.23 48.00
N THR A 60 50.11 20.45 48.93
CA THR A 60 51.31 19.68 48.67
C THR A 60 51.05 18.63 47.60
N LEU A 61 52.00 18.48 46.68
CA LEU A 61 51.83 17.59 45.55
C LEU A 61 52.10 16.12 45.87
N GLN A 62 52.58 15.83 47.08
CA GLN A 62 52.85 14.44 47.44
C GLN A 62 51.57 13.61 47.46
N GLU A 63 50.49 14.18 47.99
CA GLU A 63 49.22 13.46 48.02
C GLU A 63 48.71 13.18 46.61
N LEU A 64 48.81 14.18 45.73
CA LEU A 64 48.38 13.98 44.34
C LEU A 64 49.23 12.93 43.65
N GLN A 65 50.54 12.95 43.89
CA GLN A 65 51.42 11.95 43.29
C GLN A 65 51.09 10.55 43.78
N GLU A 66 50.81 10.41 45.08
CA GLU A 66 50.41 9.11 45.61
C GLU A 66 49.08 8.66 45.03
N ALA A 67 48.11 9.57 44.90
CA ALA A 67 46.80 9.20 44.37
C ALA A 67 46.89 8.77 42.91
N LEU A 68 47.64 9.51 42.10
CA LEU A 68 47.76 9.22 40.68
C LEU A 68 48.58 7.97 40.39
N THR A 69 49.35 7.49 41.36
CA THR A 69 50.17 6.30 41.15
C THR A 69 49.47 5.06 41.71
N SER A 75 50.72 -1.05 42.12
CA SER A 75 49.84 -2.21 41.92
C SER A 75 48.42 -1.92 42.43
N PRO A 76 47.48 -2.77 42.06
CA PRO A 76 46.09 -2.57 42.52
C PRO A 76 45.92 -2.72 44.02
N MET A 77 46.89 -3.33 44.71
CA MET A 77 46.76 -3.52 46.15
C MET A 77 46.72 -2.18 46.88
N ASP A 78 47.58 -1.22 46.47
CA ASP A 78 47.57 0.09 47.09
C ASP A 78 46.24 0.80 46.87
N LYS A 79 45.70 0.71 45.65
CA LYS A 79 44.41 1.33 45.37
C LYS A 79 43.30 0.69 46.19
N LEU A 80 43.35 -0.64 46.34
CA LEU A 80 42.34 -1.33 47.16
C LEU A 80 42.44 -0.90 48.62
N LYS A 81 43.66 -0.77 49.14
CA LYS A 81 43.84 -0.30 50.51
C LYS A 81 43.31 1.12 50.67
N PHE A 82 43.59 1.99 49.71
CA PHE A 82 43.09 3.36 49.77
C PHE A 82 41.57 3.39 49.74
N LEU A 83 40.96 2.56 48.88
CA LEU A 83 39.50 2.51 48.81
C LEU A 83 38.91 1.99 50.12
N PHE A 84 39.54 0.98 50.70
CA PHE A 84 39.06 0.45 51.98
C PHE A 84 39.15 1.50 53.09
N GLN A 85 40.25 2.26 53.11
CA GLN A 85 40.37 3.36 54.07
C GLN A 85 39.32 4.43 53.83
N VAL A 86 39.04 4.75 52.57
CA VAL A 86 38.05 5.78 52.25
C VAL A 86 36.66 5.35 52.68
N TYR A 87 36.32 4.08 52.44
CA TYR A 87 34.98 3.60 52.76
C TYR A 87 34.71 3.68 54.26
N ASP A 88 35.67 3.31 55.08
CA ASP A 88 35.52 3.37 56.53
C ASP A 88 35.88 4.76 57.03
N ILE A 89 35.52 5.02 58.29
CA ILE A 89 35.82 6.29 58.94
C ILE A 89 36.66 6.13 60.20
N ASP A 90 36.86 4.91 60.68
CA ASP A 90 37.65 4.67 61.88
C ASP A 90 38.26 3.27 61.87
N ASP A 96 30.85 -1.51 61.10
CA ASP A 96 30.88 -0.77 59.85
C ASP A 96 29.48 -0.33 59.43
N PRO A 97 28.64 -0.01 60.42
CA PRO A 97 27.28 0.46 60.08
C PRO A 97 27.26 1.76 59.30
N ASP A 98 28.32 2.56 59.38
CA ASP A 98 28.38 3.79 58.60
C ASP A 98 28.42 3.53 57.09
N GLU A 99 28.78 2.31 56.69
CA GLU A 99 28.76 1.97 55.27
C GLU A 99 27.34 2.05 54.71
N LEU A 100 26.35 1.67 55.52
CA LEU A 100 24.96 1.78 55.08
C LEU A 100 24.60 3.24 54.80
N ARG A 101 24.99 4.15 55.68
CA ARG A 101 24.83 5.57 55.40
C ARG A 101 25.67 5.98 54.20
N THR A 102 26.89 5.46 54.11
CA THR A 102 27.73 5.73 52.95
C THR A 102 27.11 5.19 51.67
N VAL A 103 26.52 3.99 51.74
CA VAL A 103 25.86 3.43 50.57
C VAL A 103 24.67 4.28 50.17
N LEU A 104 23.88 4.74 51.15
CA LEU A 104 22.75 5.60 50.84
C LEU A 104 23.19 6.91 50.20
N GLN A 105 24.28 7.50 50.72
CA GLN A 105 24.81 8.72 50.12
C GLN A 105 25.29 8.47 48.69
N SER A 106 25.95 7.33 48.46
CA SER A 106 26.44 7.01 47.12
C SER A 106 25.27 6.82 46.15
N CYS A 107 24.19 6.18 46.61
CA CYS A 107 23.01 6.02 45.76
C CYS A 107 22.41 7.37 45.38
N LEU A 108 22.35 8.29 46.34
CA LEU A 108 21.86 9.64 46.08
C LEU A 108 22.88 10.51 45.35
N ARG A 109 24.08 10.01 45.14
CA ARG A 109 25.13 10.76 44.46
C ARG A 109 24.90 10.72 42.96
N GLU A 110 25.93 11.08 42.18
CA GLU A 110 25.80 11.16 40.72
C GLU A 110 25.48 9.83 40.07
N SER A 111 25.37 8.74 40.84
CA SER A 111 24.97 7.46 40.27
C SER A 111 23.55 7.50 39.72
N ALA A 112 22.74 8.48 40.12
CA ALA A 112 21.37 8.64 39.63
C ALA A 112 20.53 7.39 39.90
N ILE A 113 20.78 6.76 41.04
CA ILE A 113 20.03 5.57 41.45
C ILE A 113 18.77 6.01 42.18
N SER A 114 17.70 6.27 41.43
CA SER A 114 16.44 6.72 42.00
C SER A 114 15.70 5.51 42.57
N LEU A 115 16.09 5.13 43.78
CA LEU A 115 15.48 3.99 44.46
C LEU A 115 14.99 4.41 45.85
N PRO A 116 13.97 3.74 46.36
CA PRO A 116 13.44 4.11 47.68
C PRO A 116 14.40 3.75 48.80
N ASP A 117 14.24 4.44 49.93
CA ASP A 117 15.07 4.17 51.10
C ASP A 117 14.64 2.91 51.84
N GLU A 118 13.43 2.40 51.55
CA GLU A 118 12.97 1.17 52.21
C GLU A 118 13.85 -0.02 51.84
N LYS A 119 14.22 -0.12 50.56
CA LYS A 119 15.07 -1.21 50.10
C LYS A 119 16.54 -1.01 50.47
N LEU A 120 16.92 0.17 50.96
CA LEU A 120 18.30 0.41 51.34
C LEU A 120 18.72 -0.50 52.49
N ASP A 121 17.82 -0.73 53.44
CA ASP A 121 18.15 -1.60 54.58
C ASP A 121 18.44 -3.02 54.12
N GLN A 122 17.63 -3.54 53.19
CA GLN A 122 17.87 -4.88 52.67
C GLN A 122 19.18 -4.94 51.90
N LEU A 123 19.45 -3.93 51.06
CA LEU A 123 20.70 -3.91 50.30
C LEU A 123 21.90 -3.81 51.22
N THR A 124 21.82 -2.94 52.23
CA THR A 124 22.92 -2.81 53.18
C THR A 124 23.14 -4.10 53.96
N LEU A 125 22.05 -4.76 54.37
CA LEU A 125 22.18 -6.03 55.09
C LEU A 125 22.82 -7.09 54.22
N ALA A 126 22.41 -7.18 52.95
CA ALA A 126 23.00 -8.16 52.05
C ALA A 126 24.47 -7.88 51.82
N LEU A 127 24.84 -6.61 51.63
CA LEU A 127 26.24 -6.26 51.43
C LEU A 127 27.07 -6.58 52.68
N PHE A 128 26.54 -6.28 53.86
CA PHE A 128 27.25 -6.60 55.09
C PHE A 128 27.42 -8.11 55.26
N GLU A 129 26.38 -8.88 54.95
CA GLU A 129 26.49 -10.33 55.04
C GLU A 129 27.53 -10.87 54.07
N SER A 130 27.58 -10.32 52.86
CA SER A 130 28.54 -10.78 51.87
C SER A 130 29.97 -10.34 52.17
N ALA A 131 30.14 -9.22 52.87
CA ALA A 131 31.47 -8.66 53.12
C ALA A 131 32.06 -9.10 54.45
N ASP A 132 31.35 -8.88 55.56
CA ASP A 132 31.91 -9.16 56.88
C ASP A 132 32.23 -10.64 57.05
N ALA A 133 31.33 -11.51 56.57
CA ALA A 133 31.54 -12.95 56.70
C ALA A 133 32.54 -13.45 55.66
N GLY A 137 33.88 -9.09 61.58
CA GLY A 137 33.90 -7.64 61.44
C GLY A 137 34.11 -7.18 60.01
N ALA A 138 33.38 -6.15 59.60
CA ALA A 138 33.45 -5.62 58.24
C ALA A 138 34.47 -4.47 58.15
N ILE A 139 35.67 -4.72 58.67
CA ILE A 139 36.74 -3.73 58.61
C ILE A 139 38.01 -4.39 58.09
N THR A 140 37.86 -5.61 57.56
CA THR A 140 39.01 -6.39 57.10
C THR A 140 39.40 -5.95 55.69
N PHE A 141 40.61 -5.40 55.56
CA PHE A 141 41.09 -4.98 54.24
C PHE A 141 41.28 -6.17 53.31
N GLU A 142 41.78 -7.28 53.84
CA GLU A 142 41.95 -8.48 53.03
C GLU A 142 40.62 -9.00 52.52
N GLU A 143 39.58 -8.96 53.36
CA GLU A 143 38.26 -9.38 52.92
C GLU A 143 37.73 -8.47 51.82
N LEU A 144 37.96 -7.16 51.94
CA LEU A 144 37.55 -6.24 50.89
C LEU A 144 38.29 -6.51 49.59
N ARG A 145 39.59 -6.79 49.67
CA ARG A 145 40.36 -7.11 48.48
C ARG A 145 39.85 -8.39 47.82
N ASP A 146 39.55 -9.42 48.62
CA ASP A 146 39.01 -10.66 48.07
C ASP A 146 37.66 -10.43 47.42
N GLU A 147 36.79 -9.64 48.06
CA GLU A 147 35.48 -9.36 47.48
C GLU A 147 35.60 -8.61 46.17
N LEU A 148 36.52 -7.64 46.11
CA LEU A 148 36.75 -6.91 44.86
C LEU A 148 37.30 -7.84 43.77
N GLN A 149 38.22 -8.73 44.14
CA GLN A 149 38.77 -9.68 43.17
C GLN A 149 37.75 -10.73 42.74
N ARG A 150 36.68 -10.93 43.51
CA ARG A 150 35.66 -11.89 43.12
C ARG A 150 34.97 -11.47 41.83
N PHE A 151 34.69 -10.18 41.68
CA PHE A 151 34.06 -9.67 40.47
C PHE A 151 35.05 -9.62 39.32
N VAL A 154 38.35 -4.73 37.01
CA VAL A 154 37.88 -4.38 38.35
C VAL A 154 39.01 -3.69 39.12
N MET A 155 39.88 -4.49 39.74
CA MET A 155 41.00 -3.93 40.48
C MET A 155 41.94 -3.17 39.56
N GLU A 156 42.17 -3.69 38.35
CA GLU A 156 43.01 -2.98 37.38
C GLU A 156 42.41 -1.63 36.99
N ASN A 157 41.08 -1.55 36.93
CA ASN A 157 40.40 -0.29 36.62
C ASN A 157 40.28 0.56 37.88
N LEU A 158 41.45 0.86 38.47
CA LEU A 158 41.53 1.63 39.70
C LEU A 158 41.32 3.10 39.38
N THR A 159 40.07 3.55 39.49
CA THR A 159 39.72 4.94 39.24
C THR A 159 38.88 5.46 40.41
N ILE A 160 39.08 6.74 40.75
CA ILE A 160 38.35 7.35 41.85
C ILE A 160 37.74 8.66 41.39
N SER A 161 37.74 8.89 40.07
CA SER A 161 37.19 10.12 39.52
C SER A 161 36.81 9.87 38.06
N ALA A 162 35.98 10.76 37.53
CA ALA A 162 35.55 10.71 36.14
C ALA A 162 36.02 11.89 35.31
N ALA A 163 36.49 12.96 35.94
CA ALA A 163 36.97 14.12 35.21
C ALA A 163 38.41 13.89 34.74
N HIS A 164 38.99 14.93 34.13
CA HIS A 164 40.36 14.82 33.64
C HIS A 164 41.34 14.60 34.79
N TRP A 165 41.14 15.30 35.90
CA TRP A 165 42.02 15.18 37.05
C TRP A 165 41.81 13.83 37.75
N THR A 182 36.79 24.30 14.42
CA THR A 182 35.63 23.52 14.02
C THR A 182 35.84 22.89 12.66
N ARG A 183 37.11 22.70 12.28
CA ARG A 183 37.42 22.11 10.97
C ARG A 183 37.04 20.64 10.93
N ALA A 184 37.41 19.87 11.96
CA ALA A 184 37.16 18.44 11.95
C ALA A 184 35.66 18.13 12.03
N TYR A 185 34.94 18.83 12.90
CA TYR A 185 33.50 18.60 13.02
C TYR A 185 32.77 18.96 11.73
N TRP A 186 33.15 20.09 11.11
CA TRP A 186 32.54 20.48 9.85
C TRP A 186 32.86 19.48 8.75
N HIS A 187 34.09 18.98 8.70
CA HIS A 187 34.44 17.99 7.69
C HIS A 187 33.67 16.69 7.91
N ASN A 188 33.49 16.28 9.16
CA ASN A 188 32.76 15.04 9.43
C ASN A 188 31.28 15.19 9.09
N HIS A 189 30.66 16.31 9.47
CA HIS A 189 29.24 16.48 9.23
C HIS A 189 28.96 16.71 7.74
N ARG A 190 29.77 17.54 7.08
CA ARG A 190 29.57 17.86 5.68
C ARG A 190 29.99 16.73 4.74
N SER A 191 30.64 15.69 5.25
CA SER A 191 30.99 14.54 4.43
C SER A 191 29.77 13.77 3.97
N GLN A 192 28.59 14.04 4.54
CA GLN A 192 27.35 13.39 4.13
C GLN A 192 26.18 14.35 3.95
N LEU A 193 26.35 15.63 4.25
CA LEU A 193 25.25 16.59 4.12
C LEU A 193 25.26 17.27 2.74
N PHE A 194 26.31 18.04 2.47
CA PHE A 194 26.55 18.67 1.17
C PHE A 194 25.28 19.31 0.60
N CYS A 195 24.57 20.04 1.44
CA CYS A 195 23.33 20.69 0.99
C CYS A 195 23.35 22.20 1.19
N LEU A 196 23.86 22.69 2.33
CA LEU A 196 23.95 24.13 2.54
C LEU A 196 24.89 24.77 1.53
N ALA A 197 25.99 24.08 1.22
CA ALA A 197 26.93 24.59 0.22
C ALA A 197 26.27 24.70 -1.14
N THR A 198 25.40 23.74 -1.49
CA THR A 198 24.68 23.82 -2.75
C THR A 198 23.76 25.04 -2.80
N TYR A 199 23.06 25.32 -1.70
CA TYR A 199 22.20 26.50 -1.66
C TYR A 199 23.02 27.78 -1.78
N ALA A 200 24.16 27.82 -1.09
CA ALA A 200 25.03 28.99 -1.20
C ALA A 200 25.54 29.16 -2.63
N GLY A 201 25.91 28.06 -3.28
CA GLY A 201 26.36 28.14 -4.65
C GLY A 201 25.29 28.64 -5.60
N LEU A 202 24.06 28.15 -5.43
CA LEU A 202 22.95 28.64 -6.25
C LEU A 202 22.72 30.13 -6.03
N HIS A 203 22.73 30.57 -4.77
CA HIS A 203 22.53 31.98 -4.47
C HIS A 203 23.62 32.83 -5.12
N VAL A 204 24.88 32.40 -5.01
CA VAL A 204 25.98 33.17 -5.55
C VAL A 204 25.94 33.21 -7.07
N LEU A 205 25.62 32.08 -7.71
CA LEU A 205 25.59 32.07 -9.17
C LEU A 205 24.45 32.93 -9.69
N LEU A 206 23.30 32.91 -9.02
CA LEU A 206 22.21 33.80 -9.43
C LEU A 206 22.58 35.26 -9.23
N PHE A 207 23.22 35.59 -8.10
CA PHE A 207 23.65 36.96 -7.85
C PHE A 207 24.63 37.43 -8.92
N GLY A 208 25.59 36.58 -9.27
CA GLY A 208 26.54 36.93 -10.31
C GLY A 208 25.90 37.06 -11.68
N LEU A 209 24.97 36.15 -12.00
CA LEU A 209 24.29 36.22 -13.29
C LEU A 209 23.51 37.52 -13.44
N ALA A 210 22.79 37.91 -12.39
CA ALA A 210 22.10 39.20 -12.43
C ALA A 210 23.10 40.36 -12.43
N ALA A 211 24.24 40.19 -11.77
CA ALA A 211 25.25 41.25 -11.75
C ALA A 211 25.83 41.50 -13.14
N SER A 212 26.10 40.44 -13.88
CA SER A 212 26.66 40.61 -15.23
C SER A 212 25.63 41.20 -16.18
N ALA A 213 24.34 41.06 -15.88
CA ALA A 213 23.30 41.61 -16.73
C ALA A 213 23.06 43.10 -16.50
N HIS A 214 23.60 43.67 -15.43
CA HIS A 214 23.40 45.07 -15.13
C HIS A 214 24.69 45.74 -14.67
N ARG A 215 25.83 45.29 -15.20
CA ARG A 215 27.11 45.88 -14.82
C ARG A 215 27.24 47.32 -15.32
N ASP A 216 26.58 47.65 -16.43
CA ASP A 216 26.66 49.01 -16.97
C ASP A 216 26.07 50.03 -16.00
N LEU A 217 24.95 49.69 -15.36
CA LEU A 217 24.35 50.59 -14.38
C LEU A 217 25.30 50.74 -13.19
N GLY A 218 25.30 51.94 -12.61
CA GLY A 218 26.37 52.30 -11.70
C GLY A 218 26.18 51.96 -10.23
N ALA A 219 26.73 50.81 -9.82
CA ALA A 219 27.03 50.49 -8.43
C ALA A 219 25.81 50.39 -7.53
N SER A 220 24.62 50.63 -8.05
CA SER A 220 23.45 50.58 -7.19
C SER A 220 22.34 49.69 -7.71
N VAL A 221 22.14 49.66 -9.02
CA VAL A 221 21.04 48.87 -9.58
C VAL A 221 21.44 47.42 -9.82
N MET A 222 22.73 47.14 -10.01
CA MET A 222 23.17 45.75 -10.16
C MET A 222 22.97 44.98 -8.86
N VAL A 223 23.27 45.61 -7.71
CA VAL A 223 22.94 45.00 -6.42
C VAL A 223 21.45 44.75 -6.32
N ALA A 224 20.64 45.72 -6.75
CA ALA A 224 19.19 45.54 -6.71
C ALA A 224 18.76 44.34 -7.52
N LYS A 225 19.28 44.19 -8.74
CA LYS A 225 18.87 43.09 -9.60
C LYS A 225 19.33 41.75 -9.04
N GLY A 226 20.56 41.68 -8.53
CA GLY A 226 21.04 40.43 -7.96
C GLY A 226 20.22 40.00 -6.75
N CYS A 227 19.97 40.95 -5.83
CA CYS A 227 19.14 40.62 -4.68
C CYS A 227 17.75 40.22 -5.13
N GLY A 228 17.24 40.87 -6.18
CA GLY A 228 15.91 40.54 -6.66
C GLY A 228 15.83 39.12 -7.19
N GLN A 229 16.77 38.73 -8.05
CA GLN A 229 16.75 37.37 -8.60
C GLN A 229 16.89 36.33 -7.48
N CYS A 230 17.80 36.60 -6.54
CA CYS A 230 17.90 35.72 -5.38
C CYS A 230 16.56 35.61 -4.66
N LEU A 231 15.83 36.71 -4.58
CA LEU A 231 14.53 36.69 -3.90
C LEU A 231 13.48 35.92 -4.68
N ASN A 232 13.47 36.01 -6.02
CA ASN A 232 12.57 35.11 -6.75
C ASN A 232 12.87 33.66 -6.42
N PHE A 233 14.16 33.29 -6.46
CA PHE A 233 14.50 31.89 -6.17
C PHE A 233 14.04 31.48 -4.78
N ASP A 234 14.34 32.33 -3.78
CA ASP A 234 14.03 31.99 -2.40
C ASP A 234 12.52 31.93 -2.15
N CYS A 235 11.80 32.97 -2.57
CA CYS A 235 10.36 33.02 -2.37
C CYS A 235 9.62 32.00 -3.23
N SER A 236 10.28 31.42 -4.23
CA SER A 236 9.65 30.35 -4.99
C SER A 236 9.85 28.99 -4.34
N PHE A 237 11.04 28.71 -3.79
CA PHE A 237 11.31 27.35 -3.32
C PHE A 237 11.22 27.18 -1.80
N ILE A 238 11.15 28.25 -1.02
CA ILE A 238 10.92 28.09 0.42
C ILE A 238 9.57 27.45 0.68
N ALA A 239 8.63 27.58 -0.26
CA ALA A 239 7.35 26.90 -0.15
C ALA A 239 7.42 25.44 -0.55
N VAL A 240 8.19 25.12 -1.60
CA VAL A 240 8.28 23.72 -2.02
C VAL A 240 9.09 22.90 -1.05
N LEU A 241 9.87 23.54 -0.17
CA LEU A 241 10.47 22.78 0.93
C LEU A 241 9.40 22.10 1.77
N MET A 242 8.39 22.84 2.19
CA MET A 242 7.41 22.33 3.14
C MET A 242 6.15 21.82 2.44
N LEU A 243 6.08 20.51 2.29
CA LEU A 243 4.84 19.79 2.01
C LEU A 243 4.80 18.58 2.93
N ARG A 244 3.88 18.60 3.89
CA ARG A 244 3.76 17.49 4.83
C ARG A 244 3.19 16.23 4.19
N ARG A 245 2.74 16.28 2.94
CA ARG A 245 2.16 15.11 2.29
C ARG A 245 3.20 14.32 1.49
N CYS A 246 3.84 14.96 0.51
CA CYS A 246 4.80 14.25 -0.33
C CYS A 246 6.06 13.87 0.44
N LEU A 247 6.38 14.61 1.50
CA LEU A 247 7.57 14.28 2.31
C LEU A 247 7.42 12.89 2.93
N THR A 248 6.22 12.55 3.39
CA THR A 248 5.98 11.20 3.90
C THR A 248 6.15 10.16 2.80
N TRP A 249 5.64 10.44 1.59
CA TRP A 249 5.81 9.51 0.48
C TRP A 249 7.28 9.36 0.11
N LEU A 250 8.04 10.46 0.15
CA LEU A 250 9.46 10.42 -0.12
C LEU A 250 10.25 9.83 1.04
N ARG A 251 9.73 9.91 2.26
CA ARG A 251 10.47 9.43 3.43
C ARG A 251 10.72 7.93 3.37
N ALA A 252 9.86 7.18 2.67
CA ALA A 252 9.97 5.72 2.61
C ALA A 252 10.78 5.25 1.41
N THR A 253 11.74 6.04 0.94
CA THR A 253 12.57 5.69 -0.20
C THR A 253 14.03 5.95 0.11
N TRP A 254 14.90 5.39 -0.73
CA TRP A 254 16.34 5.62 -0.59
C TRP A 254 16.71 7.08 -0.76
N LEU A 255 15.86 7.87 -1.43
CA LEU A 255 16.11 9.30 -1.51
C LEU A 255 16.15 9.93 -0.12
N ALA A 256 15.23 9.51 0.76
CA ALA A 256 15.28 9.96 2.14
C ALA A 256 16.43 9.32 2.90
N GLN A 257 16.86 8.13 2.48
CA GLN A 257 18.02 7.50 3.12
C GLN A 257 19.27 8.32 2.91
N VAL A 258 19.47 8.84 1.70
CA VAL A 258 20.66 9.63 1.40
C VAL A 258 20.48 11.09 1.79
N LEU A 259 19.28 11.65 1.59
CA LEU A 259 19.04 13.07 1.85
C LEU A 259 18.33 13.23 3.18
N PRO A 260 18.88 14.00 4.12
CA PRO A 260 18.19 14.21 5.40
C PRO A 260 16.87 14.95 5.20
N LEU A 261 15.89 14.62 6.06
CA LEU A 261 14.56 15.19 5.92
C LEU A 261 14.07 15.83 7.21
N ASP A 262 14.47 15.27 8.36
CA ASP A 262 13.90 15.67 9.64
C ASP A 262 14.24 17.09 10.05
N GLN A 263 15.20 17.73 9.40
CA GLN A 263 15.57 19.11 9.69
C GLN A 263 15.00 20.10 8.67
N ASN A 264 13.90 19.76 8.02
CA ASN A 264 13.31 20.66 7.04
C ASN A 264 12.71 21.91 7.70
N ILE A 265 12.25 21.80 8.94
CA ILE A 265 11.78 22.98 9.66
C ILE A 265 12.89 24.03 9.78
N GLN A 266 14.10 23.61 10.15
CA GLN A 266 15.15 24.57 10.42
C GLN A 266 15.71 25.15 9.13
N PHE A 267 15.81 24.32 8.07
CA PHE A 267 16.23 24.85 6.78
C PHE A 267 15.20 25.83 6.23
N HIS A 268 13.91 25.54 6.41
CA HIS A 268 12.88 26.45 5.96
C HIS A 268 12.95 27.78 6.73
N GLN A 269 13.17 27.70 8.04
CA GLN A 269 13.31 28.93 8.82
C GLN A 269 14.55 29.71 8.39
N LEU A 270 15.65 29.00 8.08
CA LEU A 270 16.87 29.68 7.65
C LEU A 270 16.66 30.40 6.32
N MET A 271 15.96 29.76 5.38
CA MET A 271 15.66 30.47 4.14
C MET A 271 14.70 31.62 4.37
N GLY A 272 13.79 31.51 5.34
CA GLY A 272 12.99 32.67 5.70
C GLY A 272 13.84 33.82 6.18
N TYR A 273 14.84 33.52 7.01
CA TYR A 273 15.72 34.56 7.52
C TYR A 273 16.52 35.21 6.40
N VAL A 274 17.02 34.40 5.46
CA VAL A 274 17.78 35.00 4.37
C VAL A 274 16.87 35.80 3.44
N VAL A 275 15.61 35.38 3.28
CA VAL A 275 14.64 36.19 2.54
C VAL A 275 14.47 37.55 3.21
N VAL A 276 14.33 37.54 4.53
CA VAL A 276 14.15 38.81 5.25
C VAL A 276 15.36 39.71 5.06
N GLY A 277 16.56 39.15 5.25
CA GLY A 277 17.77 39.96 5.13
C GLY A 277 17.98 40.49 3.74
N LEU A 278 17.81 39.63 2.73
CA LEU A 278 17.99 40.06 1.35
C LEU A 278 16.92 41.06 0.93
N SER A 279 15.70 40.91 1.43
CA SER A 279 14.67 41.91 1.14
C SER A 279 15.03 43.25 1.75
N LEU A 280 15.56 43.26 2.97
CA LEU A 280 15.98 44.52 3.58
C LEU A 280 17.10 45.18 2.77
N VAL A 281 18.10 44.40 2.37
CA VAL A 281 19.20 45.01 1.61
C VAL A 281 18.74 45.46 0.24
N HIS A 282 17.81 44.71 -0.38
CA HIS A 282 17.22 45.14 -1.65
C HIS A 282 16.47 46.45 -1.49
N THR A 283 15.70 46.59 -0.42
CA THR A 283 15.00 47.84 -0.15
C THR A 283 15.97 48.99 0.02
N VAL A 284 17.04 48.78 0.79
CA VAL A 284 18.02 49.85 1.02
C VAL A 284 18.68 50.24 -0.29
N ALA A 285 19.03 49.26 -1.13
CA ALA A 285 19.67 49.55 -2.41
C ALA A 285 18.73 50.34 -3.32
N HIS A 286 17.46 49.95 -3.40
CA HIS A 286 16.55 50.69 -4.26
C HIS A 286 16.31 52.10 -3.73
N THR A 287 16.24 52.27 -2.40
CA THR A 287 16.06 53.61 -1.85
C THR A 287 17.28 54.49 -2.11
N VAL A 288 18.49 53.95 -1.99
CA VAL A 288 19.66 54.79 -2.26
C VAL A 288 19.76 55.08 -3.75
N ASN A 289 19.26 54.18 -4.60
CA ASN A 289 19.17 54.50 -6.02
C ASN A 289 18.18 55.65 -6.27
N PHE A 290 17.01 55.59 -5.64
CA PHE A 290 16.01 56.64 -5.83
C PHE A 290 16.51 57.98 -5.30
N VAL A 291 17.21 57.98 -4.18
CA VAL A 291 17.76 59.21 -3.63
C VAL A 291 18.77 59.82 -4.60
N LEU A 292 19.60 58.97 -5.21
CA LEU A 292 20.53 59.45 -6.23
C LEU A 292 19.79 60.05 -7.41
N GLN A 293 18.69 59.41 -7.83
CA GLN A 293 17.86 59.97 -8.89
C GLN A 293 17.13 61.24 -8.46
N ALA A 294 17.06 61.51 -7.16
CA ALA A 294 16.38 62.69 -6.62
C ALA A 294 17.31 63.89 -6.53
N GLN A 295 18.34 63.95 -7.36
CA GLN A 295 19.29 65.06 -7.33
C GLN A 295 19.40 65.73 -8.70
N GLY A 319 2.86 55.02 -10.71
CA GLY A 319 3.35 54.90 -9.35
C GLY A 319 2.80 53.70 -8.62
N SER A 320 3.35 52.52 -8.91
CA SER A 320 2.89 51.28 -8.29
C SER A 320 4.04 50.48 -7.71
N ALA A 321 5.24 50.62 -8.28
CA ALA A 321 6.37 49.82 -7.84
C ALA A 321 6.73 50.11 -6.38
N SER A 322 6.91 51.39 -6.05
CA SER A 322 7.26 51.74 -4.68
C SER A 322 6.18 51.39 -3.67
N PRO A 323 4.90 51.72 -3.88
CA PRO A 323 3.88 51.31 -2.90
C PRO A 323 3.76 49.80 -2.76
N THR A 324 3.87 49.05 -3.85
CA THR A 324 3.80 47.59 -3.74
C THR A 324 5.00 47.04 -2.99
N GLY A 325 6.18 47.61 -3.23
CA GLY A 325 7.33 47.21 -2.44
C GLY A 325 7.17 47.51 -0.96
N VAL A 326 6.57 48.66 -0.65
CA VAL A 326 6.33 49.02 0.75
C VAL A 326 5.36 48.03 1.38
N ALA A 327 4.29 47.67 0.66
CA ALA A 327 3.34 46.70 1.18
C ALA A 327 4.00 45.34 1.41
N LEU A 328 4.85 44.91 0.46
CA LEU A 328 5.56 43.65 0.64
C LEU A 328 6.50 43.71 1.84
N LEU A 329 7.17 44.84 2.04
CA LEU A 329 8.05 45.00 3.19
C LEU A 329 7.26 44.89 4.48
N LEU A 330 6.09 45.53 4.54
CA LEU A 330 5.26 45.45 5.73
C LEU A 330 4.82 44.01 5.99
N LEU A 331 4.42 43.29 4.94
CA LEU A 331 3.98 41.92 5.11
C LEU A 331 5.12 41.02 5.61
N LEU A 332 6.31 41.16 5.03
CA LEU A 332 7.45 40.37 5.49
C LEU A 332 7.84 40.72 6.92
N LEU A 333 7.79 42.00 7.30
CA LEU A 333 8.10 42.37 8.67
C LEU A 333 7.08 41.78 9.63
N LEU A 334 5.80 41.80 9.25
CA LEU A 334 4.77 41.16 10.08
C LEU A 334 5.02 39.68 10.22
N MET A 335 5.34 39.00 9.12
CA MET A 335 5.52 37.55 9.17
C MET A 335 6.79 37.18 9.93
N PHE A 336 7.79 38.07 9.94
CA PHE A 336 8.99 37.83 10.74
C PHE A 336 8.71 38.05 12.22
N ILE A 337 7.97 39.12 12.54
CA ILE A 337 7.74 39.46 13.95
C ILE A 337 6.81 38.45 14.60
N CYS A 338 5.73 38.07 13.92
CA CYS A 338 4.68 37.27 14.53
C CYS A 338 4.90 35.77 14.36
N SER A 339 6.02 35.34 13.79
CA SER A 339 6.34 33.92 13.67
C SER A 339 7.64 33.56 14.36
N SER A 340 8.19 34.45 15.19
CA SER A 340 9.39 34.15 15.94
C SER A 340 9.08 33.20 17.09
N SER A 341 10.14 32.74 17.76
CA SER A 341 9.98 31.79 18.85
C SER A 341 9.23 32.39 20.04
N CYS A 342 9.40 33.70 20.27
CA CYS A 342 8.78 34.33 21.43
C CYS A 342 7.26 34.29 21.36
N ILE A 343 6.70 34.48 20.17
CA ILE A 343 5.24 34.49 20.03
C ILE A 343 4.67 33.12 20.35
N ARG A 344 5.24 32.06 19.76
CA ARG A 344 4.75 30.73 20.05
C ARG A 344 5.14 30.24 21.44
N ARG A 345 6.06 30.92 22.12
CA ARG A 345 6.28 30.64 23.53
C ARG A 345 5.00 30.92 24.33
N SER A 346 4.33 32.02 24.02
CA SER A 346 2.98 32.24 24.53
C SER A 346 2.01 31.26 23.87
N GLY A 347 0.91 31.00 24.56
CA GLY A 347 -0.07 30.04 24.06
C GLY A 347 -0.98 30.61 22.98
N HIS A 348 -0.49 31.60 22.25
CA HIS A 348 -1.25 32.24 21.18
C HIS A 348 -0.91 31.61 19.82
N PHE A 349 -1.12 30.30 19.73
CA PHE A 349 -0.88 29.60 18.47
C PHE A 349 -1.81 30.13 17.38
N GLU A 350 -3.01 30.56 17.75
CA GLU A 350 -3.93 31.15 16.79
C GLU A 350 -3.34 32.41 16.18
N VAL A 351 -2.69 33.25 16.99
CA VAL A 351 -2.07 34.47 16.48
C VAL A 351 -0.98 34.14 15.48
N PHE A 352 -0.12 33.19 15.82
CA PHE A 352 0.95 32.80 14.90
C PHE A 352 0.39 32.27 13.59
N TYR A 353 -0.59 31.37 13.67
CA TYR A 353 -1.11 30.77 12.45
C TYR A 353 -1.83 31.78 11.58
N TRP A 354 -2.60 32.69 12.20
CA TRP A 354 -3.34 33.68 11.42
C TRP A 354 -2.39 34.69 10.78
N THR A 355 -1.39 35.16 11.53
CA THR A 355 -0.40 36.05 10.93
C THR A 355 0.40 35.35 9.84
N HIS A 356 0.70 34.06 10.04
CA HIS A 356 1.49 33.31 9.09
C HIS A 356 0.69 32.83 7.89
N LEU A 357 -0.63 33.04 7.88
CA LEU A 357 -1.42 32.75 6.70
C LEU A 357 -1.28 33.83 5.62
N SER A 358 -0.56 34.91 5.91
CA SER A 358 -0.35 36.02 5.00
C SER A 358 0.66 35.71 3.89
N TYR A 359 1.10 34.46 3.72
CA TYR A 359 1.99 34.16 2.60
C TYR A 359 1.27 34.33 1.27
N LEU A 360 -0.03 34.07 1.23
CA LEU A 360 -0.80 34.26 0.01
C LEU A 360 -0.78 35.72 -0.43
N LEU A 361 -0.91 36.64 0.53
CA LEU A 361 -0.85 38.07 0.20
C LEU A 361 0.55 38.45 -0.28
N VAL A 362 1.59 37.88 0.32
CA VAL A 362 2.96 38.16 -0.13
C VAL A 362 3.13 37.73 -1.59
N TRP A 363 2.67 36.52 -1.91
CA TRP A 363 2.78 36.03 -3.28
C TRP A 363 1.97 36.89 -4.23
N LEU A 364 0.75 37.25 -3.84
CA LEU A 364 -0.11 38.05 -4.72
C LEU A 364 0.49 39.42 -4.99
N LEU A 365 1.02 40.07 -3.95
CA LEU A 365 1.68 41.35 -4.15
C LEU A 365 2.92 41.22 -5.02
N LEU A 366 3.72 40.18 -4.79
CA LEU A 366 4.95 40.03 -5.55
C LEU A 366 4.70 39.60 -6.99
N ILE A 367 3.50 39.09 -7.30
CA ILE A 367 3.18 38.76 -8.68
C ILE A 367 3.23 40.00 -9.55
N PHE A 368 2.39 40.99 -9.26
CA PHE A 368 2.47 42.28 -9.95
C PHE A 368 3.30 43.29 -9.16
N HIS A 369 4.49 42.85 -8.73
CA HIS A 369 5.55 43.72 -8.27
C HIS A 369 6.84 43.46 -9.03
N GLY A 370 7.13 42.21 -9.32
CA GLY A 370 8.28 41.85 -10.12
C GLY A 370 7.87 41.50 -11.54
N PRO A 371 8.65 41.96 -12.52
CA PRO A 371 8.30 41.71 -13.92
C PRO A 371 8.23 40.23 -14.28
N ASN A 372 9.06 39.39 -13.68
CA ASN A 372 9.13 37.98 -14.06
C ASN A 372 9.16 37.09 -12.81
N PHE A 373 8.27 37.36 -11.86
CA PHE A 373 8.15 36.51 -10.68
C PHE A 373 7.25 35.30 -10.90
N TRP A 374 6.25 35.43 -11.77
CA TRP A 374 5.32 34.33 -11.97
C TRP A 374 6.00 33.11 -12.58
N LYS A 375 7.06 33.32 -13.37
CA LYS A 375 7.79 32.19 -13.94
C LYS A 375 8.37 31.31 -12.83
N TRP A 376 9.02 31.93 -11.84
CA TRP A 376 9.49 31.18 -10.69
C TRP A 376 8.32 30.61 -9.88
N LEU A 377 7.26 31.39 -9.70
CA LEU A 377 6.17 30.98 -8.83
C LEU A 377 5.37 29.80 -9.39
N LEU A 378 5.34 29.62 -10.71
CA LEU A 378 4.43 28.67 -11.33
C LEU A 378 4.56 27.25 -10.81
N VAL A 379 5.71 26.60 -11.06
CA VAL A 379 5.86 25.18 -10.76
C VAL A 379 5.69 24.91 -9.26
N PRO A 380 6.48 25.53 -8.37
CA PRO A 380 6.24 25.29 -6.94
C PRO A 380 4.87 25.76 -6.49
N GLY A 381 4.36 26.85 -7.06
CA GLY A 381 3.05 27.32 -6.66
C GLY A 381 1.94 26.33 -6.99
N ILE A 382 1.92 25.84 -8.22
CA ILE A 382 0.88 24.90 -8.61
C ILE A 382 1.05 23.58 -7.87
N LEU A 383 2.31 23.16 -7.66
CA LEU A 383 2.54 21.90 -6.98
C LEU A 383 2.13 21.96 -5.51
N PHE A 384 2.39 23.09 -4.85
CA PHE A 384 1.93 23.28 -3.48
C PHE A 384 0.42 23.44 -3.42
N PHE A 385 -0.18 24.07 -4.43
CA PHE A 385 -1.64 24.17 -4.47
C PHE A 385 -2.28 22.79 -4.59
N LEU A 386 -1.70 21.93 -5.43
CA LEU A 386 -2.18 20.56 -5.51
C LEU A 386 -1.99 19.81 -4.20
N GLU A 387 -0.84 20.00 -3.56
CA GLU A 387 -0.58 19.31 -2.29
C GLU A 387 -1.57 19.72 -1.22
N LYS A 388 -1.90 21.01 -1.14
CA LYS A 388 -2.87 21.47 -0.15
C LYS A 388 -4.28 21.10 -0.53
N ALA A 389 -4.60 21.07 -1.82
CA ALA A 389 -5.95 20.74 -2.28
C ALA A 389 -6.27 19.26 -2.15
N ILE A 390 -5.26 18.39 -2.06
CA ILE A 390 -5.51 16.97 -1.90
C ILE A 390 -6.01 16.66 -0.49
N GLY A 391 -5.88 17.59 0.44
CA GLY A 391 -6.30 17.36 1.81
C GLY A 391 -7.70 17.86 2.10
N LEU A 392 -8.63 16.92 2.30
CA LEU A 392 -10.01 17.23 2.69
C LEU A 392 -10.35 16.45 3.94
N ALA A 393 -11.51 16.79 4.53
CA ALA A 393 -11.99 16.03 5.67
C ALA A 393 -12.28 14.59 5.29
N VAL A 394 -12.91 14.38 4.13
CA VAL A 394 -13.20 13.02 3.68
C VAL A 394 -11.93 12.32 3.20
N SER A 395 -11.02 13.07 2.58
CA SER A 395 -9.87 12.45 1.90
C SER A 395 -8.97 11.72 2.89
N ARG A 396 -8.55 12.40 3.95
CA ARG A 396 -7.63 11.79 4.91
C ARG A 396 -8.11 11.92 6.35
N MET A 397 -8.77 13.04 6.65
CA MET A 397 -9.13 13.35 8.03
C MET A 397 -10.22 12.41 8.54
N ALA A 398 -10.31 12.32 9.86
CA ALA A 398 -11.33 11.51 10.52
C ALA A 398 -11.54 12.06 11.92
N ALA A 399 -12.70 11.74 12.49
CA ALA A 399 -13.06 12.19 13.83
C ALA A 399 -12.79 11.06 14.82
N VAL A 400 -11.90 11.30 15.77
CA VAL A 400 -11.54 10.32 16.79
C VAL A 400 -11.68 10.98 18.15
N CYS A 401 -12.33 10.29 19.08
CA CYS A 401 -12.57 10.80 20.42
C CYS A 401 -11.62 10.12 21.40
N ILE A 402 -10.87 10.93 22.15
CA ILE A 402 -9.95 10.39 23.14
C ILE A 402 -10.75 9.70 24.25
N MET A 403 -10.33 8.48 24.60
CA MET A 403 -11.02 7.68 25.60
C MET A 403 -10.42 7.86 26.99
N GLU A 404 -9.10 7.75 27.12
CA GLU A 404 -8.43 7.91 28.39
C GLU A 404 -7.07 8.55 28.18
N VAL A 405 -6.71 9.49 29.04
CA VAL A 405 -5.42 10.15 29.00
C VAL A 405 -4.79 10.04 30.38
N ASN A 406 -3.53 9.58 30.43
CA ASN A 406 -2.80 9.42 31.67
C ASN A 406 -1.44 10.08 31.53
N LEU A 407 -1.02 10.79 32.56
CA LEU A 407 0.27 11.48 32.56
C LEU A 407 1.29 10.69 33.36
N LEU A 408 2.42 10.38 32.73
CA LEU A 408 3.52 9.65 33.33
C LEU A 408 4.66 10.61 33.68
N PRO A 409 5.55 10.21 34.58
CA PRO A 409 6.64 11.11 34.99
C PRO A 409 7.52 11.51 33.81
N SER A 410 8.34 12.54 34.06
CA SER A 410 9.21 13.15 33.05
C SER A 410 8.43 13.80 31.93
N LYS A 411 7.24 14.33 32.25
CA LYS A 411 6.46 15.17 31.35
C LYS A 411 6.12 14.46 30.05
N VAL A 412 5.86 13.16 30.12
CA VAL A 412 5.43 12.38 28.97
C VAL A 412 3.94 12.10 29.13
N THR A 413 3.17 12.38 28.08
CA THR A 413 1.73 12.20 28.09
C THR A 413 1.37 10.97 27.28
N HIS A 414 0.50 10.13 27.84
CA HIS A 414 0.06 8.90 27.22
C HIS A 414 -1.41 9.03 26.86
N LEU A 415 -1.73 8.79 25.59
CA LEU A 415 -3.09 8.93 25.09
C LEU A 415 -3.63 7.57 24.65
N LEU A 416 -4.92 7.37 24.86
CA LEU A 416 -5.63 6.15 24.47
C LEU A 416 -6.81 6.58 23.59
N ILE A 417 -6.57 6.72 22.30
CA ILE A 417 -7.60 7.13 21.36
C ILE A 417 -8.31 5.89 20.82
N LYS A 418 -9.62 6.00 20.64
CA LYS A 418 -10.41 4.87 20.16
C LYS A 418 -10.05 4.54 18.72
N ARG A 419 -9.96 3.25 18.42
CA ARG A 419 -9.59 2.81 17.09
C ARG A 419 -10.77 2.96 16.14
N PRO A 420 -10.62 3.65 15.01
CA PRO A 420 -11.72 3.75 14.06
C PRO A 420 -12.03 2.40 13.45
N PRO A 421 -13.27 2.17 13.01
CA PRO A 421 -13.62 0.84 12.48
C PRO A 421 -12.78 0.38 11.31
N PHE A 422 -12.40 1.29 10.42
CA PHE A 422 -11.61 0.96 9.24
C PHE A 422 -10.22 1.58 9.41
N PHE A 423 -9.32 0.84 10.05
CA PHE A 423 -7.95 1.31 10.25
C PHE A 423 -7.04 0.08 10.35
N HIS A 424 -6.39 -0.26 9.25
CA HIS A 424 -5.38 -1.31 9.22
C HIS A 424 -4.02 -0.66 9.02
N TYR A 425 -3.12 -0.85 9.97
CA TYR A 425 -1.83 -0.17 9.96
C TYR A 425 -0.73 -1.14 10.32
N ARG A 426 0.38 -1.07 9.59
CA ARG A 426 1.56 -1.84 9.93
C ARG A 426 2.21 -1.27 11.19
N PRO A 427 2.89 -2.10 11.97
CA PRO A 427 3.56 -1.58 13.17
C PRO A 427 4.67 -0.61 12.82
N GLY A 428 4.86 0.39 13.69
CA GLY A 428 5.88 1.40 13.49
C GLY A 428 5.44 2.61 12.69
N ASP A 429 4.22 2.62 12.18
CA ASP A 429 3.74 3.77 11.43
C ASP A 429 3.41 4.93 12.38
N TYR A 430 3.28 6.12 11.80
CA TYR A 430 3.03 7.34 12.56
C TYR A 430 1.76 8.01 12.07
N LEU A 431 1.29 8.97 12.86
CA LEU A 431 0.10 9.74 12.52
C LEU A 431 0.24 11.14 13.10
N TYR A 432 -0.55 12.07 12.56
CA TYR A 432 -0.51 13.48 12.95
C TYR A 432 -1.71 13.79 13.83
N LEU A 433 -1.45 14.21 15.07
CA LEU A 433 -2.50 14.56 16.00
C LEU A 433 -2.77 16.06 15.96
N ASN A 434 -3.99 16.44 16.31
CA ASN A 434 -4.41 17.84 16.25
C ASN A 434 -5.58 18.04 17.22
N ILE A 435 -5.33 18.72 18.32
CA ILE A 435 -6.33 18.97 19.35
C ILE A 435 -6.80 20.41 19.20
N PRO A 436 -8.09 20.64 18.88
CA PRO A 436 -8.57 22.02 18.74
C PRO A 436 -8.40 22.85 20.01
N THR A 437 -8.49 22.23 21.18
CA THR A 437 -8.40 23.00 22.43
C THR A 437 -7.04 23.64 22.58
N ILE A 438 -5.97 22.92 22.25
CA ILE A 438 -4.62 23.46 22.39
C ILE A 438 -4.28 24.37 21.23
N ALA A 439 -4.26 23.83 20.01
CA ALA A 439 -3.97 24.60 18.81
C ALA A 439 -5.03 24.28 17.76
N ARG A 440 -5.68 25.32 17.22
CA ARG A 440 -6.84 25.11 16.37
C ARG A 440 -6.43 24.51 15.02
N TYR A 441 -5.31 24.96 14.46
CA TYR A 441 -4.90 24.55 13.12
C TYR A 441 -3.42 24.17 13.08
N GLU A 442 -2.94 23.44 14.07
CA GLU A 442 -1.56 22.95 14.09
C GLU A 442 -1.52 21.43 14.05
N TRP A 443 -0.54 20.90 13.34
CA TRP A 443 -0.41 19.46 13.13
C TRP A 443 1.01 19.02 13.48
N HIS A 444 1.13 17.93 14.22
CA HIS A 444 2.42 17.38 14.60
C HIS A 444 2.42 15.86 14.47
N PRO A 445 3.52 15.27 13.99
CA PRO A 445 3.54 13.82 13.81
C PRO A 445 3.87 13.08 15.11
N PHE A 446 3.14 12.00 15.35
CA PHE A 446 3.38 11.13 16.48
C PHE A 446 3.40 9.68 16.01
N THR A 447 4.24 8.87 16.65
CA THR A 447 4.42 7.48 16.27
C THR A 447 3.53 6.59 17.13
N ILE A 448 2.87 5.63 16.48
CA ILE A 448 1.95 4.74 17.19
C ILE A 448 2.75 3.83 18.11
N SER A 449 2.34 3.79 19.38
CA SER A 449 2.98 2.94 20.38
C SER A 449 2.04 1.83 20.85
N SER A 450 1.21 1.32 19.94
CA SER A 450 0.31 0.22 20.22
C SER A 450 0.36 -0.78 19.08
N ALA A 451 0.31 -2.06 19.41
CA ALA A 451 0.40 -3.10 18.40
C ALA A 451 -0.80 -3.05 17.47
N PRO A 452 -0.61 -3.39 16.19
CA PRO A 452 -1.76 -3.43 15.26
C PRO A 452 -2.81 -4.45 15.63
N GLU A 453 -2.46 -5.45 16.44
CA GLU A 453 -3.41 -6.48 16.85
C GLU A 453 -4.31 -6.04 17.99
N GLN A 454 -4.14 -4.82 18.50
CA GLN A 454 -5.00 -4.28 19.55
C GLN A 454 -6.20 -3.61 18.89
N LYS A 455 -7.37 -4.24 19.01
CA LYS A 455 -8.57 -3.76 18.33
C LYS A 455 -9.33 -2.70 19.12
N ASP A 456 -8.95 -2.44 20.37
CA ASP A 456 -9.72 -1.54 21.23
C ASP A 456 -9.31 -0.08 21.05
N THR A 457 -8.05 0.24 21.31
CA THR A 457 -7.57 1.61 21.21
C THR A 457 -6.18 1.64 20.58
N ILE A 458 -5.83 2.79 20.01
CA ILE A 458 -4.53 3.04 19.43
C ILE A 458 -3.80 4.03 20.32
N TRP A 459 -2.60 3.67 20.76
CA TRP A 459 -1.85 4.49 21.69
C TRP A 459 -1.03 5.55 20.95
N LEU A 460 -0.65 6.59 21.71
CA LEU A 460 0.29 7.59 21.25
C LEU A 460 1.11 8.05 22.44
N HIS A 461 2.42 8.17 22.27
CA HIS A 461 3.31 8.59 23.35
C HIS A 461 4.03 9.85 22.91
N ILE A 462 3.94 10.89 23.74
CA ILE A 462 4.47 12.22 23.43
C ILE A 462 5.33 12.69 24.58
N ARG A 463 6.55 13.10 24.28
CA ARG A 463 7.47 13.65 25.27
C ARG A 463 7.54 15.17 25.12
N SER A 464 7.51 15.86 26.26
CA SER A 464 7.44 17.32 26.25
C SER A 464 8.78 17.93 25.84
N GLN A 465 9.06 17.94 24.54
CA GLN A 465 10.31 18.46 24.01
C GLN A 465 10.15 19.80 23.32
N GLY A 466 9.01 20.48 23.53
CA GLY A 466 8.77 21.75 22.89
C GLY A 466 7.76 22.61 23.63
N GLN A 467 6.95 23.35 22.88
CA GLN A 467 5.90 24.19 23.46
C GLN A 467 4.52 23.54 23.37
N TRP A 468 4.14 23.07 22.17
CA TRP A 468 2.80 22.49 21.99
C TRP A 468 2.63 21.25 22.84
N THR A 469 3.63 20.37 22.85
CA THR A 469 3.59 19.20 23.73
C THR A 469 3.60 19.62 25.20
N ASN A 470 4.44 20.60 25.54
CA ASN A 470 4.42 21.15 26.90
C ASN A 470 3.08 21.79 27.20
N ARG A 471 2.46 22.43 26.20
CA ARG A 471 1.14 23.00 26.41
C ARG A 471 0.11 21.91 26.71
N LEU A 472 0.18 20.80 25.99
CA LEU A 472 -0.72 19.67 26.27
C LEU A 472 -0.51 19.14 27.68
N TYR A 473 0.75 18.98 28.08
CA TYR A 473 1.04 18.48 29.43
C TYR A 473 0.52 19.43 30.49
N GLU A 474 0.73 20.73 30.32
CA GLU A 474 0.24 21.72 31.28
C GLU A 474 -1.28 21.72 31.34
N SER A 475 -1.93 21.65 30.18
CA SER A 475 -3.39 21.68 30.15
C SER A 475 -3.98 20.45 30.83
N PHE A 476 -3.41 19.28 30.58
CA PHE A 476 -3.92 18.07 31.22
C PHE A 476 -3.43 17.90 32.65
N LYS A 477 -2.49 18.72 33.10
CA LYS A 477 -2.11 18.69 34.51
C LYS A 477 -3.27 19.10 35.40
N ALA A 478 -4.01 20.13 35.01
CA ALA A 478 -5.14 20.61 35.79
C ALA A 478 -6.23 21.18 34.88
N CYS A 515 -12.03 12.35 30.24
CA CYS A 515 -11.83 13.38 29.24
C CYS A 515 -12.38 12.95 27.88
N ASN A 516 -13.14 13.84 27.24
CA ASN A 516 -13.70 13.58 25.90
C ASN A 516 -13.53 14.87 25.09
N ILE A 517 -12.39 14.98 24.40
CA ILE A 517 -12.08 16.13 23.57
C ILE A 517 -11.81 15.65 22.16
N LYS A 518 -12.14 16.50 21.18
CA LYS A 518 -12.01 16.11 19.78
C LYS A 518 -10.54 15.92 19.41
N CYS A 519 -10.29 14.90 18.61
CA CYS A 519 -8.96 14.63 18.06
C CYS A 519 -9.11 14.17 16.61
N TYR A 520 -8.14 14.56 15.78
CA TYR A 520 -8.18 14.25 14.36
C TYR A 520 -6.90 13.54 13.98
N ILE A 521 -7.02 12.35 13.41
CA ILE A 521 -5.88 11.56 12.96
C ILE A 521 -5.98 11.40 11.45
N ASP A 522 -4.82 11.30 10.79
CA ASP A 522 -4.76 11.22 9.32
C ASP A 522 -3.88 10.03 8.91
N GLY A 523 -4.48 8.85 8.86
CA GLY A 523 -3.89 7.69 8.23
C GLY A 523 -2.61 7.20 8.87
N PRO A 524 -2.20 5.99 8.50
CA PRO A 524 -0.84 5.53 8.84
C PRO A 524 0.14 5.76 7.70
N TYR A 525 1.32 6.27 8.05
CA TYR A 525 2.43 6.39 7.12
C TYR A 525 3.69 5.85 7.77
N GLY A 526 4.59 5.34 6.95
CA GLY A 526 5.86 4.84 7.45
C GLY A 526 6.40 3.73 6.57
N THR A 527 7.66 3.40 6.81
CA THR A 527 8.31 2.35 6.06
C THR A 527 7.66 0.99 6.37
N PRO A 528 7.45 0.15 5.37
CA PRO A 528 6.91 -1.18 5.63
C PRO A 528 7.85 -1.99 6.53
N THR A 529 7.24 -2.78 7.43
CA THR A 529 7.99 -3.59 8.37
C THR A 529 7.90 -5.08 8.04
N ARG A 530 7.42 -5.44 6.85
CA ARG A 530 7.33 -6.84 6.48
C ARG A 530 8.71 -7.50 6.37
N ARG A 531 9.75 -6.71 6.14
CA ARG A 531 11.09 -7.29 6.03
C ARG A 531 11.57 -7.87 7.35
N ILE A 532 11.18 -7.29 8.48
CA ILE A 532 11.60 -7.79 9.78
C ILE A 532 10.96 -9.15 10.05
N PHE A 533 9.66 -9.26 9.82
CA PHE A 533 8.97 -10.53 10.07
C PHE A 533 9.36 -11.59 9.04
N ALA A 534 9.58 -11.17 7.79
CA ALA A 534 10.04 -12.09 6.75
C ALA A 534 11.56 -12.22 6.77
N SER A 535 12.10 -12.55 7.94
CA SER A 535 13.54 -12.70 8.12
C SER A 535 13.77 -13.78 9.17
N GLU A 536 15.05 -14.03 9.48
CA GLU A 536 15.45 -14.99 10.49
C GLU A 536 16.40 -14.31 11.46
N HIS A 537 16.02 -14.27 12.73
CA HIS A 537 16.79 -13.64 13.80
C HIS A 537 17.21 -12.22 13.41
N ALA A 538 16.20 -11.37 13.20
CA ALA A 538 16.43 -9.96 12.90
C ALA A 538 16.60 -9.21 14.21
N VAL A 539 17.84 -8.84 14.52
CA VAL A 539 18.15 -8.16 15.77
C VAL A 539 17.89 -6.67 15.61
N LEU A 540 17.25 -6.08 16.62
CA LEU A 540 16.91 -4.67 16.62
C LEU A 540 17.83 -3.92 17.58
N ILE A 541 18.38 -2.81 17.11
CA ILE A 541 19.31 -1.99 17.89
C ILE A 541 18.65 -0.63 18.11
N GLY A 542 18.53 -0.24 19.38
CA GLY A 542 17.87 0.99 19.75
C GLY A 542 18.86 2.14 19.91
N ALA A 543 18.62 3.19 19.14
CA ALA A 543 19.44 4.40 19.22
C ALA A 543 18.62 5.57 18.70
N GLY A 544 19.09 6.78 18.99
CA GLY A 544 18.34 7.96 18.66
C GLY A 544 17.23 8.23 19.65
N ILE A 545 16.38 9.19 19.30
CA ILE A 545 15.27 9.57 20.18
C ILE A 545 13.94 8.96 19.73
N GLY A 546 13.82 8.51 18.48
CA GLY A 546 12.59 7.92 18.00
C GLY A 546 12.51 6.43 18.23
N ILE A 547 12.51 6.02 19.50
CA ILE A 547 12.47 4.60 19.85
C ILE A 547 11.03 4.16 20.08
N THR A 548 10.09 5.06 19.79
CA THR A 548 8.68 4.71 19.92
C THR A 548 8.26 3.55 19.02
N PRO A 549 8.62 3.51 17.73
CA PRO A 549 8.18 2.38 16.89
C PRO A 549 8.72 1.04 17.34
N PHE A 550 9.84 1.01 18.08
CA PHE A 550 10.37 -0.25 18.55
C PHE A 550 9.43 -0.92 19.55
N ALA A 551 8.73 -0.12 20.36
CA ALA A 551 7.74 -0.69 21.26
C ALA A 551 6.61 -1.35 20.48
N SER A 552 6.15 -0.70 19.41
CA SER A 552 5.12 -1.29 18.57
C SER A 552 5.60 -2.59 17.94
N ILE A 553 6.84 -2.59 17.43
CA ILE A 553 7.38 -3.79 16.80
C ILE A 553 7.49 -4.93 17.82
N LEU A 554 7.98 -4.63 19.02
CA LEU A 554 8.10 -5.66 20.05
C LEU A 554 6.74 -6.20 20.45
N GLN A 555 5.75 -5.32 20.61
CA GLN A 555 4.41 -5.78 20.98
C GLN A 555 3.82 -6.66 19.88
N SER A 556 3.99 -6.27 18.62
CA SER A 556 3.48 -7.08 17.53
C SER A 556 4.16 -8.45 17.48
N ILE A 557 5.48 -8.48 17.68
CA ILE A 557 6.20 -9.74 17.61
C ILE A 557 5.80 -10.65 18.77
N MET A 558 5.67 -10.09 19.97
CA MET A 558 5.19 -10.88 21.10
C MET A 558 3.79 -11.42 20.86
N TYR A 559 2.89 -10.58 20.32
CA TYR A 559 1.52 -11.03 20.10
C TYR A 559 1.47 -12.14 19.05
N ARG A 560 2.23 -12.00 17.97
CA ARG A 560 2.24 -13.04 16.94
C ARG A 560 2.90 -14.32 17.46
N HIS A 561 3.93 -14.19 18.30
CA HIS A 561 4.55 -15.37 18.91
C HIS A 561 3.58 -16.11 19.80
N GLN A 562 2.77 -15.40 20.59
CA GLN A 562 1.85 -16.04 21.50
C GLN A 562 0.64 -16.61 20.76
N LYS A 563 0.30 -16.06 19.60
CA LYS A 563 -0.85 -16.54 18.85
C LYS A 563 -0.63 -17.94 18.30
N ARG A 564 0.62 -18.38 18.17
CA ARG A 564 0.91 -19.73 17.70
C ARG A 564 1.11 -20.72 18.86
N LYS A 565 0.93 -20.28 20.10
CA LYS A 565 0.97 -21.17 21.25
C LYS A 565 -0.40 -21.82 21.39
N HIS A 566 -0.61 -22.87 20.60
CA HIS A 566 -1.91 -23.53 20.51
C HIS A 566 -2.02 -24.61 21.59
N THR A 567 -3.13 -24.57 22.34
CA THR A 567 -3.39 -25.54 23.40
C THR A 567 -4.71 -26.25 23.11
N CYS A 568 -4.70 -27.56 23.25
CA CYS A 568 -5.91 -28.36 23.00
C CYS A 568 -6.84 -28.25 24.20
N PRO A 569 -8.09 -27.78 24.02
CA PRO A 569 -9.01 -27.73 25.16
C PRO A 569 -9.35 -29.09 25.74
N SER A 570 -9.39 -30.13 24.90
CA SER A 570 -9.81 -31.45 25.36
C SER A 570 -8.85 -32.02 26.40
N CYS A 571 -7.61 -32.26 26.00
CA CYS A 571 -6.63 -32.94 26.85
C CYS A 571 -5.63 -31.98 27.48
N GLN A 572 -5.84 -30.67 27.35
CA GLN A 572 -4.96 -29.65 27.94
C GLN A 572 -3.53 -29.79 27.45
N HIS A 573 -3.34 -30.20 26.20
CA HIS A 573 -2.02 -30.32 25.60
C HIS A 573 -1.75 -29.11 24.72
N SER A 574 -0.62 -28.45 24.94
CA SER A 574 -0.21 -27.29 24.17
C SER A 574 0.99 -27.66 23.32
N TRP A 575 0.87 -27.48 22.01
CA TRP A 575 1.98 -27.69 21.09
C TRP A 575 2.15 -26.45 20.22
N ILE A 576 3.40 -26.06 20.01
CA ILE A 576 3.72 -24.86 19.25
C ILE A 576 3.77 -25.22 17.77
N GLU A 577 3.00 -24.52 16.96
CA GLU A 577 3.04 -24.70 15.52
C GLU A 577 4.17 -23.89 14.91
N GLY A 578 4.56 -24.26 13.70
CA GLY A 578 5.60 -23.56 12.99
C GLY A 578 5.12 -22.22 12.46
N VAL A 579 6.01 -21.57 11.72
CA VAL A 579 5.70 -20.27 11.13
C VAL A 579 4.59 -20.43 10.10
N GLN A 580 3.58 -19.55 10.18
CA GLN A 580 2.40 -19.64 9.32
C GLN A 580 2.12 -18.27 8.69
N ASP A 581 2.79 -18.00 7.57
CA ASP A 581 2.43 -16.91 6.66
C ASP A 581 2.46 -15.53 7.29
N ASN A 582 2.91 -15.42 8.53
CA ASN A 582 2.94 -14.15 9.24
C ASN A 582 4.36 -13.66 9.51
N MET A 583 5.19 -14.48 10.14
CA MET A 583 6.58 -14.14 10.42
C MET A 583 7.42 -15.40 10.28
N LYS A 584 8.73 -15.19 10.11
CA LYS A 584 9.67 -16.29 9.96
C LYS A 584 10.79 -16.22 10.99
N LEU A 585 10.64 -15.40 12.03
CA LEU A 585 11.66 -15.24 13.05
C LEU A 585 11.57 -16.35 14.09
N HIS A 586 12.74 -16.76 14.60
CA HIS A 586 12.82 -17.68 15.72
C HIS A 586 13.38 -17.05 16.98
N LYS A 587 14.04 -15.90 16.87
CA LYS A 587 14.66 -15.24 18.01
C LYS A 587 14.87 -13.77 17.66
N VAL A 588 14.60 -12.88 18.62
CA VAL A 588 14.80 -11.46 18.44
C VAL A 588 15.63 -10.94 19.60
N ASP A 589 16.61 -10.09 19.30
CA ASP A 589 17.50 -9.52 20.29
C ASP A 589 17.33 -8.01 20.28
N PHE A 590 17.10 -7.44 21.47
CA PHE A 590 16.88 -6.01 21.64
C PHE A 590 18.07 -5.42 22.37
N ILE A 591 18.70 -4.41 21.77
CA ILE A 591 19.86 -3.74 22.35
C ILE A 591 19.58 -2.25 22.33
N TRP A 592 19.66 -1.61 23.50
CA TRP A 592 19.27 -0.21 23.66
C TRP A 592 20.49 0.60 24.06
N ILE A 593 20.92 1.51 23.17
CA ILE A 593 22.12 2.31 23.40
C ILE A 593 21.69 3.76 23.23
N ASN A 594 21.28 4.41 24.32
CA ASN A 594 20.76 5.76 24.21
C ASN A 594 21.29 6.58 25.39
N ARG A 595 20.98 7.87 25.39
CA ARG A 595 21.56 8.79 26.37
C ARG A 595 21.19 8.41 27.79
N ASP A 596 19.93 8.08 28.03
CA ASP A 596 19.44 7.79 29.38
C ASP A 596 18.08 7.14 29.27
N GLN A 597 17.44 6.93 30.42
CA GLN A 597 16.04 6.53 30.52
C GLN A 597 15.22 7.64 31.18
N ARG A 598 15.65 8.88 30.95
CA ARG A 598 15.10 10.00 31.71
C ARG A 598 13.60 10.18 31.45
N SER A 599 13.19 10.09 30.19
CA SER A 599 11.79 10.30 29.83
C SER A 599 11.10 9.03 29.34
N PHE A 600 11.83 7.95 29.10
CA PHE A 600 11.25 6.74 28.53
C PHE A 600 10.85 5.74 29.62
N GLU A 601 10.10 6.20 30.62
CA GLU A 601 9.60 5.28 31.64
C GLU A 601 8.47 4.41 31.09
N TRP A 602 7.66 4.97 30.19
CA TRP A 602 6.67 4.19 29.47
C TRP A 602 7.33 3.04 28.71
N PHE A 603 8.39 3.37 27.96
CA PHE A 603 9.05 2.36 27.14
C PHE A 603 9.75 1.32 28.00
N VAL A 604 10.40 1.75 29.09
CA VAL A 604 11.03 0.80 30.00
C VAL A 604 9.98 -0.13 30.61
N SER A 605 8.85 0.43 31.04
CA SER A 605 7.80 -0.41 31.61
C SER A 605 7.27 -1.40 30.58
N LEU A 606 7.06 -0.96 29.34
CA LEU A 606 6.54 -1.85 28.31
C LEU A 606 7.52 -2.97 27.99
N LEU A 607 8.81 -2.65 27.86
CA LEU A 607 9.78 -3.70 27.54
C LEU A 607 9.92 -4.67 28.71
N THR A 608 9.88 -4.16 29.94
CA THR A 608 9.94 -5.05 31.11
C THR A 608 8.70 -5.96 31.15
N LYS A 609 7.53 -5.41 30.84
CA LYS A 609 6.31 -6.20 30.81
C LYS A 609 6.41 -7.32 29.79
N LEU A 610 6.83 -6.99 28.56
CA LEU A 610 6.98 -8.01 27.54
C LEU A 610 8.03 -9.05 27.94
N GLU A 611 9.10 -8.60 28.59
CA GLU A 611 10.17 -9.53 28.97
C GLU A 611 9.67 -10.55 29.98
N MET A 612 9.03 -10.12 31.07
CA MET A 612 8.63 -11.19 31.99
C MET A 612 7.37 -11.88 31.51
N ASP A 613 6.66 -11.33 30.51
CA ASP A 613 5.61 -12.09 29.86
C ASP A 613 6.17 -13.24 29.06
N GLN A 614 7.33 -13.04 28.42
CA GLN A 614 8.01 -14.10 27.70
C GLN A 614 9.04 -14.83 28.54
N ALA A 615 9.27 -14.39 29.78
CA ALA A 615 10.24 -15.08 30.64
C ALA A 615 9.73 -16.43 31.11
N GLU A 616 8.40 -16.60 31.19
CA GLU A 616 7.82 -17.89 31.56
C GLU A 616 8.01 -18.94 30.48
N GLU A 617 8.48 -18.56 29.30
CA GLU A 617 8.67 -19.47 28.19
C GLU A 617 10.13 -19.65 27.80
N ALA A 618 11.06 -19.09 28.59
CA ALA A 618 12.47 -19.14 28.25
C ALA A 618 13.18 -20.39 28.78
N GLN A 619 12.50 -21.22 29.57
CA GLN A 619 13.15 -22.41 30.10
C GLN A 619 13.50 -23.39 28.99
N TYR A 620 12.60 -23.60 28.04
CA TYR A 620 12.90 -24.45 26.90
C TYR A 620 13.62 -23.70 25.78
N GLY A 621 13.31 -22.42 25.61
CA GLY A 621 14.00 -21.60 24.64
C GLY A 621 13.66 -20.14 24.78
N ARG A 622 14.68 -19.28 24.87
CA ARG A 622 14.46 -17.85 24.99
C ARG A 622 14.05 -17.25 23.66
N PHE A 623 13.15 -16.28 23.69
CA PHE A 623 12.64 -15.63 22.49
C PHE A 623 13.04 -14.17 22.37
N LEU A 624 13.13 -13.44 23.48
CA LEU A 624 13.49 -12.03 23.46
C LEU A 624 14.62 -11.80 24.45
N GLU A 625 15.68 -11.13 23.99
CA GLU A 625 16.80 -10.75 24.84
C GLU A 625 16.88 -9.23 24.91
N LEU A 626 17.16 -8.72 26.11
CA LEU A 626 17.25 -7.28 26.34
C LEU A 626 18.69 -6.93 26.70
N HIS A 627 19.23 -5.93 26.01
CA HIS A 627 20.57 -5.40 26.28
C HIS A 627 20.43 -3.89 26.46
N MET A 628 20.24 -3.46 27.71
CA MET A 628 20.00 -2.07 28.04
C MET A 628 21.29 -1.43 28.51
N TYR A 629 21.72 -0.37 27.83
CA TYR A 629 22.98 0.30 28.11
C TYR A 629 22.72 1.77 28.41
N MET A 630 23.64 2.36 29.17
CA MET A 630 23.62 3.78 29.49
C MET A 630 24.80 4.55 28.92
N THR A 631 26.00 4.00 29.03
CA THR A 631 27.26 4.61 28.60
C THR A 631 27.52 5.96 29.28
N SER A 632 26.73 6.31 30.29
CA SER A 632 26.95 7.53 31.06
C SER A 632 26.77 7.31 32.56
N ALA A 633 26.41 6.11 33.00
CA ALA A 633 26.26 5.82 34.41
C ALA A 633 27.62 5.52 35.04
N LEU A 634 27.61 5.29 36.34
CA LEU A 634 28.84 5.01 37.08
C LEU A 634 29.18 3.53 37.05
N LYS A 640 33.54 -0.34 37.70
CA LYS A 640 33.66 1.07 37.35
C LYS A 640 34.66 1.77 38.26
N ALA A 641 34.22 2.87 38.88
CA ALA A 641 35.08 3.65 39.77
C ALA A 641 34.62 3.63 41.22
N ILE A 642 33.34 3.39 41.49
CA ILE A 642 32.81 3.33 42.85
C ILE A 642 32.07 2.00 43.00
N GLY A 643 32.33 1.30 44.10
CA GLY A 643 31.78 -0.02 44.30
C GLY A 643 30.30 -0.06 44.66
N LEU A 644 29.48 0.69 43.92
CA LEU A 644 28.04 0.64 44.12
C LEU A 644 27.44 -0.65 43.57
N GLN A 645 27.99 -1.18 42.48
CA GLN A 645 27.48 -2.41 41.89
C GLN A 645 27.64 -3.61 42.80
N MET A 646 28.51 -3.52 43.80
CA MET A 646 28.66 -4.62 44.76
C MET A 646 27.35 -4.86 45.51
N ALA A 647 26.67 -3.79 45.90
CA ALA A 647 25.39 -3.92 46.59
C ALA A 647 24.35 -4.59 45.69
N LEU A 648 24.29 -4.19 44.42
CA LEU A 648 23.32 -4.76 43.50
C LEU A 648 23.67 -6.16 43.03
N ASP A 649 24.93 -6.58 43.18
CA ASP A 649 25.31 -7.93 42.76
C ASP A 649 24.50 -8.99 43.49
N LEU A 650 24.36 -8.85 44.81
CA LEU A 650 23.50 -9.77 45.57
C LEU A 650 22.02 -9.47 45.37
N LEU A 651 21.65 -8.21 45.18
CA LEU A 651 20.25 -7.84 45.01
C LEU A 651 19.66 -8.46 43.75
N ALA A 652 20.45 -8.56 42.68
CA ALA A 652 19.94 -9.09 41.42
C ALA A 652 19.44 -10.52 41.58
N ASN A 653 20.22 -11.37 42.25
CA ASN A 653 19.80 -12.74 42.50
C ASN A 653 18.89 -12.87 43.71
N LYS A 654 18.82 -11.84 44.56
CA LYS A 654 17.94 -11.92 45.73
C LYS A 654 16.47 -12.03 45.32
N GLU A 655 16.05 -11.25 44.33
CA GLU A 655 14.67 -11.24 43.88
C GLU A 655 14.54 -11.56 42.40
N LYS A 656 15.59 -12.07 41.76
CA LYS A 656 15.60 -12.43 40.34
C LYS A 656 15.27 -11.25 39.43
N LYS A 657 15.48 -10.02 39.93
CA LYS A 657 15.20 -8.83 39.13
C LYS A 657 16.02 -7.67 39.70
N ASP A 658 16.53 -6.82 38.81
CA ASP A 658 17.28 -5.66 39.24
C ASP A 658 16.39 -4.69 40.01
N SER A 659 16.89 -4.22 41.15
CA SER A 659 16.11 -3.32 41.98
C SER A 659 15.84 -1.99 41.29
N ILE A 660 16.74 -1.56 40.40
CA ILE A 660 16.55 -0.30 39.71
C ILE A 660 15.53 -0.38 38.59
N THR A 661 15.16 -1.59 38.15
CA THR A 661 14.24 -1.76 37.04
C THR A 661 13.15 -2.80 37.28
N GLY A 662 13.34 -3.76 38.18
CA GLY A 662 12.39 -4.85 38.31
C GLY A 662 12.37 -5.72 37.08
N LEU A 663 13.54 -6.06 36.54
CA LEU A 663 13.66 -6.74 35.26
C LEU A 663 14.79 -7.76 35.33
N GLN A 664 14.71 -8.76 34.46
CA GLN A 664 15.81 -9.73 34.37
C GLN A 664 17.11 -9.05 33.98
N THR A 665 17.05 -8.13 33.03
CA THR A 665 18.22 -7.32 32.69
C THR A 665 18.54 -6.36 33.83
N ARG A 666 19.82 -6.21 34.13
CA ARG A 666 20.28 -5.35 35.22
C ARG A 666 20.92 -4.05 34.74
N THR A 667 20.67 -3.66 33.49
CA THR A 667 21.11 -2.38 32.94
C THR A 667 22.64 -2.25 33.00
N GLN A 668 23.30 -3.09 32.21
CA GLN A 668 24.76 -3.04 32.10
C GLN A 668 25.17 -1.86 31.21
N PRO A 669 26.11 -1.02 31.66
CA PRO A 669 26.68 -0.01 30.78
C PRO A 669 27.81 -0.56 29.91
N GLY A 670 28.46 0.30 29.14
CA GLY A 670 29.54 -0.12 28.27
C GLY A 670 29.35 0.25 26.81
N ARG A 671 30.12 1.24 26.35
CA ARG A 671 29.97 1.82 25.02
C ARG A 671 30.47 0.90 23.91
N PRO A 672 31.76 0.59 23.85
CA PRO A 672 32.27 -0.19 22.71
C PRO A 672 32.07 -1.68 22.85
N ASP A 673 32.05 -2.19 24.09
CA ASP A 673 31.79 -3.61 24.29
C ASP A 673 30.42 -4.01 23.78
N TRP A 674 29.45 -3.09 23.77
CA TRP A 674 28.16 -3.38 23.15
C TRP A 674 28.30 -3.63 21.66
N SER A 675 29.11 -2.82 20.98
CA SER A 675 29.36 -3.04 19.55
C SER A 675 30.10 -4.36 19.33
N LYS A 676 31.06 -4.67 20.21
CA LYS A 676 31.77 -5.96 20.11
C LYS A 676 30.81 -7.13 20.29
N VAL A 677 29.88 -7.04 21.24
CA VAL A 677 28.90 -8.10 21.44
C VAL A 677 27.96 -8.18 20.25
N PHE A 678 27.61 -7.05 19.65
CA PHE A 678 26.82 -7.05 18.43
C PHE A 678 27.56 -7.79 17.32
N GLN A 679 28.88 -7.63 17.26
CA GLN A 679 29.68 -8.43 16.34
C GLN A 679 29.62 -9.91 16.71
N LYS A 680 29.66 -10.21 18.01
CA LYS A 680 29.66 -11.58 18.50
C LYS A 680 28.26 -12.07 18.87
N VAL A 681 27.22 -11.55 18.23
CA VAL A 681 25.85 -11.98 18.51
C VAL A 681 25.58 -13.33 17.88
N GLU A 684 25.24 -17.75 18.68
CA GLU A 684 23.81 -18.04 18.48
C GLU A 684 23.33 -17.55 17.13
N LYS A 685 22.63 -18.42 16.41
CA LYS A 685 22.09 -18.09 15.09
C LYS A 685 20.92 -19.02 14.82
N LYS A 686 19.72 -18.45 14.70
CA LYS A 686 18.51 -19.22 14.45
C LYS A 686 18.13 -19.24 12.97
N GLY A 687 19.01 -18.76 12.10
CA GLY A 687 18.73 -18.73 10.67
C GLY A 687 19.64 -17.74 9.98
N LYS A 688 19.17 -17.22 8.84
CA LYS A 688 19.90 -16.18 8.14
C LYS A 688 19.79 -14.87 8.91
N VAL A 689 20.74 -14.63 9.82
CA VAL A 689 20.63 -13.53 10.76
C VAL A 689 20.78 -12.20 10.03
N GLN A 690 19.98 -11.22 10.44
CA GLN A 690 20.03 -9.88 9.87
C GLN A 690 20.08 -8.87 11.01
N VAL A 691 20.77 -7.75 10.77
CA VAL A 691 20.97 -6.72 11.78
C VAL A 691 20.35 -5.43 11.27
N PHE A 692 19.49 -4.82 12.10
CA PHE A 692 18.83 -3.56 11.78
C PHE A 692 19.14 -2.56 12.88
N PHE A 693 19.48 -1.34 12.50
CA PHE A 693 19.80 -0.27 13.44
C PHE A 693 19.03 0.99 13.07
N CYS A 694 19.03 1.95 14.00
CA CYS A 694 18.34 3.21 13.80
C CYS A 694 19.04 4.27 14.66
N GLY A 695 19.69 5.23 14.01
CA GLY A 695 20.38 6.28 14.74
C GLY A 695 21.21 7.15 13.81
N SER A 696 22.15 7.86 14.41
CA SER A 696 23.03 8.74 13.64
C SER A 696 23.96 7.91 12.76
N PRO A 697 24.44 8.49 11.66
CA PRO A 697 25.26 7.71 10.72
C PRO A 697 26.55 7.17 11.31
N ALA A 698 27.10 7.78 12.37
CA ALA A 698 28.39 7.37 12.89
C ALA A 698 28.32 5.97 13.51
N LEU A 699 27.46 5.80 14.52
CA LEU A 699 27.36 4.51 15.19
C LEU A 699 26.86 3.42 14.24
N ALA A 700 25.88 3.76 13.39
CA ALA A 700 25.36 2.78 12.43
C ALA A 700 26.44 2.36 11.45
N LYS A 701 27.23 3.32 10.95
CA LYS A 701 28.31 2.98 10.03
C LYS A 701 29.36 2.11 10.71
N VAL A 702 29.71 2.43 11.96
CA VAL A 702 30.68 1.60 12.67
C VAL A 702 30.15 0.18 12.84
N LEU A 703 28.88 0.04 13.23
CA LEU A 703 28.31 -1.28 13.42
C LEU A 703 28.26 -2.06 12.11
N LYS A 704 27.89 -1.39 11.02
CA LYS A 704 27.84 -2.06 9.72
C LYS A 704 29.23 -2.51 9.29
N GLY A 705 30.22 -1.61 9.38
CA GLY A 705 31.57 -1.95 8.98
C GLY A 705 32.13 -3.11 9.79
N HIS A 706 31.85 -3.14 11.09
CA HIS A 706 32.20 -4.31 11.89
C HIS A 706 31.43 -5.54 11.42
N CYS A 707 30.15 -5.37 11.09
CA CYS A 707 29.30 -6.50 10.75
C CYS A 707 29.57 -7.04 9.34
N GLU A 708 30.13 -6.22 8.45
CA GLU A 708 30.35 -6.66 7.07
C GLU A 708 31.34 -7.81 7.00
N LYS A 709 32.27 -7.90 7.95
CA LYS A 709 33.22 -9.00 7.96
C LYS A 709 32.55 -10.34 8.26
N PHE A 710 31.45 -10.32 9.01
CA PHE A 710 30.77 -11.53 9.42
C PHE A 710 29.80 -12.05 8.37
N GLY A 711 29.66 -11.37 7.24
CA GLY A 711 28.80 -11.84 6.16
C GLY A 711 27.33 -11.87 6.51
N PHE A 712 26.82 -10.82 7.12
CA PHE A 712 25.42 -10.73 7.53
C PHE A 712 24.70 -9.72 6.63
N ARG A 713 23.53 -10.11 6.13
CA ARG A 713 22.72 -9.22 5.29
C ARG A 713 22.06 -8.17 6.17
N PHE A 714 22.88 -7.24 6.64
CA PHE A 714 22.47 -6.23 7.60
C PHE A 714 22.22 -4.92 6.88
N PHE A 715 20.97 -4.43 6.94
CA PHE A 715 20.62 -3.12 6.40
C PHE A 715 20.74 -2.07 7.50
N GLN A 716 21.98 -1.83 7.90
CA GLN A 716 22.25 -0.90 8.97
C GLN A 716 21.89 0.52 8.56
N GLU A 717 21.68 1.38 9.56
CA GLU A 717 21.22 2.75 9.35
C GLU A 717 19.91 2.78 8.57
N ASN A 718 19.02 1.83 8.89
CA ASN A 718 17.73 1.76 8.23
C ASN A 718 16.83 2.95 8.58
N PHE A 719 17.17 3.69 9.64
CA PHE A 719 16.41 4.87 10.02
C PHE A 719 17.35 6.03 10.34
N TRP B 9 -58.09 -11.63 -31.99
CA TRP B 9 -59.06 -12.70 -32.15
C TRP B 9 -58.79 -13.51 -33.42
N LEU B 10 -59.82 -13.63 -34.27
CA LEU B 10 -59.66 -14.34 -35.54
C LEU B 10 -58.65 -13.63 -36.44
N ARG B 11 -58.62 -12.30 -36.40
CA ARG B 11 -57.65 -11.55 -37.18
C ARG B 11 -56.23 -11.89 -36.74
N TRP B 12 -56.02 -12.09 -35.44
CA TRP B 12 -54.70 -12.51 -34.96
C TRP B 12 -54.31 -13.87 -35.52
N VAL B 13 -55.26 -14.80 -35.58
CA VAL B 13 -54.98 -16.12 -36.16
C VAL B 13 -54.65 -15.98 -37.63
N THR B 14 -55.38 -15.14 -38.35
CA THR B 14 -55.10 -14.93 -39.77
C THR B 14 -53.70 -14.33 -39.96
N GLN B 15 -53.34 -13.36 -39.12
CA GLN B 15 -52.00 -12.78 -39.22
C GLN B 15 -50.92 -13.81 -38.92
N GLN B 16 -51.15 -14.67 -37.91
CA GLN B 16 -50.18 -15.71 -37.60
C GLN B 16 -50.04 -16.69 -38.77
N PHE B 17 -51.15 -17.04 -39.41
CA PHE B 17 -51.09 -17.90 -40.58
C PHE B 17 -50.33 -17.23 -41.71
N LYS B 18 -50.56 -15.93 -41.91
CA LYS B 18 -49.82 -15.19 -42.93
C LYS B 18 -48.33 -15.12 -42.61
N THR B 19 -47.98 -15.17 -41.32
CA THR B 19 -46.57 -15.15 -40.94
C THR B 19 -45.83 -16.40 -41.41
N ILE B 20 -46.56 -17.47 -41.69
CA ILE B 20 -45.95 -18.71 -42.18
C ILE B 20 -45.53 -18.54 -43.63
N GLU B 26 -42.42 -27.00 -48.50
CA GLU B 26 -41.12 -26.58 -47.99
C GLU B 26 -40.85 -27.20 -46.63
N ILE B 27 -40.93 -28.52 -46.55
CA ILE B 27 -40.69 -29.22 -45.29
C ILE B 27 -39.25 -29.03 -44.85
N SER B 28 -38.30 -29.19 -45.77
CA SER B 28 -36.90 -28.97 -45.42
C SER B 28 -36.65 -27.52 -45.05
N LEU B 29 -37.25 -26.58 -45.78
CA LEU B 29 -37.11 -25.16 -45.44
C LEU B 29 -37.72 -24.86 -44.09
N GLN B 30 -38.88 -25.46 -43.79
CA GLN B 30 -39.51 -25.27 -42.49
C GLN B 30 -38.62 -25.81 -41.37
N GLU B 31 -38.03 -26.99 -41.58
CA GLU B 31 -37.13 -27.56 -40.57
C GLU B 31 -35.91 -26.67 -40.37
N PHE B 32 -35.35 -26.14 -41.46
CA PHE B 32 -34.21 -25.24 -41.34
C PHE B 32 -34.58 -23.97 -40.59
N LYS B 33 -35.76 -23.42 -40.86
CA LYS B 33 -36.20 -22.19 -40.21
C LYS B 33 -36.74 -22.40 -38.81
N ALA B 34 -36.90 -23.65 -38.38
CA ALA B 34 -37.42 -23.96 -37.05
C ALA B 34 -36.32 -24.09 -36.00
N ALA B 35 -35.18 -23.44 -36.21
CA ALA B 35 -34.04 -23.49 -35.29
C ALA B 35 -33.60 -24.94 -35.07
N LEU B 36 -33.13 -25.56 -36.14
CA LEU B 36 -32.72 -26.96 -36.11
C LEU B 36 -31.50 -27.14 -35.21
N HIS B 37 -31.24 -28.40 -34.87
CA HIS B 37 -30.12 -28.74 -34.00
C HIS B 37 -28.78 -28.39 -34.63
N SER B 41 -30.55 -34.32 -35.98
CA SER B 41 -31.83 -33.62 -35.88
C SER B 41 -32.99 -34.56 -36.21
N PHE B 42 -32.87 -35.81 -35.78
CA PHE B 42 -33.93 -36.79 -36.01
C PHE B 42 -35.22 -36.38 -35.29
N PHE B 43 -35.09 -35.83 -34.09
CA PHE B 43 -36.25 -35.36 -33.35
C PHE B 43 -36.99 -34.27 -34.11
N ALA B 44 -36.25 -33.33 -34.72
CA ALA B 44 -36.88 -32.27 -35.49
C ALA B 44 -37.64 -32.84 -36.68
N GLU B 45 -37.04 -33.80 -37.39
CA GLU B 45 -37.73 -34.41 -38.52
C GLU B 45 -38.97 -35.16 -38.09
N ARG B 46 -38.89 -35.89 -36.97
CA ARG B 46 -40.06 -36.59 -36.46
C ARG B 46 -41.17 -35.62 -36.07
N PHE B 47 -40.80 -34.50 -35.43
CA PHE B 47 -41.80 -33.50 -35.05
C PHE B 47 -42.43 -32.87 -36.29
N PHE B 48 -41.63 -32.59 -37.31
CA PHE B 48 -42.17 -32.03 -38.55
C PHE B 48 -43.13 -33.00 -39.22
N ALA B 49 -42.77 -34.29 -39.24
CA ALA B 49 -43.66 -35.30 -39.81
C ALA B 49 -44.96 -35.39 -39.01
N LEU B 50 -44.86 -35.36 -37.68
CA LEU B 50 -46.05 -35.45 -36.84
C LEU B 50 -46.88 -34.17 -36.90
N PHE B 51 -46.25 -33.04 -37.19
CA PHE B 51 -46.94 -31.76 -37.24
C PHE B 51 -47.93 -31.72 -38.41
N ARG B 55 -49.45 -34.80 -40.72
CA ARG B 55 -50.20 -35.57 -41.71
C ARG B 55 -49.32 -35.92 -42.91
N SER B 56 -49.92 -35.87 -44.11
CA SER B 56 -49.17 -36.17 -45.31
C SER B 56 -48.10 -35.13 -45.59
N GLY B 57 -48.26 -33.92 -45.08
CA GLY B 57 -47.29 -32.85 -45.30
C GLY B 57 -47.80 -31.78 -46.25
N THR B 58 -48.23 -30.65 -45.69
CA THR B 58 -48.77 -29.56 -46.49
C THR B 58 -48.59 -28.26 -45.71
N ILE B 59 -49.08 -27.17 -46.30
CA ILE B 59 -48.97 -25.85 -45.69
C ILE B 59 -50.32 -25.47 -45.08
N THR B 60 -51.16 -26.47 -44.80
CA THR B 60 -52.45 -26.20 -44.19
C THR B 60 -52.26 -25.62 -42.78
N LEU B 61 -53.06 -24.61 -42.46
CA LEU B 61 -52.92 -23.91 -41.19
C LEU B 61 -53.57 -24.64 -40.02
N GLN B 62 -54.29 -25.72 -40.27
CA GLN B 62 -54.93 -26.46 -39.18
C GLN B 62 -53.90 -27.04 -38.23
N GLU B 63 -52.81 -27.59 -38.77
CA GLU B 63 -51.76 -28.14 -37.91
C GLU B 63 -51.11 -27.06 -37.06
N LEU B 64 -50.83 -25.90 -37.66
CA LEU B 64 -50.25 -24.80 -36.89
C LEU B 64 -51.21 -24.32 -35.81
N GLN B 65 -52.50 -24.22 -36.13
CA GLN B 65 -53.48 -23.80 -35.13
C GLN B 65 -53.55 -24.79 -33.98
N GLU B 66 -53.53 -26.09 -34.28
CA GLU B 66 -53.53 -27.09 -33.23
C GLU B 66 -52.26 -27.02 -32.39
N ALA B 67 -51.11 -26.83 -33.02
CA ALA B 67 -49.84 -26.78 -32.29
C ALA B 67 -49.79 -25.56 -31.37
N LEU B 68 -50.22 -24.40 -31.87
CA LEU B 68 -50.18 -23.16 -31.09
C LEU B 68 -51.21 -23.12 -29.97
N THR B 69 -52.21 -23.99 -30.00
CA THR B 69 -53.24 -24.01 -28.97
C THR B 69 -52.94 -25.08 -27.93
N SER B 75 -55.61 -27.19 -22.69
CA SER B 75 -55.00 -27.59 -21.42
C SER B 75 -53.67 -28.29 -21.65
N PRO B 76 -52.89 -28.45 -20.58
CA PRO B 76 -51.59 -29.12 -20.72
C PRO B 76 -51.70 -30.58 -21.10
N MET B 77 -52.87 -31.20 -20.96
CA MET B 77 -53.03 -32.61 -21.31
C MET B 77 -52.80 -32.84 -22.79
N ASP B 78 -53.32 -31.95 -23.64
CA ASP B 78 -53.12 -32.09 -25.08
C ASP B 78 -51.65 -31.96 -25.44
N LYS B 79 -50.95 -31.00 -24.82
CA LYS B 79 -49.53 -30.83 -25.07
C LYS B 79 -48.74 -32.05 -24.61
N LEU B 80 -49.11 -32.62 -23.46
CA LEU B 80 -48.44 -33.82 -22.98
C LEU B 80 -48.66 -34.99 -23.93
N LYS B 81 -49.89 -35.14 -24.43
CA LYS B 81 -50.16 -36.20 -25.39
C LYS B 81 -49.37 -36.01 -26.68
N PHE B 82 -49.28 -34.77 -27.15
CA PHE B 82 -48.50 -34.50 -28.36
C PHE B 82 -47.02 -34.80 -28.12
N LEU B 83 -46.49 -34.43 -26.96
CA LEU B 83 -45.09 -34.73 -26.65
C LEU B 83 -44.84 -36.23 -26.56
N PHE B 84 -45.77 -36.96 -25.96
CA PHE B 84 -45.64 -38.41 -25.87
C PHE B 84 -45.66 -39.05 -27.25
N GLN B 85 -46.54 -38.57 -28.13
CA GLN B 85 -46.55 -39.06 -29.51
C GLN B 85 -45.27 -38.73 -30.24
N VAL B 86 -44.73 -37.52 -30.02
CA VAL B 86 -43.50 -37.13 -30.69
C VAL B 86 -42.32 -37.98 -30.22
N TYR B 87 -42.25 -38.26 -28.92
CA TYR B 87 -41.12 -39.02 -28.39
C TYR B 87 -41.07 -40.43 -28.98
N ASP B 88 -42.22 -41.08 -29.10
CA ASP B 88 -42.30 -42.42 -29.66
C ASP B 88 -42.40 -42.35 -31.19
N ILE B 89 -42.19 -43.49 -31.82
CA ILE B 89 -42.30 -43.59 -33.28
C ILE B 89 -43.34 -44.60 -33.73
N ASP B 90 -43.89 -45.40 -32.81
CA ASP B 90 -44.90 -46.40 -33.18
C ASP B 90 -45.79 -46.71 -31.99
N ASP B 96 -39.67 -49.30 -26.15
CA ASP B 96 -39.32 -47.90 -26.36
C ASP B 96 -37.80 -47.70 -26.39
N PRO B 97 -37.09 -48.69 -26.92
CA PRO B 97 -35.62 -48.54 -27.01
C PRO B 97 -35.18 -47.40 -27.90
N ASP B 98 -36.02 -46.96 -28.84
CA ASP B 98 -35.68 -45.83 -29.69
C ASP B 98 -35.53 -44.53 -28.89
N GLU B 99 -36.10 -44.47 -27.68
CA GLU B 99 -35.92 -43.29 -26.85
C GLU B 99 -34.46 -43.09 -26.48
N LEU B 100 -33.72 -44.17 -26.27
CA LEU B 100 -32.29 -44.06 -26.00
C LEU B 100 -31.56 -43.41 -27.16
N ARG B 101 -31.88 -43.82 -28.40
CA ARG B 101 -31.34 -43.13 -29.56
C ARG B 101 -31.86 -41.71 -29.64
N THR B 102 -33.15 -41.51 -29.31
CA THR B 102 -33.71 -40.16 -29.27
C THR B 102 -33.03 -39.32 -28.20
N VAL B 103 -32.75 -39.91 -27.03
CA VAL B 103 -32.06 -39.18 -25.97
C VAL B 103 -30.65 -38.80 -26.41
N LEU B 104 -29.96 -39.73 -27.08
CA LEU B 104 -28.61 -39.43 -27.57
C LEU B 104 -28.64 -38.31 -28.61
N GLN B 105 -29.63 -38.33 -29.50
CA GLN B 105 -29.76 -37.26 -30.48
C GLN B 105 -30.05 -35.92 -29.81
N SER B 106 -30.91 -35.94 -28.78
CA SER B 106 -31.23 -34.70 -28.06
C SER B 106 -30.01 -34.15 -27.34
N CYS B 107 -29.19 -35.03 -26.76
CA CYS B 107 -27.97 -34.58 -26.11
C CYS B 107 -27.02 -33.92 -27.11
N LEU B 108 -26.89 -34.51 -28.30
CA LEU B 108 -26.07 -33.94 -29.36
C LEU B 108 -26.73 -32.75 -30.04
N ARG B 109 -27.98 -32.45 -29.71
CA ARG B 109 -28.71 -31.34 -30.31
C ARG B 109 -28.25 -30.02 -29.67
N GLU B 110 -29.03 -28.95 -29.88
CA GLU B 110 -28.66 -27.63 -29.40
C GLU B 110 -28.56 -27.55 -27.88
N SER B 111 -28.82 -28.63 -27.15
CA SER B 111 -28.64 -28.63 -25.71
C SER B 111 -27.18 -28.44 -25.30
N ALA B 112 -26.25 -28.66 -26.22
CA ALA B 112 -24.82 -28.48 -25.97
C ALA B 112 -24.34 -29.34 -24.80
N ILE B 113 -24.91 -30.54 -24.68
CA ILE B 113 -24.52 -31.46 -23.62
C ILE B 113 -23.33 -32.28 -24.10
N SER B 114 -22.13 -31.76 -23.90
CA SER B 114 -20.90 -32.43 -24.32
C SER B 114 -20.56 -33.52 -23.31
N LEU B 115 -21.21 -34.67 -23.48
CA LEU B 115 -21.01 -35.80 -22.59
C LEU B 115 -20.66 -37.04 -23.41
N PRO B 116 -19.90 -37.97 -22.81
CA PRO B 116 -19.52 -39.18 -23.55
C PRO B 116 -20.70 -40.10 -23.78
N ASP B 117 -20.57 -40.93 -24.82
CA ASP B 117 -21.62 -41.90 -25.14
C ASP B 117 -21.61 -43.09 -24.19
N GLU B 118 -20.52 -43.28 -23.42
CA GLU B 118 -20.46 -44.39 -22.48
C GLU B 118 -21.52 -44.25 -21.40
N LYS B 119 -21.71 -43.04 -20.88
CA LYS B 119 -22.70 -42.78 -19.84
C LYS B 119 -24.12 -42.70 -20.39
N LEU B 120 -24.28 -42.68 -21.72
CA LEU B 120 -25.62 -42.63 -22.31
C LEU B 120 -26.42 -43.88 -21.96
N ASP B 121 -25.76 -45.05 -21.96
CA ASP B 121 -26.45 -46.29 -21.63
C ASP B 121 -26.99 -46.27 -20.20
N GLN B 122 -26.18 -45.78 -19.26
CA GLN B 122 -26.65 -45.69 -17.88
C GLN B 122 -27.80 -44.70 -17.74
N LEU B 123 -27.69 -43.54 -18.40
CA LEU B 123 -28.76 -42.55 -18.33
C LEU B 123 -30.04 -43.08 -18.97
N THR B 124 -29.93 -43.74 -20.12
CA THR B 124 -31.10 -44.31 -20.77
C THR B 124 -31.73 -45.40 -19.91
N LEU B 125 -30.90 -46.25 -19.29
CA LEU B 125 -31.43 -47.30 -18.42
C LEU B 125 -32.16 -46.70 -17.22
N ALA B 126 -31.57 -45.67 -16.60
CA ALA B 126 -32.23 -45.02 -15.46
C ALA B 126 -33.55 -44.38 -15.87
N LEU B 127 -33.57 -43.71 -17.02
CA LEU B 127 -34.80 -43.08 -17.49
C LEU B 127 -35.87 -44.14 -17.78
N PHE B 128 -35.48 -45.25 -18.41
CA PHE B 128 -36.43 -46.31 -18.70
C PHE B 128 -36.97 -46.93 -17.41
N GLU B 129 -36.10 -47.14 -16.43
CA GLU B 129 -36.55 -47.67 -15.14
C GLU B 129 -37.52 -46.73 -14.46
N SER B 130 -37.24 -45.42 -14.51
CA SER B 130 -38.12 -44.44 -13.88
C SER B 130 -39.43 -44.25 -14.62
N ALA B 131 -39.46 -44.48 -15.93
CA ALA B 131 -40.63 -44.22 -16.75
C ALA B 131 -41.53 -45.44 -16.93
N ASP B 132 -40.97 -46.55 -17.44
CA ASP B 132 -41.78 -47.71 -17.75
C ASP B 132 -42.44 -48.29 -16.51
N ALA B 133 -41.72 -48.36 -15.39
CA ALA B 133 -42.27 -48.89 -14.15
C ALA B 133 -43.19 -47.88 -13.48
N GLY B 137 -44.40 -51.54 -19.87
CA GLY B 137 -44.07 -50.93 -21.15
C GLY B 137 -43.93 -49.42 -21.07
N ALA B 138 -42.92 -48.88 -21.75
CA ALA B 138 -42.66 -47.44 -21.75
C ALA B 138 -43.35 -46.74 -22.91
N ILE B 139 -44.64 -47.02 -23.08
CA ILE B 139 -45.44 -46.39 -24.13
C ILE B 139 -46.72 -45.84 -23.53
N THR B 140 -46.78 -45.78 -22.20
CA THR B 140 -47.98 -45.36 -21.49
C THR B 140 -48.03 -43.85 -21.44
N PHE B 141 -49.05 -43.25 -22.08
CA PHE B 141 -49.20 -41.81 -22.07
C PHE B 141 -49.51 -41.30 -20.66
N GLU B 142 -50.33 -42.04 -19.91
CA GLU B 142 -50.65 -41.64 -18.54
C GLU B 142 -49.40 -41.66 -17.66
N GLU B 143 -48.54 -42.66 -17.85
CA GLU B 143 -47.29 -42.71 -17.10
C GLU B 143 -46.40 -41.51 -17.43
N LEU B 144 -46.34 -41.13 -18.71
CA LEU B 144 -45.57 -39.96 -19.11
C LEU B 144 -46.14 -38.70 -18.49
N ARG B 145 -47.46 -38.57 -18.47
CA ARG B 145 -48.08 -37.40 -17.85
C ARG B 145 -47.79 -37.34 -16.36
N ASP B 146 -47.85 -38.48 -15.68
CA ASP B 146 -47.54 -38.51 -14.25
C ASP B 146 -46.08 -38.16 -14.00
N GLU B 147 -45.17 -38.68 -14.81
CA GLU B 147 -43.76 -38.37 -14.66
C GLU B 147 -43.50 -36.89 -14.88
N LEU B 148 -44.15 -36.30 -15.88
CA LEU B 148 -44.00 -34.86 -16.13
C LEU B 148 -44.56 -34.05 -14.96
N GLN B 149 -45.71 -34.46 -14.42
CA GLN B 149 -46.30 -33.75 -13.29
C GLN B 149 -45.50 -33.94 -12.00
N ARG B 150 -44.65 -34.98 -11.94
CA ARG B 150 -43.82 -35.17 -10.76
C ARG B 150 -42.86 -34.01 -10.56
N PHE B 151 -42.27 -33.51 -11.63
CA PHE B 151 -41.35 -32.38 -11.55
C PHE B 151 -42.10 -31.07 -11.32
N VAL B 154 -43.78 -26.58 -15.46
CA VAL B 154 -43.47 -27.79 -16.20
C VAL B 154 -44.50 -28.02 -17.31
N MET B 155 -45.62 -28.64 -16.93
CA MET B 155 -46.69 -28.89 -17.91
C MET B 155 -47.27 -27.57 -18.41
N GLU B 156 -47.41 -26.59 -17.53
CA GLU B 156 -47.91 -25.27 -17.95
C GLU B 156 -46.96 -24.61 -18.95
N ASN B 157 -45.66 -24.82 -18.78
CA ASN B 157 -44.66 -24.29 -19.72
C ASN B 157 -44.55 -25.19 -20.95
N LEU B 158 -45.69 -25.36 -21.62
CA LEU B 158 -45.79 -26.21 -22.80
C LEU B 158 -45.21 -25.47 -23.99
N THR B 159 -43.92 -25.72 -24.25
CA THR B 159 -43.22 -25.12 -25.37
C THR B 159 -42.48 -26.20 -26.14
N ILE B 160 -42.43 -26.04 -27.46
CA ILE B 160 -41.77 -27.02 -28.32
C ILE B 160 -40.81 -26.31 -29.25
N SER B 161 -40.54 -25.03 -28.97
CA SER B 161 -39.63 -24.24 -29.80
C SER B 161 -39.11 -23.08 -28.98
N ALA B 162 -38.02 -22.49 -29.47
CA ALA B 162 -37.40 -21.34 -28.82
C ALA B 162 -37.44 -20.08 -29.67
N ALA B 163 -37.73 -20.18 -30.97
CA ALA B 163 -37.82 -19.02 -31.83
C ALA B 163 -39.17 -18.34 -31.68
N HIS B 164 -39.40 -17.30 -32.49
CA HIS B 164 -40.67 -16.58 -32.43
C HIS B 164 -41.83 -17.47 -32.82
N TRP B 165 -41.65 -18.30 -33.84
CA TRP B 165 -42.72 -19.20 -34.28
C TRP B 165 -42.95 -20.33 -33.28
N THR B 182 -32.00 3.32 -33.42
CA THR B 182 -31.00 3.15 -32.37
C THR B 182 -31.13 4.26 -31.33
N ARG B 183 -32.33 4.83 -31.21
CA ARG B 183 -32.55 5.90 -30.24
C ARG B 183 -32.52 5.37 -28.81
N ALA B 184 -33.23 4.26 -28.56
CA ALA B 184 -33.31 3.72 -27.21
C ALA B 184 -31.96 3.21 -26.72
N TYR B 185 -31.24 2.47 -27.56
CA TYR B 185 -29.93 1.97 -27.17
C TYR B 185 -28.95 3.10 -26.90
N TRP B 186 -28.95 4.12 -27.77
CA TRP B 186 -28.07 5.26 -27.57
C TRP B 186 -28.42 6.01 -26.29
N HIS B 187 -29.72 6.18 -26.01
CA HIS B 187 -30.13 6.85 -24.78
C HIS B 187 -29.72 6.05 -23.55
N ASN B 188 -29.84 4.73 -23.61
CA ASN B 188 -29.47 3.89 -22.47
C ASN B 188 -27.96 3.91 -22.24
N HIS B 189 -27.18 3.79 -23.31
CA HIS B 189 -25.72 3.75 -23.14
C HIS B 189 -25.17 5.12 -22.76
N ARG B 190 -25.65 6.18 -23.41
CA ARG B 190 -25.16 7.53 -23.14
C ARG B 190 -25.67 8.11 -21.84
N SER B 191 -26.63 7.44 -21.17
CA SER B 191 -27.08 7.91 -19.87
C SER B 191 -26.02 7.79 -18.79
N GLN B 192 -24.92 7.08 -19.06
CA GLN B 192 -23.82 6.95 -18.13
C GLN B 192 -22.45 7.17 -18.76
N LEU B 193 -22.35 7.35 -20.07
CA LEU B 193 -21.06 7.54 -20.71
C LEU B 193 -20.70 9.03 -20.84
N PHE B 194 -21.49 9.77 -21.60
CA PHE B 194 -21.36 11.23 -21.73
C PHE B 194 -19.90 11.67 -21.91
N CYS B 195 -19.18 10.97 -22.78
CA CYS B 195 -17.78 11.31 -23.01
C CYS B 195 -17.48 11.63 -24.47
N LEU B 196 -18.04 10.88 -25.41
CA LEU B 196 -17.83 11.17 -26.83
C LEU B 196 -18.43 12.53 -27.18
N ALA B 197 -19.60 12.84 -26.61
CA ALA B 197 -20.21 14.14 -26.86
C ALA B 197 -19.34 15.27 -26.35
N THR B 198 -18.67 15.06 -25.22
CA THR B 198 -17.75 16.08 -24.70
C THR B 198 -16.59 16.32 -25.65
N TYR B 199 -16.02 15.25 -26.20
CA TYR B 199 -14.93 15.39 -27.17
C TYR B 199 -15.40 16.13 -28.41
N ALA B 200 -16.60 15.76 -28.90
CA ALA B 200 -17.15 16.46 -30.07
C ALA B 200 -17.36 17.93 -29.78
N GLY B 201 -17.87 18.25 -28.58
CA GLY B 201 -18.07 19.64 -28.22
C GLY B 201 -16.77 20.42 -28.16
N LEU B 202 -15.74 19.83 -27.57
CA LEU B 202 -14.43 20.48 -27.54
C LEU B 202 -13.90 20.72 -28.95
N HIS B 203 -14.01 19.71 -29.82
CA HIS B 203 -13.54 19.86 -31.20
C HIS B 203 -14.28 20.98 -31.90
N VAL B 204 -15.62 21.03 -31.75
CA VAL B 204 -16.41 22.03 -32.43
C VAL B 204 -16.11 23.42 -31.88
N LEU B 205 -15.98 23.57 -30.57
CA LEU B 205 -15.71 24.90 -30.02
C LEU B 205 -14.33 25.39 -30.43
N LEU B 206 -13.33 24.51 -30.48
CA LEU B 206 -12.02 24.93 -30.97
C LEU B 206 -12.07 25.30 -32.45
N PHE B 207 -12.79 24.52 -33.26
CA PHE B 207 -12.92 24.85 -34.68
C PHE B 207 -13.60 26.21 -34.87
N GLY B 208 -14.65 26.48 -34.10
CA GLY B 208 -15.32 27.77 -34.19
C GLY B 208 -14.45 28.91 -33.71
N LEU B 209 -13.72 28.70 -32.60
CA LEU B 209 -12.85 29.74 -32.07
C LEU B 209 -11.78 30.12 -33.08
N ALA B 210 -11.16 29.12 -33.73
CA ALA B 210 -10.20 29.43 -34.78
C ALA B 210 -10.88 30.05 -36.00
N ALA B 211 -12.13 29.64 -36.28
CA ALA B 211 -12.85 30.20 -37.41
C ALA B 211 -13.12 31.69 -37.22
N SER B 212 -13.52 32.09 -36.01
CA SER B 212 -13.80 33.50 -35.75
C SER B 212 -12.52 34.34 -35.78
N ALA B 213 -11.37 33.72 -35.56
CA ALA B 213 -10.09 34.44 -35.58
C ALA B 213 -9.57 34.67 -36.99
N HIS B 214 -10.13 34.00 -37.99
CA HIS B 214 -9.65 34.13 -39.37
C HIS B 214 -10.81 34.23 -40.36
N ARG B 215 -11.93 34.83 -39.93
CA ARG B 215 -13.07 34.98 -40.81
C ARG B 215 -12.79 35.94 -41.96
N ASP B 216 -11.90 36.91 -41.75
CA ASP B 216 -11.59 37.88 -42.80
C ASP B 216 -10.93 37.19 -44.00
N LEU B 217 -10.03 36.24 -43.75
CA LEU B 217 -9.42 35.49 -44.84
C LEU B 217 -10.47 34.67 -45.57
N GLY B 218 -10.30 34.54 -46.89
CA GLY B 218 -11.39 34.07 -47.73
C GLY B 218 -11.52 32.57 -47.92
N ALA B 219 -12.37 31.95 -47.11
CA ALA B 219 -12.95 30.64 -47.39
C ALA B 219 -11.95 29.50 -47.42
N SER B 220 -10.68 29.78 -47.25
CA SER B 220 -9.71 28.69 -47.35
C SER B 220 -8.77 28.63 -46.15
N VAL B 221 -8.35 29.78 -45.62
CA VAL B 221 -7.39 29.77 -44.52
C VAL B 221 -8.08 29.59 -43.17
N MET B 222 -9.36 29.98 -43.05
CA MET B 222 -10.07 29.76 -41.80
C MET B 222 -10.27 28.26 -41.53
N VAL B 223 -10.58 27.50 -42.58
CA VAL B 223 -10.61 26.04 -42.45
C VAL B 223 -9.25 25.52 -42.01
N ALA B 224 -8.19 26.04 -42.62
CA ALA B 224 -6.85 25.61 -42.25
C ALA B 224 -6.59 25.85 -40.77
N LYS B 225 -6.92 27.05 -40.27
CA LYS B 225 -6.64 27.38 -38.88
C LYS B 225 -7.49 26.54 -37.93
N GLY B 226 -8.76 26.33 -38.25
CA GLY B 226 -9.60 25.49 -37.39
C GLY B 226 -9.10 24.07 -37.32
N CYS B 227 -8.79 23.48 -38.48
CA CYS B 227 -8.26 22.12 -38.48
C CYS B 227 -6.94 22.08 -37.73
N GLY B 228 -6.13 23.14 -37.85
CA GLY B 228 -4.87 23.17 -37.15
C GLY B 228 -5.02 23.16 -35.65
N GLN B 229 -5.88 24.03 -35.12
CA GLN B 229 -6.08 24.08 -33.67
C GLN B 229 -6.64 22.75 -33.16
N CYS B 230 -7.60 22.18 -33.89
CA CYS B 230 -8.09 20.86 -33.54
C CYS B 230 -6.94 19.86 -33.49
N LEU B 231 -5.99 19.97 -34.42
CA LEU B 231 -4.87 19.04 -34.44
C LEU B 231 -3.91 19.26 -33.29
N ASN B 232 -3.67 20.51 -32.86
CA ASN B 232 -2.89 20.67 -31.63
C ASN B 232 -3.57 19.96 -30.47
N PHE B 233 -4.89 20.16 -30.32
CA PHE B 233 -5.59 19.53 -29.20
C PHE B 233 -5.46 18.01 -29.27
N ASP B 234 -5.71 17.44 -30.45
CA ASP B 234 -5.71 15.99 -30.62
C ASP B 234 -4.32 15.41 -30.41
N CYS B 235 -3.31 15.96 -31.10
CA CYS B 235 -1.95 15.46 -30.99
C CYS B 235 -1.34 15.74 -29.63
N SER B 236 -1.94 16.62 -28.82
CA SER B 236 -1.47 16.81 -27.46
C SER B 236 -2.09 15.82 -26.48
N PHE B 237 -3.37 15.50 -26.63
CA PHE B 237 -4.03 14.69 -25.60
C PHE B 237 -4.22 13.21 -25.97
N ILE B 238 -4.03 12.84 -27.25
CA ILE B 238 -4.07 11.43 -27.60
C ILE B 238 -2.98 10.66 -26.89
N ALA B 239 -1.89 11.34 -26.51
CA ALA B 239 -0.83 10.71 -25.74
C ALA B 239 -1.16 10.63 -24.26
N VAL B 240 -1.80 11.65 -23.69
CA VAL B 240 -2.14 11.61 -22.28
C VAL B 240 -3.27 10.63 -22.01
N LEU B 241 -4.01 10.22 -23.04
CA LEU B 241 -4.94 9.10 -22.85
C LEU B 241 -4.21 7.84 -22.37
N MET B 242 -3.13 7.48 -23.04
CA MET B 242 -2.46 6.21 -22.78
C MET B 242 -1.26 6.39 -21.85
N LEU B 243 -1.47 6.09 -20.58
CA LEU B 243 -0.39 5.82 -19.62
C LEU B 243 -0.80 4.57 -18.85
N ARG B 244 -0.04 3.48 -19.07
CA ARG B 244 -0.34 2.23 -18.38
C ARG B 244 0.01 2.25 -16.91
N ARG B 245 0.66 3.32 -16.42
CA ARG B 245 1.05 3.39 -15.02
C ARG B 245 -0.01 4.09 -14.16
N CYS B 246 -0.31 5.36 -14.48
CA CYS B 246 -1.27 6.12 -13.68
C CYS B 246 -2.69 5.58 -13.82
N LEU B 247 -3.00 4.92 -14.94
CA LEU B 247 -4.33 4.35 -15.11
C LEU B 247 -4.61 3.30 -14.06
N THR B 248 -3.61 2.48 -13.73
CA THR B 248 -3.77 1.51 -12.64
C THR B 248 -4.01 2.21 -11.31
N TRP B 249 -3.26 3.29 -11.05
CA TRP B 249 -3.46 4.04 -9.81
C TRP B 249 -4.84 4.67 -9.76
N LEU B 250 -5.32 5.17 -10.91
CA LEU B 250 -6.66 5.74 -10.98
C LEU B 250 -7.74 4.66 -11.01
N ARG B 251 -7.41 3.45 -11.46
CA ARG B 251 -8.42 2.39 -11.56
C ARG B 251 -8.99 2.01 -10.20
N ALA B 252 -8.23 2.20 -9.13
CA ALA B 252 -8.66 1.80 -7.78
C ALA B 252 -9.36 2.93 -7.04
N THR B 253 -10.02 3.84 -7.74
CA THR B 253 -10.71 4.96 -7.12
C THR B 253 -12.11 5.10 -7.72
N TRP B 254 -12.95 5.88 -7.03
CA TRP B 254 -14.29 6.17 -7.51
C TRP B 254 -14.29 6.89 -8.85
N LEU B 255 -13.19 7.56 -9.20
CA LEU B 255 -13.07 8.17 -10.52
C LEU B 255 -13.19 7.12 -11.60
N ALA B 256 -12.55 5.96 -11.40
CA ALA B 256 -12.70 4.86 -12.33
C ALA B 256 -14.08 4.22 -12.21
N GLN B 257 -14.71 4.30 -11.04
CA GLN B 257 -16.05 3.78 -10.88
C GLN B 257 -17.04 4.54 -11.76
N VAL B 258 -16.91 5.86 -11.81
CA VAL B 258 -17.83 6.66 -12.61
C VAL B 258 -17.38 6.76 -14.06
N LEU B 259 -16.07 6.85 -14.32
CA LEU B 259 -15.56 7.02 -15.67
C LEU B 259 -15.04 5.68 -16.20
N PRO B 260 -15.54 5.21 -17.33
CA PRO B 260 -15.04 3.94 -17.89
C PRO B 260 -13.58 4.06 -18.29
N LEU B 261 -12.84 2.96 -18.14
CA LEU B 261 -11.41 2.96 -18.40
C LEU B 261 -11.00 1.87 -19.40
N ASP B 262 -11.69 0.73 -19.37
CA ASP B 262 -11.25 -0.44 -20.12
C ASP B 262 -11.31 -0.27 -21.62
N GLN B 263 -11.99 0.77 -22.12
CA GLN B 263 -12.08 1.04 -23.55
C GLN B 263 -11.14 2.17 -24.00
N ASN B 264 -10.05 2.40 -23.26
CA ASN B 264 -9.12 3.46 -23.63
C ASN B 264 -8.37 3.13 -24.92
N ILE B 265 -8.15 1.85 -25.21
CA ILE B 265 -7.54 1.47 -26.48
C ILE B 265 -8.38 1.96 -27.66
N GLN B 266 -9.70 1.77 -27.60
CA GLN B 266 -10.53 2.08 -28.74
C GLN B 266 -10.73 3.59 -28.88
N PHE B 267 -10.85 4.30 -27.75
CA PHE B 267 -10.93 5.75 -27.82
C PHE B 267 -9.63 6.34 -28.37
N HIS B 268 -8.49 5.79 -27.95
CA HIS B 268 -7.20 6.26 -28.46
C HIS B 268 -7.09 6.01 -29.96
N GLN B 269 -7.53 4.83 -30.42
CA GLN B 269 -7.51 4.56 -31.86
C GLN B 269 -8.46 5.50 -32.61
N LEU B 270 -9.62 5.80 -32.02
CA LEU B 270 -10.57 6.71 -32.67
C LEU B 270 -9.99 8.10 -32.81
N MET B 271 -9.32 8.60 -31.77
CA MET B 271 -8.67 9.90 -31.91
C MET B 271 -7.51 9.85 -32.89
N GLY B 272 -6.82 8.71 -32.99
CA GLY B 272 -5.84 8.58 -34.06
C GLY B 272 -6.46 8.71 -35.43
N TYR B 273 -7.62 8.07 -35.62
CA TYR B 273 -8.31 8.16 -36.90
C TYR B 273 -8.74 9.59 -37.20
N VAL B 274 -9.25 10.30 -36.20
CA VAL B 274 -9.67 11.67 -36.47
C VAL B 274 -8.46 12.57 -36.71
N VAL B 275 -7.32 12.30 -36.07
CA VAL B 275 -6.10 13.04 -36.40
C VAL B 275 -5.73 12.82 -37.86
N VAL B 276 -5.80 11.57 -38.32
CA VAL B 276 -5.46 11.28 -39.72
C VAL B 276 -6.39 12.03 -40.66
N GLY B 277 -7.69 11.95 -40.40
CA GLY B 277 -8.65 12.60 -41.28
C GLY B 277 -8.50 14.11 -41.30
N LEU B 278 -8.38 14.72 -40.11
CA LEU B 278 -8.25 16.16 -40.03
C LEU B 278 -6.92 16.62 -40.61
N SER B 279 -5.85 15.84 -40.47
CA SER B 279 -4.59 16.18 -41.11
C SER B 279 -4.72 16.15 -42.62
N LEU B 280 -5.43 15.16 -43.16
CA LEU B 280 -5.63 15.12 -44.61
C LEU B 280 -6.43 16.33 -45.09
N VAL B 281 -7.52 16.68 -44.38
CA VAL B 281 -8.31 17.83 -44.84
C VAL B 281 -7.53 19.13 -44.66
N HIS B 282 -6.72 19.23 -43.61
CA HIS B 282 -5.85 20.39 -43.44
C HIS B 282 -4.86 20.51 -44.58
N THR B 283 -4.25 19.39 -44.97
CA THR B 283 -3.33 19.40 -46.10
C THR B 283 -4.03 19.85 -47.38
N VAL B 284 -5.23 19.32 -47.63
CA VAL B 284 -5.95 19.70 -48.85
C VAL B 284 -6.29 21.18 -48.83
N ALA B 285 -6.72 21.70 -47.68
CA ALA B 285 -7.06 23.12 -47.58
C ALA B 285 -5.84 23.99 -47.82
N HIS B 286 -4.69 23.65 -47.24
CA HIS B 286 -3.51 24.46 -47.45
C HIS B 286 -3.04 24.38 -48.90
N THR B 287 -3.15 23.21 -49.53
CA THR B 287 -2.75 23.10 -50.93
C THR B 287 -3.67 23.92 -51.84
N VAL B 288 -4.98 23.90 -51.58
CA VAL B 288 -5.87 24.70 -52.43
C VAL B 288 -5.66 26.19 -52.16
N ASN B 289 -5.25 26.55 -50.94
CA ASN B 289 -4.86 27.94 -50.69
C ASN B 289 -3.63 28.32 -51.50
N PHE B 290 -2.60 27.45 -51.49
CA PHE B 290 -1.37 27.75 -52.22
C PHE B 290 -1.62 27.82 -53.72
N VAL B 291 -2.47 26.95 -54.24
CA VAL B 291 -2.80 26.98 -55.66
C VAL B 291 -3.48 28.30 -56.02
N LEU B 292 -4.38 28.78 -55.15
CA LEU B 292 -5.00 30.08 -55.36
C LEU B 292 -3.95 31.19 -55.35
N GLN B 293 -2.98 31.11 -54.44
CA GLN B 293 -1.89 32.07 -54.42
C GLN B 293 -0.97 31.94 -55.63
N ALA B 294 -1.04 30.81 -56.34
CA ALA B 294 -0.21 30.56 -57.51
C ALA B 294 -0.83 31.08 -58.80
N GLN B 295 -1.68 32.11 -58.71
CA GLN B 295 -2.33 32.65 -59.89
C GLN B 295 -2.06 34.15 -60.01
N GLY B 319 11.65 28.64 -46.84
CA GLY B 319 10.94 27.46 -47.32
C GLY B 319 11.08 26.26 -46.38
N SER B 320 10.31 26.27 -45.30
CA SER B 320 10.38 25.20 -44.31
C SER B 320 9.00 24.66 -43.98
N ALA B 321 7.97 25.51 -44.10
CA ALA B 321 6.63 25.10 -43.71
C ALA B 321 6.12 23.95 -44.56
N SER B 322 6.18 24.11 -45.89
CA SER B 322 5.70 23.04 -46.77
C SER B 322 6.52 21.76 -46.65
N PRO B 323 7.85 21.77 -46.68
CA PRO B 323 8.57 20.49 -46.49
C PRO B 323 8.32 19.83 -45.15
N THR B 324 8.22 20.61 -44.07
CA THR B 324 7.94 20.03 -42.77
C THR B 324 6.54 19.42 -42.73
N GLY B 325 5.57 20.09 -43.36
CA GLY B 325 4.24 19.52 -43.48
C GLY B 325 4.24 18.23 -44.27
N VAL B 326 5.02 18.18 -45.35
CA VAL B 326 5.12 16.96 -46.14
C VAL B 326 5.72 15.83 -45.32
N ALA B 327 6.77 16.12 -44.55
CA ALA B 327 7.38 15.11 -43.70
C ALA B 327 6.39 14.61 -42.65
N LEU B 328 5.63 15.52 -42.04
CA LEU B 328 4.63 15.11 -41.07
C LEU B 328 3.56 14.25 -41.72
N LEU B 329 3.14 14.62 -42.93
CA LEU B 329 2.14 13.81 -43.64
C LEU B 329 2.67 12.40 -43.90
N LEU B 330 3.92 12.29 -44.33
CA LEU B 330 4.52 10.98 -44.56
C LEU B 330 4.58 10.17 -43.26
N LEU B 331 4.95 10.81 -42.15
CA LEU B 331 5.03 10.09 -40.89
C LEU B 331 3.65 9.60 -40.43
N LEU B 332 2.64 10.46 -40.53
CA LEU B 332 1.28 10.04 -40.17
C LEU B 332 0.78 8.93 -41.07
N LEU B 333 1.06 9.00 -42.38
CA LEU B 333 0.63 7.92 -43.26
C LEU B 333 1.32 6.61 -42.92
N LEU B 334 2.62 6.68 -42.59
CA LEU B 334 3.33 5.47 -42.17
C LEU B 334 2.72 4.90 -40.89
N MET B 335 2.43 5.76 -39.91
CA MET B 335 1.91 5.29 -38.63
C MET B 335 0.49 4.75 -38.78
N PHE B 336 -0.27 5.28 -39.73
CA PHE B 336 -1.59 4.74 -40.01
C PHE B 336 -1.52 3.39 -40.72
N ILE B 337 -0.62 3.28 -41.72
CA ILE B 337 -0.54 2.06 -42.51
C ILE B 337 0.01 0.90 -41.68
N CYS B 338 1.06 1.16 -40.91
CA CYS B 338 1.79 0.09 -40.23
C CYS B 338 1.27 -0.20 -38.82
N SER B 339 0.18 0.44 -38.41
CA SER B 339 -0.43 0.15 -37.11
C SER B 339 -1.87 -0.30 -37.24
N SER B 340 -2.32 -0.64 -38.45
CA SER B 340 -3.66 -1.14 -38.64
C SER B 340 -3.77 -2.58 -38.15
N SER B 341 -5.01 -3.10 -38.15
CA SER B 341 -5.24 -4.45 -37.66
C SER B 341 -4.57 -5.51 -38.53
N CYS B 342 -4.46 -5.25 -39.85
CA CYS B 342 -3.91 -6.25 -40.75
C CYS B 342 -2.45 -6.55 -40.44
N ILE B 343 -1.67 -5.52 -40.08
CA ILE B 343 -0.25 -5.73 -39.81
C ILE B 343 -0.07 -6.60 -38.58
N ARG B 344 -0.77 -6.29 -37.50
CA ARG B 344 -0.65 -7.10 -36.30
C ARG B 344 -1.36 -8.44 -36.43
N ARG B 345 -2.19 -8.63 -37.45
CA ARG B 345 -2.69 -9.97 -37.75
C ARG B 345 -1.53 -10.90 -38.10
N SER B 346 -0.58 -10.40 -38.89
CA SER B 346 0.68 -11.11 -39.06
C SER B 346 1.49 -11.06 -37.76
N GLY B 347 2.38 -12.02 -37.61
CA GLY B 347 3.18 -12.11 -36.40
C GLY B 347 4.35 -11.14 -36.37
N HIS B 348 4.23 -10.03 -37.09
CA HIS B 348 5.29 -9.02 -37.15
C HIS B 348 5.03 -7.91 -36.13
N PHE B 349 4.93 -8.31 -34.86
CA PHE B 349 4.75 -7.33 -33.79
C PHE B 349 5.93 -6.37 -33.72
N GLU B 350 7.13 -6.85 -34.06
CA GLU B 350 8.30 -5.98 -34.10
C GLU B 350 8.11 -4.87 -35.12
N VAL B 351 7.56 -5.18 -36.29
CA VAL B 351 7.33 -4.17 -37.32
C VAL B 351 6.37 -3.11 -36.82
N PHE B 352 5.26 -3.54 -36.21
CA PHE B 352 4.29 -2.59 -35.69
C PHE B 352 4.91 -1.69 -34.64
N TYR B 353 5.64 -2.28 -33.68
CA TYR B 353 6.19 -1.48 -32.59
C TYR B 353 7.26 -0.52 -33.10
N TRP B 354 8.10 -0.96 -34.03
CA TRP B 354 9.15 -0.09 -34.53
C TRP B 354 8.59 1.05 -35.36
N THR B 355 7.62 0.75 -36.22
CA THR B 355 6.97 1.81 -36.98
C THR B 355 6.21 2.76 -36.06
N HIS B 356 5.60 2.23 -35.00
CA HIS B 356 4.81 3.05 -34.09
C HIS B 356 5.66 3.80 -33.07
N LEU B 357 6.98 3.59 -33.06
CA LEU B 357 7.86 4.38 -32.23
C LEU B 357 8.13 5.75 -32.83
N SER B 358 7.66 6.00 -34.05
CA SER B 358 7.85 7.26 -34.77
C SER B 358 6.99 8.40 -34.23
N TYR B 359 6.30 8.24 -33.10
CA TYR B 359 5.55 9.37 -32.54
C TYR B 359 6.49 10.48 -32.08
N LEU B 360 7.70 10.11 -31.63
CA LEU B 360 8.67 11.13 -31.23
C LEU B 360 9.06 12.01 -32.41
N LEU B 361 9.25 11.40 -33.58
CA LEU B 361 9.58 12.19 -34.77
C LEU B 361 8.42 13.08 -35.17
N VAL B 362 7.18 12.59 -35.03
CA VAL B 362 6.01 13.41 -35.35
C VAL B 362 5.97 14.64 -34.45
N TRP B 363 6.16 14.44 -33.14
CA TRP B 363 6.17 15.55 -32.20
C TRP B 363 7.30 16.53 -32.51
N LEU B 364 8.50 16.01 -32.78
CA LEU B 364 9.64 16.87 -33.05
C LEU B 364 9.42 17.71 -34.30
N LEU B 365 8.89 17.10 -35.36
CA LEU B 365 8.60 17.86 -36.58
C LEU B 365 7.52 18.90 -36.32
N LEU B 366 6.46 18.53 -35.59
CA LEU B 366 5.36 19.46 -35.37
C LEU B 366 5.74 20.57 -34.38
N ILE B 367 6.82 20.41 -33.63
CA ILE B 367 7.28 21.49 -32.75
C ILE B 367 7.65 22.72 -33.59
N PHE B 368 8.64 22.57 -34.46
CA PHE B 368 8.97 23.64 -35.40
C PHE B 368 8.28 23.44 -36.75
N HIS B 369 6.97 23.19 -36.69
CA HIS B 369 6.08 23.30 -37.83
C HIS B 369 4.89 24.20 -37.51
N GLY B 370 4.37 24.10 -36.30
CA GLY B 370 3.32 24.99 -35.85
C GLY B 370 3.85 26.08 -34.95
N PRO B 371 3.37 27.30 -35.14
CA PRO B 371 3.88 28.42 -34.33
C PRO B 371 3.66 28.26 -32.84
N ASN B 372 2.57 27.62 -32.42
CA ASN B 372 2.24 27.51 -31.00
C ASN B 372 1.80 26.09 -30.66
N PHE B 373 2.57 25.10 -31.12
CA PHE B 373 2.29 23.71 -30.76
C PHE B 373 2.91 23.31 -29.43
N TRP B 374 4.04 23.91 -29.06
CA TRP B 374 4.72 23.52 -27.83
C TRP B 374 3.88 23.84 -26.60
N LYS B 375 3.04 24.87 -26.66
CA LYS B 375 2.17 25.19 -25.53
C LYS B 375 1.23 24.02 -25.23
N TRP B 376 0.61 23.47 -26.27
CA TRP B 376 -0.21 22.26 -26.08
C TRP B 376 0.65 21.07 -25.67
N LEU B 377 1.82 20.92 -26.29
CA LEU B 377 2.64 19.74 -26.06
C LEU B 377 3.21 19.67 -24.64
N LEU B 378 3.41 20.81 -23.98
CA LEU B 378 4.17 20.86 -22.74
C LEU B 378 3.62 19.94 -21.65
N VAL B 379 2.43 20.22 -21.15
CA VAL B 379 1.89 19.52 -19.99
C VAL B 379 1.76 18.02 -20.28
N PRO B 380 1.00 17.59 -21.29
CA PRO B 380 0.95 16.15 -21.56
C PRO B 380 2.30 15.57 -21.94
N GLY B 381 3.13 16.34 -22.64
CA GLY B 381 4.44 15.82 -23.03
C GLY B 381 5.32 15.54 -21.82
N ILE B 382 5.43 16.51 -20.91
CA ILE B 382 6.27 16.31 -19.74
C ILE B 382 5.68 15.24 -18.82
N LEU B 383 4.36 15.19 -18.73
CA LEU B 383 3.72 14.21 -17.85
C LEU B 383 3.91 12.79 -18.39
N PHE B 384 3.81 12.62 -19.71
CA PHE B 384 4.08 11.32 -20.32
C PHE B 384 5.56 10.96 -20.24
N PHE B 385 6.44 11.96 -20.36
CA PHE B 385 7.86 11.70 -20.21
C PHE B 385 8.17 11.20 -18.80
N LEU B 386 7.56 11.82 -17.79
CA LEU B 386 7.72 11.34 -16.42
C LEU B 386 7.15 9.93 -16.26
N GLU B 387 5.99 9.66 -16.85
CA GLU B 387 5.38 8.34 -16.73
C GLU B 387 6.25 7.26 -17.35
N LYS B 388 6.85 7.55 -18.51
CA LYS B 388 7.73 6.57 -19.14
C LYS B 388 9.08 6.47 -18.44
N ALA B 389 9.58 7.57 -17.87
CA ALA B 389 10.86 7.57 -17.19
C ALA B 389 10.81 6.88 -15.83
N ILE B 390 9.62 6.75 -15.24
CA ILE B 390 9.51 6.06 -13.96
C ILE B 390 9.69 4.56 -14.11
N GLY B 391 9.63 4.04 -15.33
CA GLY B 391 9.77 2.62 -15.56
C GLY B 391 11.18 2.20 -15.89
N LEU B 392 11.83 1.49 -14.97
CA LEU B 392 13.16 0.93 -15.17
C LEU B 392 13.11 -0.56 -14.88
N ALA B 393 14.20 -1.24 -15.21
CA ALA B 393 14.31 -2.66 -14.86
C ALA B 393 14.32 -2.86 -13.36
N VAL B 394 15.06 -2.02 -12.64
CA VAL B 394 15.09 -2.11 -11.18
C VAL B 394 13.79 -1.61 -10.57
N SER B 395 13.18 -0.59 -11.17
CA SER B 395 12.05 0.09 -10.54
C SER B 395 10.86 -0.85 -10.37
N ARG B 396 10.43 -1.50 -11.46
CA ARG B 396 9.26 -2.37 -11.40
C ARG B 396 9.54 -3.75 -11.97
N MET B 397 10.37 -3.80 -13.02
CA MET B 397 10.58 -5.05 -13.75
C MET B 397 11.31 -6.07 -12.91
N ALA B 398 11.17 -7.34 -13.29
CA ALA B 398 11.87 -8.43 -12.64
C ALA B 398 11.96 -9.59 -13.62
N ALA B 399 12.92 -10.48 -13.36
CA ALA B 399 13.15 -11.64 -14.20
C ALA B 399 12.48 -12.86 -13.57
N VAL B 400 11.53 -13.45 -14.30
CA VAL B 400 10.79 -14.62 -13.83
C VAL B 400 10.86 -15.69 -14.92
N CYS B 401 11.18 -16.91 -14.53
CA CYS B 401 11.31 -18.03 -15.46
C CYS B 401 10.09 -18.92 -15.34
N ILE B 402 9.43 -19.17 -16.48
CA ILE B 402 8.28 -20.05 -16.51
C ILE B 402 8.70 -21.47 -16.15
N MET B 403 7.97 -22.09 -15.23
CA MET B 403 8.29 -23.44 -14.77
C MET B 403 7.52 -24.51 -15.54
N GLU B 404 6.21 -24.36 -15.68
CA GLU B 404 5.41 -25.32 -16.42
C GLU B 404 4.29 -24.59 -17.13
N VAL B 405 4.02 -25.00 -18.38
CA VAL B 405 2.94 -24.44 -19.16
C VAL B 405 2.08 -25.59 -19.68
N ASN B 406 0.77 -25.50 -19.47
CA ASN B 406 -0.17 -26.52 -19.91
C ASN B 406 -1.31 -25.86 -20.67
N LEU B 407 -1.72 -26.47 -21.77
CA LEU B 407 -2.78 -25.95 -22.61
C LEU B 407 -4.07 -26.70 -22.34
N LEU B 408 -5.12 -25.98 -22.00
CA LEU B 408 -6.45 -26.51 -21.73
C LEU B 408 -7.38 -26.24 -22.91
N PRO B 409 -8.47 -27.00 -23.04
CA PRO B 409 -9.37 -26.82 -24.19
C PRO B 409 -9.94 -25.41 -24.26
N SER B 410 -10.53 -25.11 -25.42
CA SER B 410 -11.06 -23.78 -25.74
C SER B 410 -9.97 -22.71 -25.79
N LYS B 411 -8.77 -23.11 -26.21
CA LYS B 411 -7.68 -22.19 -26.53
C LYS B 411 -7.30 -21.31 -25.33
N VAL B 412 -7.37 -21.87 -24.13
CA VAL B 412 -6.95 -21.17 -22.92
C VAL B 412 -5.61 -21.75 -22.48
N THR B 413 -4.65 -20.87 -22.24
CA THR B 413 -3.31 -21.28 -21.85
C THR B 413 -3.12 -21.03 -20.36
N HIS B 414 -2.55 -22.01 -19.67
CA HIS B 414 -2.33 -21.95 -18.24
C HIS B 414 -0.83 -21.91 -17.98
N LEU B 415 -0.38 -20.90 -17.24
CA LEU B 415 1.03 -20.70 -16.97
C LEU B 415 1.31 -20.88 -15.48
N LEU B 416 2.47 -21.44 -15.17
CA LEU B 416 2.94 -21.65 -13.81
C LEU B 416 4.30 -20.99 -13.68
N ILE B 417 4.31 -19.71 -13.37
CA ILE B 417 5.55 -18.95 -13.23
C ILE B 417 6.02 -19.04 -11.79
N LYS B 418 7.34 -19.13 -11.61
CA LYS B 418 7.91 -19.25 -10.27
C LYS B 418 7.71 -17.95 -9.49
N ARG B 419 7.39 -18.09 -8.22
CA ARG B 419 7.13 -16.93 -7.38
C ARG B 419 8.46 -16.29 -6.97
N PRO B 420 8.66 -14.99 -7.22
CA PRO B 420 9.88 -14.34 -6.78
C PRO B 420 9.96 -14.30 -5.26
N PRO B 421 11.17 -14.25 -4.70
CA PRO B 421 11.28 -14.30 -3.23
C PRO B 421 10.55 -13.18 -2.51
N PHE B 422 10.54 -11.98 -3.07
CA PHE B 422 9.89 -10.82 -2.46
C PHE B 422 8.68 -10.45 -3.31
N PHE B 423 7.54 -11.07 -3.00
CA PHE B 423 6.30 -10.79 -3.73
C PHE B 423 5.13 -11.08 -2.79
N HIS B 424 4.60 -10.03 -2.17
CA HIS B 424 3.40 -10.12 -1.36
C HIS B 424 2.28 -9.40 -2.10
N TYR B 425 1.21 -10.13 -2.43
CA TYR B 425 0.14 -9.59 -3.23
C TYR B 425 -1.21 -10.00 -2.67
N ARG B 426 -2.13 -9.04 -2.63
CA ARG B 426 -3.50 -9.33 -2.25
C ARG B 426 -4.19 -10.15 -3.34
N PRO B 427 -5.17 -10.98 -2.97
CA PRO B 427 -5.89 -11.76 -3.98
C PRO B 427 -6.66 -10.85 -4.93
N GLY B 428 -6.76 -11.27 -6.19
CA GLY B 428 -7.46 -10.52 -7.20
C GLY B 428 -6.64 -9.50 -7.95
N ASP B 429 -5.38 -9.30 -7.58
CA ASP B 429 -4.54 -8.35 -8.28
C ASP B 429 -4.11 -8.91 -9.63
N TYR B 430 -3.62 -8.02 -10.49
CA TYR B 430 -3.21 -8.37 -11.84
C TYR B 430 -1.76 -7.99 -12.08
N LEU B 431 -1.21 -8.51 -13.18
CA LEU B 431 0.16 -8.22 -13.57
C LEU B 431 0.25 -8.25 -15.10
N TYR B 432 1.31 -7.66 -15.61
CA TYR B 432 1.53 -7.53 -17.05
C TYR B 432 2.61 -8.51 -17.47
N LEU B 433 2.26 -9.44 -18.35
CA LEU B 433 3.21 -10.43 -18.86
C LEU B 433 3.82 -9.95 -20.18
N ASN B 434 5.04 -10.43 -20.46
CA ASN B 434 5.76 -10.00 -21.65
C ASN B 434 6.77 -11.08 -22.00
N ILE B 435 6.52 -11.81 -23.07
CA ILE B 435 7.38 -12.91 -23.52
C ILE B 435 8.19 -12.40 -24.71
N PRO B 436 9.52 -12.33 -24.60
CA PRO B 436 10.33 -11.86 -25.74
C PRO B 436 10.17 -12.70 -26.98
N THR B 437 9.92 -14.00 -26.84
CA THR B 437 9.80 -14.87 -28.01
C THR B 437 8.61 -14.48 -28.88
N ILE B 438 7.48 -14.16 -28.26
CA ILE B 438 6.28 -13.81 -29.03
C ILE B 438 6.36 -12.37 -29.49
N ALA B 439 6.42 -11.43 -28.54
CA ALA B 439 6.50 -10.00 -28.85
C ALA B 439 7.61 -9.40 -28.00
N ARG B 440 8.55 -8.71 -28.65
CA ARG B 440 9.75 -8.26 -27.95
C ARG B 440 9.45 -7.13 -26.97
N TYR B 441 8.55 -6.21 -27.35
CA TYR B 441 8.27 -5.02 -26.55
C TYR B 441 6.78 -4.77 -26.41
N GLU B 442 5.98 -5.82 -26.18
CA GLU B 442 4.55 -5.68 -25.98
C GLU B 442 4.17 -6.13 -24.58
N TRP B 443 3.22 -5.42 -23.97
CA TRP B 443 2.80 -5.68 -22.60
C TRP B 443 1.28 -5.82 -22.55
N HIS B 444 0.80 -6.83 -21.85
CA HIS B 444 -0.63 -7.05 -21.70
C HIS B 444 -0.95 -7.44 -20.26
N PRO B 445 -2.07 -6.95 -19.72
CA PRO B 445 -2.41 -7.26 -18.33
C PRO B 445 -3.11 -8.61 -18.18
N PHE B 446 -2.69 -9.35 -17.17
CA PHE B 446 -3.31 -10.63 -16.82
C PHE B 446 -3.58 -10.67 -15.33
N THR B 447 -4.68 -11.32 -14.95
CA THR B 447 -5.12 -11.39 -13.57
C THR B 447 -4.61 -12.67 -12.94
N ILE B 448 -4.08 -12.55 -11.71
CA ILE B 448 -3.52 -13.71 -11.02
C ILE B 448 -4.64 -14.67 -10.65
N SER B 449 -4.46 -15.94 -11.02
CA SER B 449 -5.43 -16.99 -10.71
C SER B 449 -4.86 -18.00 -9.73
N SER B 450 -4.03 -17.53 -8.78
CA SER B 450 -3.46 -18.37 -7.74
C SER B 450 -3.56 -17.63 -6.41
N ALA B 451 -3.86 -18.38 -5.36
CA ALA B 451 -4.03 -17.77 -4.04
C ALA B 451 -2.70 -17.18 -3.55
N PRO B 452 -2.77 -16.08 -2.80
CA PRO B 452 -1.53 -15.51 -2.24
C PRO B 452 -0.82 -16.43 -1.28
N GLU B 453 -1.50 -17.43 -0.73
CA GLU B 453 -0.90 -18.35 0.22
C GLU B 453 -0.11 -19.46 -0.46
N GLN B 454 -0.07 -19.48 -1.79
CA GLN B 454 0.71 -20.47 -2.53
C GLN B 454 2.13 -19.93 -2.71
N LYS B 455 3.09 -20.53 -2.00
CA LYS B 455 4.46 -20.04 -2.00
C LYS B 455 5.30 -20.58 -3.15
N ASP B 456 4.80 -21.54 -3.90
CA ASP B 456 5.61 -22.20 -4.94
C ASP B 456 5.57 -21.43 -6.26
N THR B 457 4.38 -21.27 -6.84
CA THR B 457 4.24 -20.64 -8.14
C THR B 457 3.02 -19.72 -8.14
N ILE B 458 3.05 -18.74 -9.05
CA ILE B 458 1.95 -17.82 -9.26
C ILE B 458 1.34 -18.13 -10.63
N TRP B 459 0.03 -18.38 -10.64
CA TRP B 459 -0.65 -18.78 -11.85
C TRP B 459 -1.08 -17.57 -12.69
N LEU B 460 -1.33 -17.83 -13.96
CA LEU B 460 -1.92 -16.86 -14.87
C LEU B 460 -2.78 -17.61 -15.86
N HIS B 461 -3.99 -17.12 -16.11
CA HIS B 461 -4.91 -17.76 -17.04
C HIS B 461 -5.25 -16.79 -18.15
N ILE B 462 -5.06 -17.22 -19.40
CA ILE B 462 -5.20 -16.37 -20.57
C ILE B 462 -6.10 -17.07 -21.56
N ARG B 463 -7.13 -16.37 -22.03
CA ARG B 463 -8.05 -16.89 -23.04
C ARG B 463 -7.73 -16.24 -24.38
N SER B 464 -7.72 -17.05 -25.43
CA SER B 464 -7.33 -16.58 -26.76
C SER B 464 -8.40 -15.70 -27.37
N GLN B 465 -8.46 -14.44 -26.95
CA GLN B 465 -9.46 -13.49 -27.42
C GLN B 465 -8.88 -12.46 -28.38
N GLY B 466 -7.67 -12.69 -28.89
CA GLY B 466 -7.04 -11.74 -29.78
C GLY B 466 -5.98 -12.36 -30.68
N GLN B 467 -4.91 -11.62 -30.95
CA GLN B 467 -3.80 -12.11 -31.76
C GLN B 467 -2.62 -12.57 -30.91
N TRP B 468 -2.17 -11.72 -29.99
CA TRP B 468 -1.00 -12.05 -29.18
C TRP B 468 -1.25 -13.28 -28.32
N THR B 469 -2.42 -13.35 -27.68
CA THR B 469 -2.78 -14.55 -26.93
C THR B 469 -2.93 -15.75 -27.86
N ASN B 470 -3.56 -15.54 -29.02
CA ASN B 470 -3.63 -16.61 -30.01
C ASN B 470 -2.24 -16.98 -30.50
N ARG B 471 -1.35 -16.00 -30.63
CA ARG B 471 0.02 -16.31 -31.02
C ARG B 471 0.71 -17.18 -29.97
N LEU B 472 0.50 -16.87 -28.68
CA LEU B 472 1.06 -17.71 -27.63
C LEU B 472 0.51 -19.12 -27.69
N TYR B 473 -0.80 -19.26 -27.90
CA TYR B 473 -1.40 -20.58 -27.98
C TYR B 473 -0.86 -21.37 -29.16
N GLU B 474 -0.73 -20.73 -30.32
CA GLU B 474 -0.19 -21.39 -31.49
C GLU B 474 1.26 -21.80 -31.27
N SER B 475 2.06 -20.91 -30.68
CA SER B 475 3.47 -21.22 -30.47
C SER B 475 3.64 -22.39 -29.51
N PHE B 476 2.86 -22.40 -28.42
CA PHE B 476 2.97 -23.50 -27.47
C PHE B 476 2.24 -24.76 -27.92
N LYS B 477 1.45 -24.68 -29.00
CA LYS B 477 0.86 -25.89 -29.55
C LYS B 477 1.92 -26.84 -30.07
N ALA B 478 2.93 -26.31 -30.75
CA ALA B 478 4.01 -27.13 -31.30
C ALA B 478 5.32 -26.36 -31.31
N CYS B 515 9.59 -26.38 -20.59
CA CYS B 515 9.80 -25.07 -21.19
C CYS B 515 10.45 -24.10 -20.20
N ASN B 516 11.47 -23.39 -20.66
CA ASN B 516 12.16 -22.39 -19.85
C ASN B 516 12.43 -21.18 -20.75
N ILE B 517 11.48 -20.24 -20.77
CA ILE B 517 11.58 -19.03 -21.58
C ILE B 517 11.43 -17.84 -20.66
N LYS B 518 12.09 -16.74 -21.01
CA LYS B 518 12.10 -15.56 -20.17
C LYS B 518 10.71 -14.94 -20.09
N CYS B 519 10.35 -14.48 -18.89
CA CYS B 519 9.11 -13.77 -18.66
C CYS B 519 9.37 -12.63 -17.68
N TYR B 520 8.67 -11.51 -17.88
CA TYR B 520 8.86 -10.33 -17.06
C TYR B 520 7.51 -9.92 -16.48
N ILE B 521 7.46 -9.81 -15.15
CA ILE B 521 6.25 -9.40 -14.44
C ILE B 521 6.55 -8.09 -13.73
N ASP B 522 5.52 -7.26 -13.57
CA ASP B 522 5.67 -5.93 -12.97
C ASP B 522 4.62 -5.74 -11.87
N GLY B 523 4.94 -6.22 -10.68
CA GLY B 523 4.20 -5.89 -9.47
C GLY B 523 2.75 -6.35 -9.47
N PRO B 524 2.14 -6.31 -8.28
CA PRO B 524 0.68 -6.46 -8.21
C PRO B 524 -0.03 -5.12 -8.15
N TYR B 525 -1.10 -4.99 -8.93
CA TYR B 525 -1.99 -3.85 -8.88
C TYR B 525 -3.43 -4.33 -8.82
N GLY B 526 -4.28 -3.54 -8.19
CA GLY B 526 -5.69 -3.87 -8.12
C GLY B 526 -6.32 -3.30 -6.87
N THR B 527 -7.65 -3.35 -6.85
CA THR B 527 -8.40 -2.85 -5.71
C THR B 527 -8.14 -3.73 -4.49
N PRO B 528 -7.97 -3.14 -3.30
CA PRO B 528 -7.80 -3.96 -2.09
C PRO B 528 -9.02 -4.83 -1.84
N THR B 529 -8.77 -6.05 -1.36
CA THR B 529 -9.82 -7.00 -1.08
C THR B 529 -10.04 -7.22 0.41
N ARG B 530 -9.47 -6.36 1.26
CA ARG B 530 -9.64 -6.49 2.70
C ARG B 530 -11.09 -6.30 3.12
N ARG B 531 -11.89 -5.58 2.32
CA ARG B 531 -13.29 -5.37 2.67
C ARG B 531 -14.10 -6.66 2.64
N ILE B 532 -13.75 -7.59 1.75
CA ILE B 532 -14.49 -8.84 1.67
C ILE B 532 -14.23 -9.69 2.90
N PHE B 533 -12.97 -9.81 3.31
CA PHE B 533 -12.64 -10.62 4.49
C PHE B 533 -13.08 -9.94 5.77
N ALA B 534 -13.01 -8.61 5.82
CA ALA B 534 -13.50 -7.85 6.97
C ALA B 534 -14.99 -7.56 6.84
N SER B 535 -15.77 -8.62 6.62
CA SER B 535 -17.21 -8.51 6.46
C SER B 535 -17.86 -9.77 7.02
N GLU B 536 -19.18 -9.83 6.94
CA GLU B 536 -19.95 -10.99 7.38
C GLU B 536 -20.87 -11.42 6.25
N HIS B 537 -20.69 -12.67 5.81
CA HIS B 537 -21.46 -13.25 4.71
C HIS B 537 -21.46 -12.34 3.48
N ALA B 538 -20.27 -12.10 2.95
CA ALA B 538 -20.12 -11.30 1.74
C ALA B 538 -20.32 -12.22 0.53
N VAL B 539 -21.47 -12.08 -0.12
CA VAL B 539 -21.82 -12.94 -1.26
C VAL B 539 -21.20 -12.36 -2.52
N LEU B 540 -20.61 -13.23 -3.34
CA LEU B 540 -19.95 -12.84 -4.57
C LEU B 540 -20.81 -13.26 -5.75
N ILE B 541 -21.01 -12.35 -6.69
CA ILE B 541 -21.84 -12.60 -7.87
C ILE B 541 -20.93 -12.50 -9.09
N GLY B 542 -20.93 -13.55 -9.91
CA GLY B 542 -20.07 -13.63 -11.06
C GLY B 542 -20.77 -13.17 -12.31
N ALA B 543 -20.18 -12.16 -12.97
CA ALA B 543 -20.70 -11.65 -14.24
C ALA B 543 -19.55 -10.98 -14.98
N GLY B 544 -19.78 -10.73 -16.27
CA GLY B 544 -18.73 -10.21 -17.11
C GLY B 544 -17.76 -11.29 -17.55
N ILE B 545 -16.66 -10.85 -18.17
CA ILE B 545 -15.65 -11.77 -18.66
C ILE B 545 -14.44 -11.88 -17.74
N GLY B 546 -14.25 -10.92 -16.84
CA GLY B 546 -13.11 -10.96 -15.93
C GLY B 546 -13.42 -11.68 -14.63
N ILE B 547 -13.72 -12.98 -14.72
CA ILE B 547 -14.06 -13.77 -13.54
C ILE B 547 -12.82 -14.45 -13.00
N THR B 548 -11.66 -14.10 -13.55
CA THR B 548 -10.40 -14.67 -13.06
C THR B 548 -10.13 -14.32 -11.60
N PRO B 549 -10.28 -13.08 -11.14
CA PRO B 549 -9.99 -12.79 -9.72
C PRO B 549 -10.90 -13.52 -8.75
N PHE B 550 -12.08 -13.94 -9.18
CA PHE B 550 -12.97 -14.68 -8.28
C PHE B 550 -12.37 -16.02 -7.89
N ALA B 551 -11.66 -16.66 -8.82
CA ALA B 551 -10.97 -17.90 -8.48
C ALA B 551 -9.92 -17.66 -7.40
N SER B 552 -9.16 -16.58 -7.52
CA SER B 552 -8.17 -16.25 -6.51
C SER B 552 -8.83 -15.98 -5.16
N ILE B 553 -9.93 -15.24 -5.16
CA ILE B 553 -10.63 -14.93 -3.91
C ILE B 553 -11.15 -16.21 -3.27
N LEU B 554 -11.75 -17.09 -4.08
CA LEU B 554 -12.27 -18.35 -3.54
C LEU B 554 -11.15 -19.21 -2.97
N GLN B 555 -10.02 -19.30 -3.69
CA GLN B 555 -8.90 -20.09 -3.18
C GLN B 555 -8.36 -19.52 -1.88
N SER B 556 -8.24 -18.19 -1.79
CA SER B 556 -7.75 -17.57 -0.56
C SER B 556 -8.72 -17.83 0.60
N ILE B 557 -10.02 -17.71 0.35
CA ILE B 557 -11.00 -17.90 1.41
C ILE B 557 -11.00 -19.36 1.88
N MET B 558 -10.94 -20.31 0.94
CA MET B 558 -10.84 -21.71 1.32
C MET B 558 -9.59 -21.99 2.13
N TYR B 559 -8.44 -21.43 1.70
CA TYR B 559 -7.20 -21.69 2.41
C TYR B 559 -7.24 -21.11 3.82
N ARG B 560 -7.76 -19.90 3.98
CA ARG B 560 -7.86 -19.30 5.30
C ARG B 560 -8.86 -20.04 6.18
N HIS B 561 -9.95 -20.55 5.58
CA HIS B 561 -10.91 -21.33 6.34
C HIS B 561 -10.30 -22.63 6.84
N GLN B 562 -9.48 -23.28 6.02
CA GLN B 562 -8.88 -24.54 6.42
C GLN B 562 -7.75 -24.34 7.41
N LYS B 563 -7.10 -23.17 7.38
CA LYS B 563 -5.99 -22.91 8.29
C LYS B 563 -6.44 -22.82 9.75
N ARG B 564 -7.72 -22.55 10.00
CA ARG B 564 -8.23 -22.51 11.35
C ARG B 564 -8.83 -23.83 11.80
N LYS B 565 -8.76 -24.87 10.96
CA LYS B 565 -9.20 -26.22 11.34
C LYS B 565 -8.06 -26.88 12.10
N HIS B 566 -7.96 -26.55 13.39
CA HIS B 566 -6.86 -26.99 14.22
C HIS B 566 -7.17 -28.35 14.84
N THR B 567 -6.22 -29.29 14.71
CA THR B 567 -6.36 -30.64 15.24
C THR B 567 -5.21 -30.91 16.21
N CYS B 568 -5.54 -31.48 17.36
CA CYS B 568 -4.53 -31.78 18.37
C CYS B 568 -3.79 -33.06 17.98
N PRO B 569 -2.47 -33.03 17.81
CA PRO B 569 -1.74 -34.27 17.49
C PRO B 569 -1.82 -35.32 18.58
N SER B 570 -1.90 -34.91 19.84
CA SER B 570 -1.87 -35.86 20.95
C SER B 570 -3.08 -36.79 20.92
N CYS B 571 -4.27 -36.22 21.11
CA CYS B 571 -5.49 -37.00 21.25
C CYS B 571 -6.33 -37.02 19.97
N GLN B 572 -5.81 -36.52 18.86
CA GLN B 572 -6.50 -36.51 17.58
C GLN B 572 -7.85 -35.79 17.66
N HIS B 573 -7.92 -34.73 18.46
CA HIS B 573 -9.12 -33.91 18.58
C HIS B 573 -8.95 -32.65 17.75
N SER B 574 -9.94 -32.37 16.90
CA SER B 574 -9.93 -31.18 16.06
C SER B 574 -11.04 -30.26 16.52
N TRP B 575 -10.67 -29.01 16.85
CA TRP B 575 -11.65 -27.99 17.22
C TRP B 575 -11.39 -26.75 16.38
N ILE B 576 -12.46 -26.12 15.91
CA ILE B 576 -12.36 -24.95 15.05
C ILE B 576 -12.28 -23.70 15.91
N GLU B 577 -11.24 -22.91 15.71
CA GLU B 577 -11.10 -21.65 16.41
C GLU B 577 -11.90 -20.56 15.69
N GLY B 578 -12.16 -19.49 16.42
CA GLY B 578 -12.89 -18.37 15.87
C GLY B 578 -12.03 -17.56 14.91
N VAL B 579 -12.61 -16.45 14.45
CA VAL B 579 -11.92 -15.56 13.52
C VAL B 579 -10.72 -14.93 14.22
N GLN B 580 -9.56 -14.94 13.56
CA GLN B 580 -8.30 -14.46 14.14
C GLN B 580 -7.62 -13.50 13.17
N ASP B 581 -8.03 -12.23 13.23
CA ASP B 581 -7.28 -11.12 12.63
C ASP B 581 -7.10 -11.23 11.12
N ASN B 582 -7.71 -12.23 10.48
CA ASN B 582 -7.55 -12.46 9.06
C ASN B 582 -8.84 -12.21 8.28
N MET B 583 -9.93 -12.87 8.67
CA MET B 583 -11.22 -12.69 8.03
C MET B 583 -12.30 -12.78 9.09
N LYS B 584 -13.49 -12.26 8.77
CA LYS B 584 -14.63 -12.27 9.68
C LYS B 584 -15.85 -12.92 9.06
N LEU B 585 -15.68 -13.64 7.96
CA LEU B 585 -16.78 -14.30 7.26
C LEU B 585 -17.12 -15.63 7.91
N HIS B 586 -18.41 -15.96 7.91
CA HIS B 586 -18.88 -17.26 8.33
C HIS B 586 -19.48 -18.08 7.19
N LYS B 587 -19.83 -17.45 6.08
CA LYS B 587 -20.43 -18.13 4.95
C LYS B 587 -20.25 -17.28 3.71
N VAL B 588 -19.95 -17.92 2.58
CA VAL B 588 -19.77 -17.23 1.31
C VAL B 588 -20.64 -17.94 0.28
N ASP B 589 -21.32 -17.16 -0.56
CA ASP B 589 -22.20 -17.67 -1.60
C ASP B 589 -21.69 -17.21 -2.95
N PHE B 590 -21.50 -18.17 -3.86
CA PHE B 590 -20.99 -17.90 -5.20
C PHE B 590 -22.11 -18.11 -6.21
N ILE B 591 -22.38 -17.08 -7.01
CA ILE B 591 -23.46 -17.13 -7.99
C ILE B 591 -22.89 -16.61 -9.30
N TRP B 592 -22.96 -17.44 -10.35
CA TRP B 592 -22.28 -17.21 -11.62
C TRP B 592 -23.34 -17.04 -12.72
N ILE B 593 -23.40 -15.86 -13.33
CA ILE B 593 -24.48 -15.57 -14.28
C ILE B 593 -23.77 -15.04 -15.53
N ASN B 594 -23.35 -15.95 -16.42
CA ASN B 594 -22.52 -15.51 -17.54
C ASN B 594 -23.00 -16.19 -18.81
N ARG B 595 -22.39 -15.82 -19.94
CA ARG B 595 -22.88 -16.28 -21.24
C ARG B 595 -22.81 -17.79 -21.36
N ASP B 596 -21.71 -18.40 -20.94
CA ASP B 596 -21.52 -19.83 -21.09
C ASP B 596 -20.34 -20.25 -20.23
N GLN B 597 -19.97 -21.53 -20.36
CA GLN B 597 -18.73 -22.08 -19.82
C GLN B 597 -17.81 -22.52 -20.96
N ARG B 598 -17.89 -21.80 -22.09
CA ARG B 598 -17.22 -22.24 -23.30
C ARG B 598 -15.71 -22.30 -23.13
N SER B 599 -15.13 -21.27 -22.51
CA SER B 599 -13.69 -21.18 -22.34
C SER B 599 -13.23 -21.32 -20.89
N PHE B 600 -14.14 -21.27 -19.93
CA PHE B 600 -13.78 -21.30 -18.52
C PHE B 600 -13.80 -22.71 -17.94
N GLU B 601 -13.13 -23.65 -18.62
CA GLU B 601 -13.03 -25.00 -18.07
C GLU B 601 -12.05 -25.04 -16.89
N TRP B 602 -11.01 -24.22 -16.96
CA TRP B 602 -10.11 -24.05 -15.81
C TRP B 602 -10.89 -23.58 -14.58
N PHE B 603 -11.71 -22.54 -14.77
CA PHE B 603 -12.45 -21.96 -13.65
C PHE B 603 -13.50 -22.93 -13.11
N VAL B 604 -14.19 -23.64 -14.01
CA VAL B 604 -15.16 -24.64 -13.59
C VAL B 604 -14.47 -25.75 -12.80
N SER B 605 -13.32 -26.22 -13.29
CA SER B 605 -12.60 -27.26 -12.56
C SER B 605 -12.14 -26.78 -11.19
N LEU B 606 -11.65 -25.54 -11.11
CA LEU B 606 -11.19 -25.02 -9.83
C LEU B 606 -12.34 -24.87 -8.83
N LEU B 607 -13.48 -24.33 -9.28
CA LEU B 607 -14.61 -24.17 -8.37
C LEU B 607 -15.15 -25.53 -7.93
N THR B 608 -15.20 -26.50 -8.84
CA THR B 608 -15.63 -27.84 -8.47
C THR B 608 -14.68 -28.46 -7.46
N LYS B 609 -13.37 -28.27 -7.66
CA LYS B 609 -12.37 -28.79 -6.74
C LYS B 609 -12.57 -28.20 -5.34
N LEU B 610 -12.70 -26.88 -5.26
CA LEU B 610 -12.92 -26.24 -3.97
C LEU B 610 -14.23 -26.72 -3.34
N GLU B 611 -15.27 -26.91 -4.15
CA GLU B 611 -16.56 -27.32 -3.64
C GLU B 611 -16.49 -28.70 -2.98
N MET B 612 -15.94 -29.70 -3.68
CA MET B 612 -15.94 -30.98 -2.98
C MET B 612 -14.82 -31.06 -1.95
N ASP B 613 -13.85 -30.13 -1.99
CA ASP B 613 -12.91 -30.04 -0.89
C ASP B 613 -13.60 -29.54 0.38
N GLN B 614 -14.56 -28.62 0.24
CA GLN B 614 -15.34 -28.15 1.38
C GLN B 614 -16.63 -28.94 1.57
N ALA B 615 -16.95 -29.88 0.67
CA ALA B 615 -18.18 -30.66 0.82
C ALA B 615 -18.06 -31.66 1.97
N GLU B 616 -16.85 -32.08 2.31
CA GLU B 616 -16.65 -32.99 3.43
C GLU B 616 -16.89 -32.31 4.77
N GLU B 617 -17.09 -31.00 4.79
CA GLU B 617 -17.30 -30.23 6.01
C GLU B 617 -18.68 -29.60 6.08
N ALA B 618 -19.56 -29.91 5.13
CA ALA B 618 -20.88 -29.29 5.06
C ALA B 618 -21.93 -30.02 5.90
N GLN B 619 -21.60 -31.19 6.48
CA GLN B 619 -22.57 -31.92 7.27
C GLN B 619 -22.97 -31.15 8.52
N TYR B 620 -22.00 -30.55 9.22
CA TYR B 620 -22.30 -29.71 10.37
C TYR B 620 -22.64 -28.29 9.99
N GLY B 621 -22.03 -27.78 8.92
CA GLY B 621 -22.34 -26.45 8.42
C GLY B 621 -21.70 -26.18 7.08
N ARG B 622 -22.49 -25.73 6.11
CA ARG B 622 -21.98 -25.43 4.78
C ARG B 622 -21.22 -24.10 4.80
N PHE B 623 -20.14 -24.02 4.04
CA PHE B 623 -19.33 -22.83 3.96
C PHE B 623 -19.35 -22.14 2.60
N LEU B 624 -19.44 -22.90 1.51
CA LEU B 624 -19.46 -22.33 0.19
C LEU B 624 -20.65 -22.89 -0.58
N GLU B 625 -21.44 -22.01 -1.19
CA GLU B 625 -22.56 -22.40 -2.02
C GLU B 625 -22.31 -21.95 -3.45
N LEU B 626 -22.61 -22.83 -4.41
CA LEU B 626 -22.42 -22.55 -5.82
C LEU B 626 -23.77 -22.43 -6.50
N HIS B 627 -23.96 -21.35 -7.26
CA HIS B 627 -25.17 -21.12 -8.06
C HIS B 627 -24.70 -20.82 -9.48
N MET B 628 -24.61 -21.86 -10.31
CA MET B 628 -24.11 -21.74 -11.67
C MET B 628 -25.29 -21.66 -12.64
N TYR B 629 -25.34 -20.59 -13.41
CA TYR B 629 -26.44 -20.34 -14.34
C TYR B 629 -25.91 -20.19 -15.74
N MET B 630 -26.79 -20.45 -16.72
CA MET B 630 -26.48 -20.28 -18.13
C MET B 630 -27.35 -19.24 -18.81
N THR B 631 -28.65 -19.25 -18.54
CA THR B 631 -29.65 -18.37 -19.16
C THR B 631 -29.69 -18.48 -20.67
N SER B 632 -29.00 -19.47 -21.24
CA SER B 632 -29.06 -19.73 -22.68
C SER B 632 -29.18 -21.21 -23.00
N ALA B 633 -29.18 -22.09 -22.01
CA ALA B 633 -29.33 -23.51 -22.24
C ALA B 633 -30.80 -23.86 -22.41
N LEU B 634 -31.06 -25.14 -22.68
CA LEU B 634 -32.42 -25.61 -22.91
C LEU B 634 -33.08 -26.00 -21.59
N LYS B 640 -38.26 -26.88 -18.98
CA LYS B 640 -37.99 -26.06 -20.15
C LYS B 640 -38.93 -26.43 -21.30
N ALA B 641 -38.36 -26.73 -22.47
CA ALA B 641 -39.14 -27.10 -23.64
C ALA B 641 -38.94 -28.55 -24.09
N ILE B 642 -37.82 -29.17 -23.76
CA ILE B 642 -37.53 -30.54 -24.12
C ILE B 642 -37.15 -31.29 -22.85
N GLY B 643 -37.73 -32.48 -22.66
CA GLY B 643 -37.54 -33.23 -21.43
C GLY B 643 -36.19 -33.90 -21.30
N LEU B 644 -35.12 -33.16 -21.58
CA LEU B 644 -33.77 -33.69 -21.37
C LEU B 644 -33.40 -33.76 -19.90
N GLN B 645 -33.89 -32.81 -19.10
CA GLN B 645 -33.58 -32.79 -17.67
C GLN B 645 -34.16 -33.99 -16.94
N MET B 646 -35.14 -34.67 -17.53
CA MET B 646 -35.68 -35.88 -16.90
C MET B 646 -34.61 -36.95 -16.76
N ALA B 647 -33.76 -37.11 -17.78
CA ALA B 647 -32.68 -38.07 -17.69
C ALA B 647 -31.69 -37.72 -16.59
N LEU B 648 -31.34 -36.43 -16.47
CA LEU B 648 -30.38 -36.00 -15.46
C LEU B 648 -30.97 -35.95 -14.06
N ASP B 649 -32.31 -35.94 -13.93
CA ASP B 649 -32.92 -35.92 -12.61
C ASP B 649 -32.50 -37.12 -11.77
N LEU B 650 -32.53 -38.32 -12.36
CA LEU B 650 -32.05 -39.50 -11.67
C LEU B 650 -30.52 -39.57 -11.63
N LEU B 651 -29.85 -39.07 -12.67
CA LEU B 651 -28.39 -39.11 -12.71
C LEU B 651 -27.76 -38.30 -11.58
N ALA B 652 -28.38 -37.17 -11.21
CA ALA B 652 -27.81 -36.31 -10.18
C ALA B 652 -27.70 -37.04 -8.85
N ASN B 653 -28.75 -37.76 -8.46
CA ASN B 653 -28.69 -38.53 -7.22
C ASN B 653 -28.05 -39.89 -7.41
N LYS B 654 -27.88 -40.36 -8.65
CA LYS B 654 -27.23 -41.65 -8.88
C LYS B 654 -25.79 -41.65 -8.40
N GLU B 655 -25.05 -40.58 -8.68
CA GLU B 655 -23.64 -40.48 -8.29
C GLU B 655 -23.35 -39.26 -7.43
N LYS B 656 -24.38 -38.60 -6.90
CA LYS B 656 -24.25 -37.43 -6.04
C LYS B 656 -23.51 -36.28 -6.73
N LYS B 657 -23.52 -36.26 -8.06
CA LYS B 657 -22.86 -35.22 -8.82
C LYS B 657 -23.45 -35.17 -10.21
N ASP B 658 -23.60 -33.95 -10.75
CA ASP B 658 -24.12 -33.79 -12.09
C ASP B 658 -23.17 -34.38 -13.12
N SER B 659 -23.72 -35.15 -14.06
CA SER B 659 -22.89 -35.80 -15.07
C SER B 659 -22.23 -34.79 -15.99
N ILE B 660 -22.84 -33.62 -16.18
CA ILE B 660 -22.26 -32.61 -17.06
C ILE B 660 -21.11 -31.86 -16.40
N THR B 661 -20.98 -31.94 -15.08
CA THR B 661 -19.95 -31.19 -14.37
C THR B 661 -19.18 -31.99 -13.33
N GLY B 662 -19.73 -33.09 -12.82
CA GLY B 662 -19.09 -33.77 -11.71
C GLY B 662 -19.09 -32.93 -10.45
N LEU B 663 -20.19 -32.26 -10.16
CA LEU B 663 -20.26 -31.27 -9.09
C LEU B 663 -21.57 -31.43 -8.34
N GLN B 664 -21.59 -30.97 -7.09
CA GLN B 664 -22.82 -30.98 -6.32
C GLN B 664 -23.88 -30.11 -7.00
N THR B 665 -23.49 -28.94 -7.51
CA THR B 665 -24.40 -28.13 -8.30
C THR B 665 -24.66 -28.79 -9.65
N ARG B 666 -25.90 -28.71 -10.11
CA ARG B 666 -26.30 -29.33 -11.36
C ARG B 666 -26.53 -28.32 -12.48
N THR B 667 -26.01 -27.10 -12.34
CA THR B 667 -26.04 -26.07 -13.38
C THR B 667 -27.49 -25.73 -13.76
N GLN B 668 -28.19 -25.14 -12.80
CA GLN B 668 -29.56 -24.67 -13.05
C GLN B 668 -29.54 -23.38 -13.85
N PRO B 669 -30.32 -23.31 -14.94
CA PRO B 669 -30.50 -22.01 -15.64
C PRO B 669 -31.57 -21.16 -14.98
N GLY B 670 -31.88 -20.01 -15.59
CA GLY B 670 -32.89 -19.10 -15.06
C GLY B 670 -32.38 -17.69 -14.83
N ARG B 671 -32.83 -16.77 -15.68
CA ARG B 671 -32.35 -15.39 -15.71
C ARG B 671 -32.84 -14.56 -14.53
N PRO B 672 -34.16 -14.32 -14.42
CA PRO B 672 -34.63 -13.40 -13.37
C PRO B 672 -34.79 -14.07 -12.02
N ASP B 673 -35.10 -15.37 -12.01
CA ASP B 673 -35.20 -16.09 -10.74
C ASP B 673 -33.89 -16.06 -9.96
N TRP B 674 -32.75 -15.97 -10.66
CA TRP B 674 -31.48 -15.80 -9.97
C TRP B 674 -31.44 -14.48 -9.20
N SER B 675 -31.92 -13.40 -9.82
CA SER B 675 -32.00 -12.12 -9.12
C SER B 675 -32.98 -12.19 -7.95
N LYS B 676 -34.10 -12.87 -8.14
CA LYS B 676 -35.06 -13.04 -7.04
C LYS B 676 -34.45 -13.82 -5.87
N VAL B 677 -33.68 -14.87 -6.17
CA VAL B 677 -33.02 -15.63 -5.12
C VAL B 677 -31.94 -14.78 -4.44
N PHE B 678 -31.25 -13.94 -5.21
CA PHE B 678 -30.30 -13.00 -4.63
C PHE B 678 -31.01 -12.05 -3.66
N GLN B 679 -32.23 -11.65 -4.00
CA GLN B 679 -33.03 -10.89 -3.04
C GLN B 679 -33.38 -11.73 -1.83
N LYS B 680 -33.69 -13.01 -2.03
CA LYS B 680 -34.07 -13.91 -0.97
C LYS B 680 -32.91 -14.74 -0.42
N VAL B 681 -31.69 -14.21 -0.50
CA VAL B 681 -30.52 -14.93 0.00
C VAL B 681 -30.47 -14.86 1.52
N GLU B 684 -31.28 -17.14 5.32
CA GLU B 684 -29.96 -17.38 5.88
C GLU B 684 -29.16 -16.08 6.01
N LYS B 685 -28.58 -15.87 7.19
CA LYS B 685 -27.78 -14.69 7.46
C LYS B 685 -26.82 -15.01 8.60
N LYS B 686 -25.52 -14.99 8.32
CA LYS B 686 -24.50 -15.29 9.30
C LYS B 686 -23.90 -14.04 9.92
N GLY B 687 -24.50 -12.88 9.67
CA GLY B 687 -23.99 -11.64 10.21
C GLY B 687 -24.53 -10.46 9.42
N LYS B 688 -23.77 -9.36 9.44
CA LYS B 688 -24.13 -8.20 8.64
C LYS B 688 -23.85 -8.49 7.18
N VAL B 689 -24.84 -9.03 6.47
CA VAL B 689 -24.62 -9.55 5.12
C VAL B 689 -24.36 -8.41 4.15
N GLN B 690 -23.43 -8.64 3.23
CA GLN B 690 -23.07 -7.68 2.20
C GLN B 690 -23.08 -8.37 0.84
N VAL B 691 -23.43 -7.62 -0.19
CA VAL B 691 -23.55 -8.15 -1.54
C VAL B 691 -22.57 -7.41 -2.45
N PHE B 692 -21.75 -8.17 -3.16
CA PHE B 692 -20.78 -7.62 -4.10
C PHE B 692 -21.00 -8.22 -5.48
N PHE B 693 -20.97 -7.39 -6.50
CA PHE B 693 -21.19 -7.82 -7.87
C PHE B 693 -20.13 -7.23 -8.78
N CYS B 694 -20.02 -7.78 -9.98
CA CYS B 694 -19.04 -7.34 -10.97
C CYS B 694 -19.61 -7.61 -12.36
N GLY B 695 -19.92 -6.56 -13.10
CA GLY B 695 -20.46 -6.72 -14.44
C GLY B 695 -20.90 -5.39 -15.02
N SER B 696 -21.74 -5.47 -16.04
CA SER B 696 -22.25 -4.29 -16.70
C SER B 696 -23.19 -3.54 -15.77
N PRO B 697 -23.35 -2.22 -15.97
CA PRO B 697 -24.17 -1.44 -15.03
C PRO B 697 -25.63 -1.85 -14.97
N ALA B 698 -26.17 -2.50 -16.01
CA ALA B 698 -27.60 -2.81 -16.02
C ALA B 698 -27.95 -3.85 -14.96
N LEU B 699 -27.33 -5.03 -15.04
CA LEU B 699 -27.63 -6.10 -14.09
C LEU B 699 -27.26 -5.70 -12.67
N ALA B 700 -26.10 -5.04 -12.51
CA ALA B 700 -25.68 -4.61 -11.18
C ALA B 700 -26.65 -3.59 -10.60
N LYS B 701 -27.11 -2.64 -11.42
CA LYS B 701 -28.08 -1.66 -10.95
C LYS B 701 -29.39 -2.32 -10.56
N VAL B 702 -29.86 -3.28 -11.36
CA VAL B 702 -31.08 -3.99 -11.03
C VAL B 702 -30.94 -4.73 -9.70
N LEU B 703 -29.82 -5.44 -9.53
CA LEU B 703 -29.59 -6.17 -8.29
C LEU B 703 -29.52 -5.24 -7.09
N LYS B 704 -28.83 -4.10 -7.24
CA LYS B 704 -28.75 -3.15 -6.13
C LYS B 704 -30.12 -2.58 -5.79
N GLY B 705 -30.87 -2.14 -6.80
CA GLY B 705 -32.18 -1.58 -6.55
C GLY B 705 -33.12 -2.57 -5.88
N HIS B 706 -33.06 -3.84 -6.30
CA HIS B 706 -33.79 -4.87 -5.57
C HIS B 706 -33.26 -5.03 -4.15
N CYS B 707 -31.94 -4.96 -3.98
CA CYS B 707 -31.32 -5.22 -2.68
C CYS B 707 -31.49 -4.05 -1.71
N GLU B 708 -31.70 -2.83 -2.22
CA GLU B 708 -31.79 -1.67 -1.34
C GLU B 708 -33.00 -1.75 -0.41
N LYS B 709 -34.06 -2.44 -0.85
CA LYS B 709 -35.23 -2.59 0.02
C LYS B 709 -34.95 -3.45 1.23
N PHE B 710 -34.00 -4.39 1.12
CA PHE B 710 -33.69 -5.33 2.18
C PHE B 710 -32.71 -4.76 3.20
N GLY B 711 -32.24 -3.53 3.02
CA GLY B 711 -31.35 -2.90 3.98
C GLY B 711 -30.01 -3.57 4.12
N PHE B 712 -29.37 -3.91 3.00
CA PHE B 712 -28.07 -4.56 3.00
C PHE B 712 -27.00 -3.58 2.52
N ARG B 713 -25.89 -3.52 3.25
CA ARG B 713 -24.78 -2.64 2.88
C ARG B 713 -24.03 -3.26 1.69
N PHE B 714 -24.69 -3.19 0.53
CA PHE B 714 -24.21 -3.83 -0.68
C PHE B 714 -23.55 -2.80 -1.58
N PHE B 715 -22.26 -2.97 -1.85
CA PHE B 715 -21.53 -2.12 -2.78
C PHE B 715 -21.58 -2.75 -4.17
N GLN B 716 -22.78 -2.76 -4.74
CA GLN B 716 -23.00 -3.37 -6.04
C GLN B 716 -22.25 -2.60 -7.12
N GLU B 717 -22.01 -3.28 -8.24
CA GLU B 717 -21.22 -2.75 -9.35
C GLU B 717 -19.82 -2.33 -8.88
N ASN B 718 -19.25 -3.15 -7.99
CA ASN B 718 -17.91 -2.86 -7.48
C ASN B 718 -16.84 -2.99 -8.55
N PHE B 719 -17.16 -3.64 -9.67
CA PHE B 719 -16.21 -3.77 -10.77
C PHE B 719 -16.90 -3.47 -12.09
PA FAD C . 8.20 22.67 18.48
O1A FAD C . 8.46 22.79 19.93
O2A FAD C . 7.23 23.71 17.90
O5B FAD C . 9.55 22.72 17.66
C5B FAD C . 10.82 22.41 18.28
C4B FAD C . 11.24 21.02 17.87
O4B FAD C . 10.15 20.36 17.19
C3B FAD C . 12.42 20.96 16.90
O3B FAD C . 13.22 19.81 17.13
C2B FAD C . 11.73 20.93 15.53
O2B FAD C . 12.53 20.24 14.57
C1B FAD C . 10.48 20.10 15.85
N9A FAD C . 9.32 20.42 15.02
C8A FAD C . 8.49 21.50 15.14
N7A FAD C . 7.52 21.53 14.26
C5A FAD C . 7.72 20.38 13.50
C6A FAD C . 7.03 19.83 12.41
N6A FAD C . 5.95 20.39 11.86
N1A FAD C . 7.49 18.67 11.90
C2A FAD C . 8.57 18.11 12.44
N3A FAD C . 9.30 18.54 13.48
C4A FAD C . 8.82 19.69 13.96
N1 FAD C . 8.46 12.69 19.50
C2 FAD C . 7.89 11.90 20.46
O2 FAD C . 8.07 12.12 21.66
N3 FAD C . 7.11 10.83 20.08
C4 FAD C . 6.81 10.45 18.79
O4 FAD C . 6.09 9.48 18.59
C4X FAD C . 7.41 11.30 17.79
N5 FAD C . 7.18 11.02 16.54
C5X FAD C . 7.76 11.82 15.57
C6 FAD C . 7.52 11.52 14.23
C7 FAD C . 8.07 12.29 13.21
C7M FAD C . 7.79 11.94 11.78
C8 FAD C . 8.88 13.39 13.55
C8M FAD C . 9.50 14.25 12.48
C9 FAD C . 9.12 13.69 14.88
C9A FAD C . 8.57 12.91 15.90
N10 FAD C . 8.77 13.20 17.26
C10 FAD C . 8.22 12.40 18.24
C1' FAD C . 9.64 14.32 17.66
C2' FAD C . 8.89 15.54 18.21
O2' FAD C . 8.70 15.43 19.62
C3' FAD C . 7.53 15.66 17.51
O3' FAD C . 7.73 16.02 16.16
C4' FAD C . 6.61 16.70 18.16
O4' FAD C . 5.51 16.95 17.27
C5' FAD C . 7.32 18.00 18.47
O5' FAD C . 6.39 19.10 18.31
P FAD C . 6.59 20.46 19.07
O1P FAD C . 5.28 21.26 19.04
O2P FAD C . 7.16 20.25 20.42
O3P FAD C . 7.64 21.23 18.15
C1 D12 D . 20.78 22.94 8.59
C2 D12 D . 20.47 21.62 7.90
C3 D12 D . 20.11 21.78 6.43
C4 D12 D . 19.42 20.57 5.84
C5 D12 D . 18.79 20.82 4.48
C6 D12 D . 17.63 19.88 4.17
C7 D12 D . 17.17 19.93 2.73
C8 D12 D . 15.83 19.23 2.50
C9 D12 D . 15.45 19.09 1.03
C10 D12 D . 14.03 18.61 0.82
C11 D12 D . 13.66 18.42 -0.65
C12 D12 D . 12.21 18.02 -0.84
C1 D10 E . 23.87 29.13 9.50
C2 D10 E . 23.60 28.97 8.01
C3 D10 E . 24.10 30.15 7.20
C4 D10 E . 23.67 30.11 5.73
C5 D10 E . 24.12 31.34 4.95
C6 D10 E . 23.48 31.46 3.58
C7 D10 E . 23.71 32.82 2.95
C8 D10 E . 23.22 32.93 1.51
C9 D10 E . 23.60 34.24 0.84
C10 D10 E . 23.18 34.30 -0.62
PA NAP F . 23.70 9.05 18.40
O1A NAP F . 24.59 10.12 17.89
O2A NAP F . 22.85 8.31 17.44
O5B NAP F . 24.62 8.03 19.20
C5B NAP F . 25.78 8.53 19.91
C4B NAP F . 25.70 8.04 21.33
O4B NAP F . 25.70 6.60 21.33
C3B NAP F . 26.87 8.46 22.22
O3B NAP F . 26.59 9.68 22.89
C2B NAP F . 26.99 7.29 23.21
O2B NAP F . 26.43 7.61 24.50
C1B NAP F . 26.26 6.11 22.54
N9A NAP F . 27.13 5.00 22.23
C8A NAP F . 28.35 5.05 21.58
N7A NAP F . 28.94 3.89 21.46
C5A NAP F . 28.06 3.00 22.06
C6A NAP F . 28.13 1.61 22.30
N6A NAP F . 29.15 0.84 21.92
N1A NAP F . 27.10 1.05 22.97
C2A NAP F . 26.08 1.82 23.37
N3A NAP F . 25.91 3.13 23.21
C4A NAP F . 26.94 3.66 22.54
O3 NAP F . 22.79 9.64 19.57
PN NAP F . 22.76 11.02 20.37
O1N NAP F . 22.31 10.76 21.76
O2N NAP F . 24.04 11.73 20.15
O5D NAP F . 21.58 11.81 19.64
C5D NAP F . 21.88 12.70 18.54
C4D NAP F . 22.03 11.87 17.28
O4D NAP F . 20.73 11.36 16.89
C3D NAP F . 22.53 12.61 16.05
O3D NAP F . 23.96 12.68 16.06
C2D NAP F . 22.02 11.73 14.91
O2D NAP F . 22.92 10.66 14.62
C1D NAP F . 20.71 11.14 15.50
N1N NAP F . 19.49 11.78 14.92
C2N NAP F . 18.51 10.97 14.47
C3N NAP F . 17.35 11.51 13.94
C7N NAP F . 16.27 10.59 13.44
O7N NAP F . 16.44 9.37 13.48
N7N NAP F . 15.16 11.15 12.96
C4N NAP F . 17.22 12.89 13.89
C5N NAP F . 18.24 13.70 14.37
C6N NAP F . 19.37 13.13 14.89
P2B NAP F . 24.86 7.89 24.82
O1X NAP F . 24.09 6.62 24.50
O2X NAP F . 24.85 8.20 26.30
O3X NAP F . 24.42 9.07 23.98
FE HEB G . 7.13 30.26 6.41
CHA HEB G . 5.12 27.54 7.16
CHB HEB G . 8.74 29.86 9.38
CHC HEB G . 8.71 33.28 5.96
CHD HEB G . 5.89 30.40 3.25
NA HEB G . 6.97 28.93 7.97
C1A HEB G . 6.06 27.91 8.10
C2A HEB G . 6.25 27.29 9.40
C3A HEB G . 7.25 27.93 10.01
C4A HEB G . 7.71 28.98 9.13
CMA HEB G . 7.80 27.61 11.42
CAA HEB G . 5.46 26.09 9.98
CBA HEB G . 3.99 26.45 10.15
CGA HEB G . 3.18 25.19 10.33
O1A HEB G . 1.94 25.30 10.52
O2A HEB G . 3.76 24.08 10.27
NB HEB G . 8.55 31.33 7.43
C1B HEB G . 8.93 31.05 8.73
C2B HEB G . 9.59 32.22 9.27
C3B HEB G . 9.58 33.18 8.33
C4B HEB G . 8.92 32.63 7.15
CMB HEB G . 10.16 32.30 10.70
CAB HEB G . 10.15 34.61 8.43
CBB HEB G . 11.69 34.59 8.62
NC HEB G . 7.29 31.59 4.88
C1C HEB G . 7.96 32.79 4.90
C2C HEB G . 7.83 33.38 3.59
C3C HEB G . 6.97 32.64 2.87
C4C HEB G . 6.66 31.47 3.66
CMC HEB G . 8.33 34.80 3.22
CAC HEB G . 6.46 32.89 1.44
CBC HEB G . 7.60 32.92 0.38
ND HEB G . 5.75 29.11 5.36
C1D HEB G . 5.34 29.44 4.07
C2D HEB G . 4.21 28.60 3.72
C3D HEB G . 3.97 27.70 4.94
C4D HEB G . 4.97 28.09 5.91
CMD HEB G . 3.42 28.60 2.40
CAD HEB G . 2.87 26.63 5.08
CBD HEB G . 3.46 25.24 5.32
CGD HEB G . 3.56 24.52 4.00
O1D HEB G . 3.89 25.18 2.98
O2D HEB G . 3.32 23.29 3.97
FE HEB H . 11.34 44.92 -5.12
CHA HEB H . 12.61 44.08 -8.18
CHB HEB H . 11.22 48.20 -6.05
CHC HEB H . 10.95 45.84 -1.83
CHD HEB H . 11.02 41.67 -4.25
NA HEB H . 11.92 45.96 -6.79
C1A HEB H . 12.24 45.39 -8.00
C2A HEB H . 12.09 46.40 -9.03
C3A HEB H . 11.71 47.54 -8.43
C4A HEB H . 11.59 47.29 -7.02
CMA HEB H . 11.43 48.88 -9.14
CAA HEB H . 12.34 46.24 -10.55
CBA HEB H . 13.77 45.78 -10.83
CGA HEB H . 13.81 45.10 -12.16
O1A HEB H . 14.88 44.54 -12.52
O2A HEB H . 12.77 45.12 -12.88
NB HEB H . 11.06 46.68 -4.13
C1B HEB H . 11.16 47.94 -4.70
C2B HEB H . 11.21 48.92 -3.64
C3B HEB H . 11.14 48.27 -2.47
C4B HEB H . 11.04 46.85 -2.76
CMB HEB H . 11.34 50.44 -3.84
CAB HEB H . 11.16 48.88 -1.05
CBB HEB H . 9.86 49.66 -0.78
NC HEB H . 11.02 43.95 -3.38
C1C HEB H . 10.93 44.51 -2.12
C2C HEB H . 10.66 43.44 -1.17
C3C HEB H . 10.83 42.28 -1.82
C4C HEB H . 10.96 42.58 -3.24
CMC HEB H . 10.68 43.60 0.36
CAC HEB H . 10.73 40.86 -1.23
CBC HEB H . 9.27 40.56 -0.82
ND HEB H . 11.74 43.14 -6.09
C1D HEB H . 11.55 41.90 -5.50
C2D HEB H . 12.01 40.87 -6.40
C3D HEB H . 12.51 41.62 -7.65
C4D HEB H . 12.31 43.02 -7.35
CMD HEB H . 11.98 39.36 -6.15
CAD HEB H . 13.11 40.97 -8.91
CBD HEB H . 12.24 41.18 -10.13
CGD HEB H . 11.17 40.13 -10.17
O1D HEB H . 10.76 39.64 -9.09
O2D HEB H . 10.70 39.78 -11.29
ZN ZN I . -5.71 -32.91 22.63
PA FAD J . -5.59 -7.53 -28.90
O1A FAD J . -6.03 -8.76 -29.59
O2A FAD J . -4.32 -6.88 -29.48
O5B FAD J . -6.73 -6.45 -28.85
C5B FAD J . -8.12 -6.83 -29.00
C4B FAD J . -8.78 -6.80 -27.65
O4B FAD J . -7.77 -6.66 -26.62
C3B FAD J . -9.77 -5.67 -27.42
O3B FAD J . -10.83 -6.08 -26.56
C2B FAD J . -8.89 -4.59 -26.76
O2B FAD J . -9.67 -3.76 -25.91
C1B FAD J . -7.94 -5.44 -25.93
N9A FAD J . -6.62 -4.84 -25.74
C8A FAD J . -5.59 -4.78 -26.63
N7A FAD J . -4.51 -4.19 -26.18
C5A FAD J . -4.85 -3.84 -24.88
C6A FAD J . -4.14 -3.18 -23.87
N6A FAD J . -2.88 -2.74 -24.00
N1A FAD J . -4.77 -2.98 -22.69
C2A FAD J . -6.02 -3.42 -22.55
N3A FAD J . -6.80 -4.05 -23.43
C4A FAD J . -6.14 -4.24 -24.59
N1 FAD J . -8.30 -11.70 -20.18
C2 FAD J . -8.09 -12.97 -19.73
O2 FAD J . -8.40 -13.96 -20.40
N3 FAD J . -7.51 -13.16 -18.48
C4 FAD J . -7.11 -12.18 -17.61
O4 FAD J . -6.61 -12.47 -16.53
C4X FAD J . -7.34 -10.84 -18.11
N5 FAD J . -6.98 -9.83 -17.34
C5X FAD J . -7.20 -8.55 -17.81
C6 FAD J . -6.82 -7.49 -17.01
C7 FAD J . -7.01 -6.17 -17.43
C7M FAD J . -6.60 -5.04 -16.53
C8 FAD J . -7.59 -5.92 -18.69
C8M FAD J . -7.81 -4.52 -19.17
C9 FAD J . -7.97 -6.99 -19.49
C9A FAD J . -7.78 -8.30 -19.06
N10 FAD J . -8.13 -9.41 -19.86
C10 FAD J . -7.94 -10.69 -19.41
C1' FAD J . -8.76 -9.21 -21.18
C2' FAD J . -7.84 -9.48 -22.37
O2' FAD J . -7.92 -10.85 -22.77
C3' FAD J . -6.41 -9.11 -22.02
O3' FAD J . -6.30 -7.71 -21.88
C4' FAD J . -5.38 -9.57 -23.06
O4' FAD J . -4.13 -8.93 -22.78
C5' FAD J . -5.81 -9.27 -24.48
O5' FAD J . -4.64 -8.97 -25.27
P FAD J . -4.64 -9.17 -26.83
O1P FAD J . -3.19 -9.19 -27.34
O2P FAD J . -5.46 -10.33 -27.22
O3P FAD J . -5.31 -7.84 -27.37
C1 D12 K . -16.01 4.52 -27.47
C2 D12 K . -15.92 4.63 -25.97
C3 D12 K . -15.29 5.95 -25.51
C4 D12 K . -14.82 5.93 -24.06
C5 D12 K . -13.94 7.12 -23.69
C6 D12 K . -13.01 6.82 -22.53
C7 D12 K . -12.31 8.05 -21.97
C8 D12 K . -11.16 7.72 -21.03
C9 D12 K . -10.59 8.94 -20.31
C10 D12 K . -9.31 8.64 -19.56
C11 D12 K . -8.76 9.83 -18.79
C12 D12 K . -7.43 9.54 -18.11
C1 D10 L . -17.71 6.43 -33.97
C2 D10 L . -17.25 7.69 -33.23
C3 D10 L . -17.33 8.94 -34.08
C4 D10 L . -16.68 10.16 -33.45
C5 D10 L . -16.72 11.39 -34.35
C6 D10 L . -15.85 12.54 -33.85
C7 D10 L . -15.66 13.62 -34.90
C8 D10 L . -14.93 14.85 -34.38
C9 D10 L . -14.89 16.00 -35.40
C10 D10 L . -14.24 17.25 -34.85
PA NAP M . -23.57 -8.35 -18.87
O1A NAP M . -24.07 -7.31 -19.80
O2A NAP M . -22.76 -7.94 -17.69
O5B NAP M . -24.84 -9.17 -18.38
C5B NAP M . -25.92 -9.41 -19.31
C4B NAP M . -26.15 -10.89 -19.39
O4B NAP M . -26.44 -11.38 -18.05
C3B NAP M . -27.34 -11.33 -20.24
O3B NAP M . -26.92 -11.62 -21.58
C2B NAP M . -27.86 -12.57 -19.54
O2B NAP M . -27.48 -13.80 -20.22
C1B NAP M . -27.30 -12.50 -18.11
N9A NAP M . -28.33 -12.35 -17.10
C8A NAP M . -29.36 -11.45 -17.12
N7A NAP M . -30.22 -11.59 -16.13
C5A NAP M . -29.70 -12.65 -15.41
C6A NAP M . -30.18 -13.35 -14.28
N6A NAP M . -31.31 -13.03 -13.63
N1A NAP M . -29.48 -14.42 -13.85
C2A NAP M . -28.37 -14.77 -14.53
N3A NAP M . -27.82 -14.19 -15.59
C4A NAP M . -28.54 -13.13 -15.99
O3 NAP M . -22.75 -9.46 -19.69
PN NAP M . -22.54 -9.75 -21.25
O1N NAP M . -22.40 -11.21 -21.45
O2N NAP M . -23.56 -9.01 -22.02
O5D NAP M . -21.11 -9.09 -21.50
C5D NAP M . -21.01 -7.72 -21.96
C4D NAP M . -21.14 -6.81 -20.76
O4D NAP M . -19.95 -6.91 -19.95
C3D NAP M . -21.26 -5.33 -21.07
O3D NAP M . -22.61 -4.98 -21.36
C2D NAP M . -20.80 -4.69 -19.75
O2D NAP M . -21.87 -4.57 -18.82
C1D NAP M . -19.77 -5.72 -19.24
N1N NAP M . -18.36 -5.26 -19.40
C2N NAP M . -17.53 -5.34 -18.34
C3N NAP M . -16.21 -4.95 -18.45
C7N NAP M . -15.30 -5.04 -17.25
O7N NAP M . -15.76 -5.45 -16.18
N7N NAP M . -14.04 -4.68 -17.41
C4N NAP M . -15.76 -4.48 -19.67
C5N NAP M . -16.62 -4.41 -20.75
C6N NAP M . -17.93 -4.81 -20.59
P2B NAP M . -25.96 -14.38 -20.36
O1X NAP M . -25.48 -14.70 -18.97
O2X NAP M . -26.15 -15.62 -21.21
O3X NAP M . -25.12 -13.33 -21.04
FE HEB N . -0.87 5.78 -31.20
CHA HEB N . 0.29 3.74 -28.68
CHB HEB N . -2.99 3.30 -32.20
CHC HEB N . -1.63 7.55 -34.05
CHD HEB N . 0.83 8.43 -29.96
NA HEB N . -1.28 3.87 -30.54
C1A HEB N . -0.67 3.20 -29.50
C2A HEB N . -1.20 1.87 -29.45
C3A HEB N . -2.11 1.74 -30.42
C4A HEB N . -2.18 3.00 -31.12
CMA HEB N . -2.93 0.48 -30.73
CAA HEB N . -0.81 0.76 -28.45
CBA HEB N . 0.66 0.37 -28.60
CGA HEB N . 1.11 -0.39 -27.39
O1A HEB N . 2.29 -0.82 -27.36
O2A HEB N . 0.31 -0.57 -26.44
NB HEB N . -2.15 5.52 -32.79
C1B HEB N . -2.80 4.33 -33.07
C2B HEB N . -3.25 4.38 -34.44
C3B HEB N . -2.87 5.55 -34.97
C4B HEB N . -2.17 6.30 -33.94
CMB HEB N . -4.01 3.23 -35.14
CAB HEB N . -3.11 6.06 -36.41
CBB HEB N . -4.61 6.24 -36.70
NC HEB N . -0.49 7.65 -31.87
C1C HEB N . -0.86 8.19 -33.09
C2C HEB N . -0.38 9.55 -33.13
C3C HEB N . 0.37 9.76 -32.04
C4C HEB N . 0.27 8.59 -31.20
CMC HEB N . -0.47 10.47 -34.37
CAC HEB N . 1.16 11.05 -31.67
CBC HEB N . 0.24 12.28 -31.50
ND HEB N . 0.32 6.05 -29.54
C1D HEB N . 1.01 7.24 -29.30
C2D HEB N . 1.96 7.02 -28.23
C3D HEB N . 1.79 5.56 -27.82
C4D HEB N . 0.76 5.03 -28.70
CMD HEB N . 2.93 8.05 -27.62
CAD HEB N . 2.58 4.82 -26.72
CBD HEB N . 1.67 4.27 -25.63
CGD HEB N . 1.61 5.26 -24.50
O1D HEB N . 1.61 6.48 -24.77
O2D HEB N . 1.57 4.81 -23.32
FE HEB O . 0.28 22.15 -41.01
CHA HEB O . -0.63 24.96 -39.31
CHB HEB O . 1.31 24.05 -43.65
CHC HEB O . 0.36 19.35 -43.01
CHD HEB O . -0.29 20.20 -38.32
NA HEB O . 0.24 24.15 -41.45
C1A HEB O . 0.00 25.14 -40.52
C2A HEB O . 0.54 26.39 -41.05
C3A HEB O . 1.07 26.12 -42.25
C4A HEB O . 0.90 24.71 -42.52
CMA HEB O . 1.75 27.15 -43.17
CAA HEB O . 0.50 27.77 -40.37
CBA HEB O . -0.93 28.21 -40.08
CGA HEB O . -0.91 29.23 -38.97
O1A HEB O . -2.01 29.61 -38.49
O2A HEB O . 0.20 29.64 -38.55
NB HEB O . 0.80 21.75 -42.95
C1B HEB O . 1.08 22.71 -43.91
C2B HEB O . 1.10 22.07 -45.20
C3B HEB O . 0.83 20.78 -45.03
C4B HEB O . 0.65 20.55 -43.61
CMB HEB O . 1.37 22.80 -46.55
CAB HEB O . 0.74 19.69 -46.11
CBB HEB O . 2.13 19.40 -46.71
NC HEB O . 0.10 20.16 -40.73
C1C HEB O . 0.11 19.16 -41.68
C2C HEB O . -0.03 17.88 -41.01
C3C HEB O . -0.36 18.13 -39.74
C4C HEB O . -0.19 19.56 -39.51
CMC HEB O . -0.26 16.54 -41.73
CAC HEB O . -0.69 17.10 -38.64
CBC HEB O . 0.58 16.30 -38.30
ND HEB O . -0.36 22.54 -39.09
C1D HEB O . -0.55 21.54 -38.15
C2D HEB O . -1.08 22.13 -36.95
C3D HEB O . -1.19 23.63 -37.24
C4D HEB O . -0.72 23.78 -38.60
CMD HEB O . -1.45 21.40 -35.64
CAD HEB O . -1.72 24.72 -36.27
CBD HEB O . -0.63 25.71 -35.88
CGD HEB O . 0.16 25.14 -34.73
O1D HEB O . 0.26 23.89 -34.61
O2D HEB O . 0.70 25.95 -33.92
#